data_8ZUA
#
_entry.id   8ZUA
#
_cell.length_a   82.390
_cell.length_b   136.678
_cell.length_c   123.769
_cell.angle_alpha   90.00
_cell.angle_beta   96.55
_cell.angle_gamma   90.00
#
_symmetry.space_group_name_H-M   'P 1 21 1'
#
loop_
_entity.id
_entity.type
_entity.pdbx_description
1 polymer 'A138 heavy chain'
2 polymer 'Entry-fusion complex associated protein OPG095'
3 polymer 'A138 light chain'
#
loop_
_entity_poly.entity_id
_entity_poly.type
_entity_poly.pdbx_seq_one_letter_code
_entity_poly.pdbx_strand_id
1 'polypeptide(L)'
;QVQLLESGGGLVKPGGSLRLSCAASGFTFRDYYMSWIREAPGKGLEWVASISRSGTTIYYADSVKGRFTISRDNAKNSLY
LQMNSLRAEDTAVYYCARDEASSNYAFDYWGQGTPVTVSSASTKGPSVFPLAPSSKSTSGGTAALGCLVKDYFPEPVTVS
WNSGALTSGVHTFPAVLQSSGLYSLSSVVTVPSSSLGTQTYICNVNHKPSNTKVDKKV
;
A,B,E,J
2 'polypeptide(L)'
;MGAAASIQTTVNTLSERISSKLEQEANASAQTKCDIEIGNFYIRQNHGCNITVKNMCSADADAQLDAVLSAATETYSGLT
PEQKAYVPAMFTAALNIQTSVNTVVRDFENYVKQTCNSSAVVDNKLKIQNVIIDECYGAPGSPTNMEFINTGSSKGNCAI
KALMQLTTKATTQIAPRQVAGHHHHHH
;
F,C,H,K
3 'polypeptide(L)'
;IQLTQSPSSVSASVGDGVTITCRASQPIGTWVAWYQQKPGKAPKLLISGASSLQSGLPSRFSGRKSGTDFTLTISSLQPD
DSATYFCQQTNTFPLTFGQGTRLEIKRTVAAPSVFIFPPSDEQLKSGTASVVCLLNNFYPREAKVQWKVDNALQSGNSQE
SVTEQDSKDSTYSLSSTLTLSKADYEKHKVYACEVTHQGLSSPVTKSFNRGEC
;
G,D,I,L
#
# COMPACT_ATOMS: atom_id res chain seq x y z
N GLN A 1 -8.70 7.98 15.36
CA GLN A 1 -8.58 7.56 16.75
C GLN A 1 -9.03 8.69 17.67
N VAL A 2 -10.31 8.66 18.01
CA VAL A 2 -10.98 9.71 18.79
C VAL A 2 -10.88 9.47 20.29
N GLN A 3 -10.77 10.57 21.03
CA GLN A 3 -10.89 10.56 22.48
C GLN A 3 -11.37 11.91 23.00
N LEU A 4 -11.96 11.86 24.18
CA LEU A 4 -12.46 13.04 24.88
C LEU A 4 -12.08 12.89 26.35
N LEU A 5 -11.08 13.65 26.79
CA LEU A 5 -10.63 13.63 28.17
C LEU A 5 -11.30 14.76 28.93
N GLU A 6 -11.98 14.41 30.02
CA GLU A 6 -12.63 15.38 30.89
C GLU A 6 -11.66 15.79 31.99
N SER A 7 -11.80 17.02 32.46
CA SER A 7 -10.98 17.46 33.58
C SER A 7 -11.68 18.61 34.29
N GLY A 8 -11.34 18.76 35.57
CA GLY A 8 -11.80 19.89 36.36
C GLY A 8 -12.71 19.54 37.50
N GLY A 9 -13.26 18.31 37.53
CA GLY A 9 -14.22 17.96 38.56
C GLY A 9 -13.58 17.69 39.89
N GLY A 10 -14.43 17.57 40.91
CA GLY A 10 -13.95 17.33 42.26
C GLY A 10 -14.99 17.74 43.28
N LEU A 11 -14.51 18.08 44.48
CA LEU A 11 -15.37 18.45 45.59
C LEU A 11 -15.43 19.96 45.73
N VAL A 12 -16.65 20.50 45.82
CA VAL A 12 -16.88 21.91 46.10
C VAL A 12 -18.05 21.99 47.07
N LYS A 13 -18.17 23.14 47.72
CA LYS A 13 -19.26 23.36 48.65
C LYS A 13 -20.46 23.95 47.91
N PRO A 14 -21.65 23.91 48.51
CA PRO A 14 -22.83 24.48 47.83
C PRO A 14 -22.60 25.91 47.41
N GLY A 15 -23.18 26.28 46.27
CA GLY A 15 -22.89 27.56 45.70
C GLY A 15 -21.51 27.67 45.08
N GLY A 16 -20.80 26.55 44.95
CA GLY A 16 -19.45 26.55 44.45
C GLY A 16 -19.38 26.72 42.94
N SER A 17 -18.19 26.46 42.40
CA SER A 17 -17.96 26.66 40.98
C SER A 17 -16.91 25.68 40.48
N LEU A 18 -17.21 25.01 39.37
CA LEU A 18 -16.20 24.20 38.71
C LEU A 18 -16.30 24.45 37.21
N ARG A 19 -15.15 24.51 36.56
CA ARG A 19 -15.10 24.63 35.11
C ARG A 19 -14.63 23.28 34.61
N LEU A 20 -15.57 22.47 34.13
CA LEU A 20 -15.24 21.15 33.61
C LEU A 20 -14.77 21.35 32.17
N SER A 21 -13.65 20.73 31.82
CA SER A 21 -13.10 20.85 30.48
C SER A 21 -13.12 19.49 29.79
N CYS A 22 -13.22 19.52 28.46
CA CYS A 22 -13.25 18.32 27.64
C CYS A 22 -12.33 18.53 26.45
N ALA A 23 -11.17 17.87 26.48
CA ALA A 23 -10.16 17.99 25.44
C ALA A 23 -10.43 16.95 24.35
N ALA A 24 -10.67 17.41 23.14
CA ALA A 24 -10.98 16.54 22.02
C ALA A 24 -9.73 16.23 21.20
N SER A 25 -9.76 15.09 20.51
CA SER A 25 -8.64 14.68 19.67
C SER A 25 -9.10 13.59 18.74
N GLY A 26 -8.73 13.69 17.46
CA GLY A 26 -8.97 12.64 16.49
C GLY A 26 -9.96 12.97 15.39
N PHE A 27 -10.67 14.10 15.47
CA PHE A 27 -11.65 14.45 14.45
C PHE A 27 -11.58 15.94 14.18
N THR A 28 -12.50 16.40 13.34
CA THR A 28 -12.68 17.83 13.06
C THR A 28 -13.69 18.35 14.08
N PHE A 29 -13.17 19.00 15.13
CA PHE A 29 -14.03 19.55 16.18
C PHE A 29 -15.04 20.53 15.58
N ARG A 30 -14.63 21.28 14.56
CA ARG A 30 -15.46 22.29 13.92
C ARG A 30 -16.74 21.73 13.31
N ASP A 31 -16.90 20.41 13.24
CA ASP A 31 -18.01 19.81 12.50
C ASP A 31 -18.94 18.97 13.38
N TYR A 32 -18.87 19.09 14.70
CA TYR A 32 -19.64 18.23 15.59
C TYR A 32 -20.32 19.08 16.67
N TYR A 33 -21.62 18.86 16.89
CA TYR A 33 -22.25 19.38 18.11
C TYR A 33 -21.68 18.68 19.33
N MET A 34 -21.04 19.43 20.21
CA MET A 34 -20.53 18.87 21.44
C MET A 34 -21.49 19.09 22.59
N SER A 35 -21.62 18.09 23.45
CA SER A 35 -22.62 18.08 24.52
C SER A 35 -21.97 17.69 25.84
N TRP A 36 -22.76 17.75 26.91
CA TRP A 36 -22.28 17.39 28.27
C TRP A 36 -23.45 16.65 28.91
N ILE A 37 -23.21 15.47 29.49
CA ILE A 37 -24.31 14.64 30.03
C ILE A 37 -23.92 14.25 31.45
N ARG A 38 -24.88 14.14 32.35
CA ARG A 38 -24.61 13.88 33.79
C ARG A 38 -25.25 12.58 34.21
N GLU A 39 -24.51 11.71 34.85
CA GLU A 39 -25.15 10.50 35.38
C GLU A 39 -25.09 10.55 36.90
N ALA A 40 -26.25 10.64 37.51
CA ALA A 40 -26.31 10.78 38.97
C ALA A 40 -25.93 9.47 39.58
N PRO A 41 -25.36 9.49 40.79
CA PRO A 41 -24.89 8.28 41.37
C PRO A 41 -26.04 7.30 41.42
N GLY A 42 -25.78 6.07 40.99
CA GLY A 42 -26.79 5.02 41.09
C GLY A 42 -27.86 5.09 40.04
N LYS A 43 -28.57 6.19 39.95
CA LYS A 43 -29.69 6.16 39.00
C LYS A 43 -29.81 7.40 38.15
N GLY A 44 -29.94 7.22 36.84
CA GLY A 44 -30.28 8.37 35.99
C GLY A 44 -29.28 8.84 35.00
N LEU A 45 -29.63 8.82 33.72
CA LEU A 45 -28.74 9.45 32.73
C LEU A 45 -29.50 10.71 32.34
N GLU A 46 -28.88 11.88 32.50
CA GLU A 46 -29.60 13.14 32.23
C GLU A 46 -28.73 14.07 31.42
N TRP A 47 -29.35 14.85 30.56
CA TRP A 47 -28.64 15.81 29.70
C TRP A 47 -28.45 17.09 30.48
N VAL A 48 -27.36 17.81 30.25
CA VAL A 48 -27.09 19.07 30.91
C VAL A 48 -27.03 20.22 29.92
N ALA A 49 -26.32 20.04 28.80
CA ALA A 49 -26.16 21.12 27.84
C ALA A 49 -25.72 20.55 26.50
N SER A 50 -25.79 21.40 25.48
CA SER A 50 -25.34 21.07 24.13
C SER A 50 -25.00 22.37 23.42
N ILE A 51 -23.88 22.36 22.70
CA ILE A 51 -23.43 23.54 21.96
C ILE A 51 -23.23 23.16 20.51
N SER A 52 -23.39 24.15 19.63
CA SER A 52 -23.31 23.93 18.19
C SER A 52 -21.86 23.90 17.74
N ARG A 53 -21.65 23.89 16.42
CA ARG A 53 -20.32 23.84 15.84
C ARG A 53 -19.61 25.19 15.88
N SER A 54 -20.35 26.29 15.99
CA SER A 54 -19.77 27.62 16.12
C SER A 54 -19.98 28.23 17.50
N GLY A 55 -20.79 27.62 18.36
CA GLY A 55 -21.13 28.23 19.63
C GLY A 55 -22.18 29.33 19.54
N THR A 56 -22.90 29.42 18.43
CA THR A 56 -23.90 30.45 18.26
C THR A 56 -25.26 30.04 18.82
N THR A 57 -25.62 28.76 18.69
CA THR A 57 -26.87 28.24 19.25
C THR A 57 -26.53 27.27 20.37
N ILE A 58 -26.86 27.67 21.59
CA ILE A 58 -26.57 26.93 22.81
C ILE A 58 -27.90 26.53 23.43
N TYR A 59 -28.07 25.25 23.74
CA TYR A 59 -29.29 24.77 24.38
C TYR A 59 -28.94 24.14 25.72
N TYR A 60 -29.75 24.43 26.74
CA TYR A 60 -29.55 23.90 28.09
C TYR A 60 -30.79 23.15 28.54
N ALA A 61 -30.69 22.52 29.71
CA ALA A 61 -31.82 21.90 30.37
C ALA A 61 -32.44 22.91 31.34
N ASP A 62 -33.57 22.52 31.95
CA ASP A 62 -34.25 23.43 32.85
C ASP A 62 -33.73 23.36 34.28
N SER A 63 -33.14 22.24 34.69
CA SER A 63 -32.60 22.15 36.05
C SER A 63 -31.29 22.89 36.20
N VAL A 64 -30.49 22.96 35.13
CA VAL A 64 -29.17 23.59 35.18
C VAL A 64 -29.16 24.93 34.46
N LYS A 65 -30.34 25.48 34.15
CA LYS A 65 -30.44 26.70 33.36
C LYS A 65 -30.23 27.94 34.22
N GLY A 66 -29.64 28.98 33.60
CA GLY A 66 -29.35 30.22 34.30
C GLY A 66 -28.14 30.14 35.20
N ARG A 67 -27.67 28.93 35.50
CA ARG A 67 -26.55 28.71 36.41
C ARG A 67 -25.31 28.26 35.64
N PHE A 68 -25.42 27.17 34.88
CA PHE A 68 -24.32 26.60 34.13
C PHE A 68 -24.12 27.38 32.82
N THR A 69 -22.89 27.36 32.30
CA THR A 69 -22.58 28.01 31.03
C THR A 69 -21.70 27.10 30.19
N ILE A 70 -22.12 26.80 28.96
CA ILE A 70 -21.31 25.98 28.06
C ILE A 70 -20.62 26.89 27.05
N SER A 71 -19.45 26.48 26.59
CA SER A 71 -18.64 27.26 25.67
C SER A 71 -17.69 26.34 24.92
N ARG A 72 -17.03 26.89 23.89
CA ARG A 72 -16.05 26.09 23.17
C ARG A 72 -15.01 26.96 22.51
N ASP A 73 -13.79 26.43 22.44
CA ASP A 73 -12.67 26.99 21.69
C ASP A 73 -12.23 25.93 20.69
N ASN A 74 -12.54 26.12 19.41
CA ASN A 74 -12.30 25.06 18.44
C ASN A 74 -10.84 24.94 18.03
N ALA A 75 -10.00 25.89 18.42
CA ALA A 75 -8.59 25.81 18.04
C ALA A 75 -7.80 25.00 19.05
N LYS A 76 -8.14 25.12 20.33
CA LYS A 76 -7.58 24.24 21.34
C LYS A 76 -8.42 22.99 21.52
N ASN A 77 -9.41 22.77 20.65
CA ASN A 77 -10.25 21.57 20.61
C ASN A 77 -10.75 21.20 22.01
N SER A 78 -11.43 22.14 22.63
CA SER A 78 -11.97 21.90 23.96
C SER A 78 -13.41 22.35 24.06
N LEU A 79 -14.07 21.78 25.05
CA LEU A 79 -15.44 22.05 25.42
C LEU A 79 -15.43 22.26 26.93
N TYR A 80 -16.18 23.25 27.40
CA TYR A 80 -16.18 23.56 28.82
C TYR A 80 -17.61 23.72 29.30
N LEU A 81 -17.82 23.42 30.58
CA LEU A 81 -19.12 23.64 31.22
C LEU A 81 -18.85 24.23 32.59
N GLN A 82 -19.03 25.54 32.71
CA GLN A 82 -18.85 26.27 33.95
C GLN A 82 -20.06 26.03 34.82
N MET A 83 -19.85 25.41 35.99
CA MET A 83 -20.95 25.02 36.86
C MET A 83 -20.97 25.97 38.05
N ASN A 84 -21.75 27.05 37.92
CA ASN A 84 -21.88 28.03 38.98
C ASN A 84 -23.12 27.75 39.81
N SER A 85 -23.15 28.38 40.99
CA SER A 85 -24.29 28.33 41.91
C SER A 85 -24.79 26.90 42.10
N LEU A 86 -23.84 25.99 42.35
CA LEU A 86 -24.17 24.58 42.46
C LEU A 86 -25.02 24.30 43.69
N ARG A 87 -25.66 23.13 43.67
CA ARG A 87 -26.53 22.63 44.72
C ARG A 87 -26.28 21.13 44.85
N ALA A 88 -26.92 20.49 45.84
CA ALA A 88 -26.65 19.08 46.11
C ALA A 88 -27.19 18.15 45.02
N GLU A 89 -28.24 18.57 44.32
CA GLU A 89 -28.82 17.72 43.28
C GLU A 89 -27.92 17.55 42.07
N ASP A 90 -26.90 18.40 41.93
CA ASP A 90 -26.00 18.34 40.77
C ASP A 90 -24.79 17.47 41.04
N THR A 91 -24.82 16.67 42.10
CA THR A 91 -23.75 15.71 42.37
C THR A 91 -23.87 14.56 41.38
N ALA A 92 -22.87 14.37 40.53
CA ALA A 92 -22.98 13.37 39.48
C ALA A 92 -21.63 13.20 38.79
N VAL A 93 -21.58 12.21 37.91
CA VAL A 93 -20.44 11.95 37.03
C VAL A 93 -20.77 12.61 35.69
N TYR A 94 -19.88 13.49 35.23
CA TYR A 94 -20.16 14.33 34.07
C TYR A 94 -19.35 13.83 32.86
N TYR A 95 -20.05 13.54 31.77
CA TYR A 95 -19.46 13.02 30.53
C TYR A 95 -19.55 14.08 29.44
N CYS A 96 -18.61 14.04 28.50
CA CYS A 96 -18.71 14.85 27.29
C CYS A 96 -18.73 13.94 26.06
N ALA A 97 -19.58 14.32 25.10
CA ALA A 97 -19.76 13.48 23.91
C ALA A 97 -19.74 14.32 22.64
N ARG A 98 -19.84 13.66 21.49
CA ARG A 98 -19.80 14.36 20.20
C ARG A 98 -21.03 13.98 19.40
N ASP A 99 -22.00 14.86 19.30
CA ASP A 99 -23.23 14.45 18.60
C ASP A 99 -22.83 14.17 17.16
N GLU A 100 -23.44 13.17 16.56
CA GLU A 100 -23.00 12.75 15.22
C GLU A 100 -23.55 13.71 14.17
N ALA A 101 -22.92 14.85 13.97
CA ALA A 101 -23.38 15.70 12.86
C ALA A 101 -23.16 14.96 11.55
N SER A 102 -21.91 14.58 11.31
CA SER A 102 -21.54 13.92 10.04
C SER A 102 -22.35 12.65 9.87
N SER A 103 -22.56 11.91 10.94
CA SER A 103 -23.42 10.72 10.83
C SER A 103 -24.79 11.02 11.43
N ASN A 104 -25.40 10.06 12.16
CA ASN A 104 -26.81 10.22 12.63
C ASN A 104 -26.77 10.77 14.03
N TYR A 105 -27.32 11.97 14.20
CA TYR A 105 -27.22 12.63 15.51
C TYR A 105 -27.38 11.57 16.58
N ALA A 106 -26.35 11.40 17.41
CA ALA A 106 -26.34 10.46 18.55
C ALA A 106 -24.97 10.61 19.13
N PHE A 107 -24.70 10.04 20.28
CA PHE A 107 -23.38 10.30 20.85
C PHE A 107 -22.52 9.09 20.54
N ASP A 108 -21.79 9.15 19.43
CA ASP A 108 -20.99 7.98 19.02
C ASP A 108 -19.82 7.74 19.96
N TYR A 109 -19.20 8.79 20.51
CA TYR A 109 -18.12 8.63 21.49
C TYR A 109 -18.43 9.47 22.72
N TRP A 110 -18.27 8.88 23.90
CA TRP A 110 -18.38 9.58 25.17
C TRP A 110 -17.00 9.62 25.81
N GLY A 111 -16.91 10.29 26.95
CA GLY A 111 -15.66 10.42 27.65
C GLY A 111 -15.65 9.61 28.94
N GLN A 112 -14.45 9.47 29.51
CA GLN A 112 -14.28 8.64 30.70
C GLN A 112 -15.23 9.09 31.81
N GLY A 113 -15.16 10.36 32.18
CA GLY A 113 -16.07 10.90 33.17
C GLY A 113 -15.36 11.59 34.32
N THR A 114 -15.78 12.80 34.64
CA THR A 114 -15.24 13.48 35.80
C THR A 114 -16.28 13.57 36.90
N PRO A 115 -15.95 13.16 38.12
CA PRO A 115 -16.96 13.15 39.19
C PRO A 115 -17.04 14.48 39.90
N VAL A 116 -18.27 14.91 40.16
CA VAL A 116 -18.53 16.15 40.88
C VAL A 116 -19.43 15.82 42.07
N THR A 117 -18.98 16.19 43.26
CA THR A 117 -19.74 16.00 44.48
C THR A 117 -19.89 17.36 45.14
N VAL A 118 -21.13 17.74 45.41
CA VAL A 118 -21.44 19.05 45.98
C VAL A 118 -22.05 18.80 47.35
N SER A 119 -21.27 19.10 48.40
CA SER A 119 -21.73 18.93 49.77
C SER A 119 -21.06 19.98 50.63
N SER A 120 -21.65 20.24 51.80
CA SER A 120 -21.08 21.17 52.75
C SER A 120 -20.06 20.51 53.66
N ALA A 121 -19.78 19.23 53.47
CA ALA A 121 -18.83 18.53 54.31
C ALA A 121 -17.41 18.77 53.79
N SER A 122 -16.44 18.15 54.45
CA SER A 122 -15.04 18.38 54.14
C SER A 122 -14.35 17.05 53.82
N THR A 123 -13.21 17.15 53.14
CA THR A 123 -12.49 15.96 52.70
C THR A 123 -11.88 15.22 53.89
N LYS A 124 -11.84 13.89 53.77
CA LYS A 124 -11.23 13.05 54.79
C LYS A 124 -10.57 11.88 54.07
N GLY A 125 -9.24 11.77 54.23
CA GLY A 125 -8.47 10.74 53.59
C GLY A 125 -8.73 9.37 54.18
N PRO A 126 -8.53 8.32 53.38
CA PRO A 126 -8.83 6.97 53.85
C PRO A 126 -7.72 6.38 54.69
N SER A 127 -8.08 5.37 55.47
CA SER A 127 -7.13 4.55 56.21
C SER A 127 -7.26 3.13 55.68
N VAL A 128 -6.21 2.64 55.04
CA VAL A 128 -6.24 1.35 54.35
C VAL A 128 -5.68 0.28 55.27
N PHE A 129 -6.47 -0.77 55.47
CA PHE A 129 -6.16 -1.87 56.37
C PHE A 129 -6.18 -3.19 55.62
N PRO A 130 -5.17 -4.04 55.77
CA PRO A 130 -5.10 -5.25 54.94
C PRO A 130 -6.04 -6.35 55.43
N LEU A 131 -6.91 -6.80 54.53
CA LEU A 131 -7.72 -7.99 54.86
C LEU A 131 -6.73 -9.09 54.58
N ALA A 132 -6.23 -9.76 55.61
CA ALA A 132 -5.10 -10.69 55.47
C ALA A 132 -5.42 -11.98 54.75
N PRO A 133 -4.41 -12.70 54.22
CA PRO A 133 -4.65 -13.90 53.49
C PRO A 133 -4.88 -14.98 54.54
N SER A 134 -6.05 -14.93 55.19
CA SER A 134 -6.43 -15.95 56.19
C SER A 134 -6.80 -17.23 55.45
N SER A 135 -6.20 -18.37 55.81
CA SER A 135 -6.42 -19.63 55.10
C SER A 135 -7.87 -20.07 55.17
N LYS A 136 -8.68 -19.39 55.97
CA LYS A 136 -10.06 -19.78 56.23
C LYS A 136 -10.85 -19.67 54.93
N SER A 137 -11.60 -20.72 54.59
CA SER A 137 -12.18 -20.78 53.26
C SER A 137 -13.31 -21.81 53.17
N THR A 138 -13.94 -21.84 51.99
CA THR A 138 -15.05 -22.74 51.69
C THR A 138 -14.83 -23.50 50.38
N SER A 139 -15.10 -22.87 49.25
CA SER A 139 -15.21 -23.59 47.98
C SER A 139 -13.88 -24.20 47.56
N GLY A 140 -12.86 -23.38 47.39
CA GLY A 140 -11.60 -23.88 46.88
C GLY A 140 -10.46 -23.76 47.85
N GLY A 141 -10.62 -22.92 48.86
CA GLY A 141 -9.46 -22.58 49.64
C GLY A 141 -8.43 -21.78 48.88
N THR A 142 -8.80 -21.26 47.71
CA THR A 142 -7.88 -20.49 46.91
C THR A 142 -7.68 -19.17 47.62
N ALA A 143 -6.41 -18.78 47.81
CA ALA A 143 -6.07 -17.71 48.72
C ALA A 143 -7.01 -16.52 48.58
N ALA A 144 -7.39 -15.95 49.72
CA ALA A 144 -8.32 -14.83 49.75
C ALA A 144 -7.71 -13.75 50.60
N LEU A 145 -7.45 -12.61 49.99
CA LEU A 145 -6.86 -11.47 50.67
C LEU A 145 -7.48 -10.22 50.08
N GLY A 146 -7.21 -9.09 50.72
CA GLY A 146 -7.76 -7.83 50.22
C GLY A 146 -7.32 -6.68 51.09
N CYS A 147 -7.88 -5.51 50.78
CA CYS A 147 -7.65 -4.29 51.53
C CYS A 147 -8.98 -3.66 51.88
N LEU A 148 -8.97 -2.81 52.91
CA LEU A 148 -10.16 -2.18 53.44
C LEU A 148 -9.95 -0.66 53.45
N VAL A 149 -10.49 0.02 52.45
CA VAL A 149 -10.50 1.47 52.41
C VAL A 149 -11.68 1.93 53.27
N LYS A 150 -11.40 2.70 54.31
CA LYS A 150 -12.44 3.01 55.27
C LYS A 150 -12.32 4.46 55.74
N ASP A 151 -13.45 5.04 56.13
CA ASP A 151 -13.54 6.40 56.65
C ASP A 151 -12.93 7.40 55.67
N TYR A 152 -13.62 7.59 54.55
CA TYR A 152 -13.17 8.56 53.56
C TYR A 152 -14.36 9.33 53.00
N PHE A 153 -14.06 10.53 52.51
CA PHE A 153 -15.08 11.38 51.85
C PHE A 153 -14.31 12.42 51.05
N PRO A 154 -14.61 12.69 49.77
CA PRO A 154 -15.76 12.10 49.08
C PRO A 154 -15.54 10.82 48.30
N GLU A 155 -16.55 10.34 47.59
CA GLU A 155 -16.40 9.14 46.71
C GLU A 155 -15.74 9.68 45.45
N PRO A 156 -15.18 8.91 44.49
CA PRO A 156 -14.62 7.56 44.55
C PRO A 156 -13.13 7.48 44.93
N VAL A 157 -12.65 6.26 45.06
CA VAL A 157 -11.23 5.94 45.24
C VAL A 157 -10.87 4.86 44.22
N THR A 158 -9.62 4.90 43.77
CA THR A 158 -9.13 4.04 42.69
C THR A 158 -8.23 2.97 43.29
N VAL A 159 -8.76 1.78 43.48
CA VAL A 159 -8.02 0.65 44.04
C VAL A 159 -7.48 -0.19 42.89
N SER A 160 -6.15 -0.34 42.85
CA SER A 160 -5.49 -1.14 41.84
C SER A 160 -4.48 -2.05 42.53
N TRP A 161 -4.47 -3.31 42.13
CA TRP A 161 -3.63 -4.33 42.76
C TRP A 161 -2.36 -4.57 41.96
N ASN A 162 -1.24 -4.67 42.66
CA ASN A 162 0.07 -4.88 42.05
C ASN A 162 0.35 -3.83 40.98
N SER A 163 -0.17 -2.62 41.19
CA SER A 163 0.10 -1.49 40.31
C SER A 163 -0.24 -1.84 38.86
N GLY A 164 -1.41 -2.45 38.66
CA GLY A 164 -1.92 -2.69 37.34
C GLY A 164 -1.64 -4.08 36.79
N ALA A 165 -0.73 -4.82 37.42
CA ALA A 165 -0.43 -6.18 36.95
C ALA A 165 -1.58 -7.12 37.29
N LEU A 166 -2.07 -7.07 38.52
CA LEU A 166 -3.11 -7.99 38.96
C LEU A 166 -4.48 -7.53 38.50
N THR A 167 -5.21 -8.43 37.86
CA THR A 167 -6.60 -8.20 37.45
C THR A 167 -7.52 -9.39 37.68
N SER A 168 -6.98 -10.61 37.80
CA SER A 168 -7.82 -11.80 37.95
C SER A 168 -8.43 -11.84 39.35
N GLY A 169 -9.72 -12.13 39.41
CA GLY A 169 -10.41 -12.30 40.67
C GLY A 169 -10.50 -11.05 41.52
N VAL A 170 -9.93 -9.95 41.03
CA VAL A 170 -10.01 -8.68 41.74
C VAL A 170 -11.47 -8.23 41.78
N HIS A 171 -11.94 -7.85 42.96
CA HIS A 171 -13.28 -7.32 43.12
C HIS A 171 -13.21 -6.01 43.90
N THR A 172 -13.77 -4.96 43.31
CA THR A 172 -13.86 -3.64 43.95
C THR A 172 -15.34 -3.37 44.15
N PHE A 173 -15.78 -3.41 45.41
CA PHE A 173 -17.19 -3.35 45.75
C PHE A 173 -17.67 -1.91 45.73
N PRO A 174 -18.98 -1.70 45.55
CA PRO A 174 -19.51 -0.34 45.77
C PRO A 174 -19.29 0.05 47.22
N ALA A 175 -18.90 1.31 47.43
CA ALA A 175 -18.58 1.77 48.76
C ALA A 175 -19.86 2.07 49.53
N VAL A 176 -19.99 1.48 50.72
CA VAL A 176 -21.12 1.75 51.60
C VAL A 176 -20.79 2.98 52.44
N LEU A 177 -21.76 3.88 52.56
CA LEU A 177 -21.60 5.07 53.38
C LEU A 177 -22.14 4.77 54.77
N GLN A 178 -21.24 4.70 55.74
CA GLN A 178 -21.55 4.34 57.12
C GLN A 178 -22.12 5.55 57.86
N SER A 179 -22.46 5.35 59.14
CA SER A 179 -23.18 6.36 59.91
C SER A 179 -22.40 7.67 60.04
N SER A 180 -21.07 7.60 60.05
CA SER A 180 -20.26 8.80 60.22
C SER A 180 -20.46 9.83 59.12
N GLY A 181 -21.07 9.44 58.00
CA GLY A 181 -21.08 10.29 56.83
C GLY A 181 -19.90 10.06 55.93
N LEU A 182 -18.94 9.26 56.37
CA LEU A 182 -17.78 8.85 55.60
C LEU A 182 -18.10 7.56 54.85
N TYR A 183 -17.13 7.04 54.12
CA TYR A 183 -17.35 5.88 53.26
C TYR A 183 -16.51 4.69 53.74
N SER A 184 -16.94 3.50 53.34
CA SER A 184 -16.23 2.26 53.63
C SER A 184 -16.19 1.42 52.37
N LEU A 185 -15.01 0.93 52.02
CA LEU A 185 -14.81 0.08 50.87
C LEU A 185 -13.93 -1.13 51.22
N SER A 186 -14.23 -2.25 50.57
CA SER A 186 -13.40 -3.46 50.67
C SER A 186 -13.07 -3.95 49.27
N SER A 187 -11.79 -4.13 48.98
CA SER A 187 -11.33 -4.63 47.69
C SER A 187 -10.54 -5.91 47.93
N VAL A 188 -11.16 -7.06 47.64
CA VAL A 188 -10.52 -8.35 47.83
C VAL A 188 -10.13 -8.92 46.48
N VAL A 189 -9.24 -9.92 46.53
CA VAL A 189 -8.79 -10.63 45.34
C VAL A 189 -8.67 -12.11 45.67
N THR A 190 -9.07 -12.95 44.72
CA THR A 190 -8.90 -14.40 44.82
C THR A 190 -7.64 -14.76 44.05
N VAL A 191 -6.63 -15.24 44.76
CA VAL A 191 -5.33 -15.51 44.15
C VAL A 191 -4.98 -16.97 44.41
N PRO A 192 -4.11 -17.56 43.60
CA PRO A 192 -3.69 -18.94 43.85
C PRO A 192 -3.02 -19.07 45.20
N SER A 193 -3.36 -20.16 45.91
CA SER A 193 -2.82 -20.40 47.23
C SER A 193 -1.30 -20.58 47.21
N SER A 194 -0.77 -21.10 46.11
CA SER A 194 0.65 -21.45 46.03
C SER A 194 1.55 -20.22 46.10
N SER A 195 1.15 -19.13 45.43
CA SER A 195 2.02 -17.99 45.19
C SER A 195 2.01 -16.95 46.31
N LEU A 196 1.50 -17.29 47.49
CA LEU A 196 1.53 -16.37 48.62
C LEU A 196 2.96 -15.97 48.97
N GLY A 197 3.87 -16.93 49.08
CA GLY A 197 5.21 -16.57 49.57
C GLY A 197 6.04 -15.84 48.53
N THR A 198 5.92 -16.27 47.29
CA THR A 198 6.78 -15.69 46.24
C THR A 198 6.30 -14.31 45.83
N GLN A 199 4.98 -14.09 45.75
CA GLN A 199 4.51 -12.80 45.15
C GLN A 199 4.15 -11.75 46.20
N THR A 200 4.44 -10.50 45.86
CA THR A 200 4.18 -9.36 46.74
C THR A 200 2.83 -8.80 46.38
N TYR A 201 1.90 -8.85 47.31
CA TYR A 201 0.54 -8.38 47.07
C TYR A 201 0.35 -7.02 47.72
N ILE A 202 0.11 -6.00 46.89
CA ILE A 202 0.00 -4.61 47.34
C ILE A 202 -1.20 -3.94 46.68
N CYS A 203 -1.96 -3.19 47.46
CA CYS A 203 -3.13 -2.45 46.98
C CYS A 203 -2.85 -0.95 46.94
N ASN A 204 -3.01 -0.34 45.77
CA ASN A 204 -2.63 1.04 45.52
C ASN A 204 -3.87 1.94 45.50
N VAL A 205 -4.35 2.28 46.70
CA VAL A 205 -5.49 3.16 46.86
C VAL A 205 -5.08 4.61 46.61
N ASN A 206 -5.99 5.37 46.02
CA ASN A 206 -5.76 6.77 45.67
C ASN A 206 -7.00 7.59 45.95
N HIS A 207 -6.80 8.76 46.58
CA HIS A 207 -7.91 9.68 46.86
C HIS A 207 -7.42 11.08 46.47
N LYS A 208 -7.75 11.50 45.24
CA LYS A 208 -7.22 12.77 44.74
C LYS A 208 -7.85 13.98 45.45
N PRO A 209 -9.15 13.97 45.78
CA PRO A 209 -9.69 15.07 46.61
C PRO A 209 -8.90 15.33 47.89
N SER A 210 -8.21 14.33 48.44
CA SER A 210 -7.41 14.53 49.64
C SER A 210 -5.92 14.29 49.42
N ASN A 211 -5.48 14.12 48.17
CA ASN A 211 -4.08 13.80 47.84
C ASN A 211 -3.51 12.76 48.80
N THR A 212 -4.23 11.65 48.94
CA THR A 212 -3.91 10.58 49.90
C THR A 212 -3.65 9.28 49.13
N LYS A 213 -2.43 9.13 48.62
CA LYS A 213 -2.01 7.88 48.00
C LYS A 213 -1.54 6.90 49.07
N VAL A 214 -2.07 5.68 49.04
CA VAL A 214 -1.72 4.66 50.04
C VAL A 214 -1.48 3.31 49.34
N ASP A 215 -0.34 2.70 49.63
CA ASP A 215 -0.01 1.35 49.17
C ASP A 215 0.31 0.49 50.38
N LYS A 216 -0.43 -0.59 50.57
CA LYS A 216 -0.33 -1.40 51.78
C LYS A 216 -0.16 -2.87 51.39
N LYS A 217 0.76 -3.57 52.04
CA LYS A 217 1.07 -4.96 51.73
C LYS A 217 0.18 -5.92 52.53
N VAL A 218 -0.16 -7.04 51.90
CA VAL A 218 -1.01 -8.05 52.54
C VAL A 218 -0.32 -9.40 52.66
N SER B 6 -45.77 48.68 5.67
CA SER B 6 -45.11 48.81 4.37
C SER B 6 -44.46 47.48 3.98
N ILE B 7 -43.17 47.55 3.65
CA ILE B 7 -42.42 46.36 3.28
C ILE B 7 -42.40 45.35 4.42
N GLN B 8 -42.08 45.82 5.62
CA GLN B 8 -42.03 44.94 6.79
C GLN B 8 -43.34 44.19 7.00
N THR B 9 -44.49 44.81 6.71
CA THR B 9 -45.75 44.09 6.87
C THR B 9 -45.86 42.91 5.91
N THR B 10 -45.27 43.00 4.72
CA THR B 10 -45.33 41.87 3.79
C THR B 10 -44.18 40.88 3.99
N VAL B 11 -43.09 41.28 4.64
CA VAL B 11 -42.01 40.32 4.87
C VAL B 11 -42.29 39.49 6.12
N ASN B 12 -43.00 40.05 7.10
CA ASN B 12 -43.27 39.33 8.34
C ASN B 12 -44.21 38.16 8.12
N THR B 13 -45.23 38.33 7.28
CA THR B 13 -46.10 37.21 6.97
C THR B 13 -45.34 36.16 6.18
N LEU B 14 -44.39 36.58 5.34
CA LEU B 14 -43.57 35.62 4.61
C LEU B 14 -42.64 34.87 5.54
N SER B 15 -42.01 35.59 6.47
CA SER B 15 -41.14 34.93 7.43
C SER B 15 -41.92 34.05 8.40
N GLU B 16 -43.24 34.22 8.48
CA GLU B 16 -44.08 33.34 9.28
C GLU B 16 -44.86 32.32 8.46
N ARG B 17 -44.84 32.43 7.13
CA ARG B 17 -45.37 31.35 6.31
C ARG B 17 -44.26 30.33 6.02
N ILE B 18 -43.04 30.82 5.81
CA ILE B 18 -41.89 29.94 5.71
C ILE B 18 -41.77 29.07 6.96
N SER B 19 -41.94 29.67 8.14
CA SER B 19 -41.83 28.91 9.38
C SER B 19 -42.94 27.87 9.49
N SER B 20 -44.18 28.26 9.23
CA SER B 20 -45.30 27.33 9.39
C SER B 20 -45.18 26.17 8.40
N LYS B 21 -45.08 26.48 7.10
CA LYS B 21 -44.96 25.44 6.08
C LYS B 21 -43.82 24.49 6.40
N LEU B 22 -42.70 25.01 6.92
CA LEU B 22 -41.60 24.13 7.27
C LEU B 22 -41.94 23.23 8.45
N GLU B 23 -42.93 23.61 9.26
CA GLU B 23 -43.29 22.80 10.42
C GLU B 23 -44.36 21.75 10.11
N GLN B 24 -45.24 21.99 9.15
CA GLN B 24 -46.20 20.96 8.77
C GLN B 24 -45.81 20.21 7.51
N GLU B 25 -44.99 20.81 6.65
CA GLU B 25 -44.53 20.13 5.44
C GLU B 25 -43.14 19.53 5.58
N ALA B 26 -42.36 19.95 6.58
CA ALA B 26 -41.06 19.34 6.84
C ALA B 26 -40.89 18.85 8.27
N ASN B 27 -41.93 18.94 9.11
CA ASN B 27 -41.89 18.51 10.51
C ASN B 27 -40.65 19.06 11.21
N ALA B 28 -40.52 20.38 11.16
CA ALA B 28 -39.39 21.10 11.72
C ALA B 28 -39.75 21.76 13.04
N SER B 29 -38.72 22.30 13.70
CA SER B 29 -38.89 23.02 14.95
C SER B 29 -37.65 23.86 15.19
N ALA B 30 -37.79 24.80 16.13
CA ALA B 30 -36.65 25.59 16.58
C ALA B 30 -35.74 24.76 17.46
N GLN B 31 -36.26 23.66 18.01
CA GLN B 31 -35.53 22.75 18.86
C GLN B 31 -34.85 21.64 18.08
N THR B 32 -34.81 21.74 16.76
CA THR B 32 -34.37 20.62 15.94
C THR B 32 -32.98 20.87 15.39
N LYS B 33 -32.16 19.82 15.40
CA LYS B 33 -30.76 19.93 15.05
C LYS B 33 -30.61 20.24 13.56
N CYS B 34 -29.47 20.83 13.24
CA CYS B 34 -29.22 21.38 11.91
C CYS B 34 -28.05 20.67 11.27
N ASP B 35 -28.21 20.34 9.99
CA ASP B 35 -27.11 19.74 9.27
C ASP B 35 -26.07 20.80 8.97
N ILE B 36 -26.54 22.03 8.75
CA ILE B 36 -25.73 23.19 8.43
C ILE B 36 -26.27 24.36 9.25
N GLU B 37 -25.38 25.11 9.89
CA GLU B 37 -25.76 26.27 10.68
C GLU B 37 -25.10 27.49 10.08
N ILE B 38 -25.70 28.65 10.33
CA ILE B 38 -25.20 29.90 9.80
C ILE B 38 -24.21 30.47 10.80
N GLY B 39 -22.97 30.68 10.36
CA GLY B 39 -21.92 31.15 11.22
C GLY B 39 -21.94 32.65 11.39
N ASN B 40 -21.86 33.39 10.29
CA ASN B 40 -21.84 34.84 10.36
C ASN B 40 -22.76 35.44 9.31
N PHE B 41 -23.57 36.41 9.71
CA PHE B 41 -24.46 37.10 8.76
C PHE B 41 -23.99 38.53 8.60
N TYR B 42 -23.12 38.77 7.64
CA TYR B 42 -22.67 40.15 7.40
C TYR B 42 -23.50 40.72 6.27
N ILE B 43 -23.82 42.03 6.35
CA ILE B 43 -24.61 42.74 5.30
C ILE B 43 -23.78 43.91 4.77
N ARG B 44 -22.87 43.67 3.84
CA ARG B 44 -21.96 44.73 3.34
C ARG B 44 -22.44 46.12 3.77
N GLN B 45 -23.54 46.62 3.22
CA GLN B 45 -23.99 48.01 3.52
C GLN B 45 -25.42 48.02 4.05
N ASN B 46 -25.61 47.80 5.35
CA ASN B 46 -26.96 47.84 5.96
C ASN B 46 -27.23 49.25 6.45
N HIS B 47 -28.50 49.68 6.48
CA HIS B 47 -28.85 51.00 7.05
C HIS B 47 -30.28 50.87 7.54
N GLY B 48 -30.49 50.21 8.68
CA GLY B 48 -31.85 49.99 9.09
C GLY B 48 -32.40 48.62 8.81
N CYS B 49 -31.57 47.58 8.86
CA CYS B 49 -32.03 46.21 8.71
C CYS B 49 -31.48 45.37 9.85
N ASN B 50 -32.35 44.98 10.79
CA ASN B 50 -31.98 44.07 11.87
C ASN B 50 -32.32 42.66 11.43
N ILE B 51 -31.35 41.99 10.82
CA ILE B 51 -31.57 40.67 10.24
C ILE B 51 -31.00 39.65 11.21
N THR B 52 -31.87 38.86 11.83
CA THR B 52 -31.46 37.83 12.77
C THR B 52 -31.59 36.46 12.13
N VAL B 53 -30.71 35.55 12.52
CA VAL B 53 -30.72 34.19 11.98
C VAL B 53 -31.53 33.32 12.94
N LYS B 54 -32.66 32.81 12.46
CA LYS B 54 -33.51 31.93 13.23
C LYS B 54 -33.32 30.51 12.71
N ASN B 55 -33.17 29.55 13.62
CA ASN B 55 -32.90 28.16 13.24
C ASN B 55 -34.22 27.39 13.25
N MET B 56 -34.65 26.95 12.07
CA MET B 56 -35.84 26.13 11.92
C MET B 56 -35.49 24.92 11.04
N CYS B 57 -34.60 24.07 11.56
CA CYS B 57 -33.98 23.05 10.74
C CYS B 57 -34.83 21.77 10.66
N SER B 58 -34.55 20.97 9.63
CA SER B 58 -35.34 19.80 9.28
C SER B 58 -34.51 18.91 8.35
N ALA B 59 -35.13 17.84 7.84
CA ALA B 59 -34.40 16.81 7.09
C ALA B 59 -34.68 16.76 5.60
N ASP B 60 -35.94 16.86 5.15
CA ASP B 60 -36.22 16.73 3.73
C ASP B 60 -35.82 18.02 3.04
N ALA B 61 -34.60 18.04 2.50
CA ALA B 61 -34.11 19.23 1.82
C ALA B 61 -35.02 19.64 0.68
N ASP B 62 -35.55 18.67 -0.06
CA ASP B 62 -36.49 18.98 -1.14
C ASP B 62 -37.79 19.58 -0.61
N ALA B 63 -38.23 19.19 0.59
CA ALA B 63 -39.49 19.73 1.10
C ALA B 63 -39.28 21.14 1.65
N GLN B 64 -38.10 21.41 2.20
CA GLN B 64 -37.77 22.78 2.59
C GLN B 64 -37.83 23.71 1.39
N LEU B 65 -37.21 23.30 0.27
CA LEU B 65 -37.23 24.12 -0.93
C LEU B 65 -38.66 24.28 -1.43
N ASP B 66 -39.45 23.21 -1.39
CA ASP B 66 -40.85 23.31 -1.80
C ASP B 66 -41.66 24.16 -0.84
N ALA B 67 -41.32 24.12 0.45
CA ALA B 67 -42.09 24.87 1.45
C ALA B 67 -41.84 26.36 1.31
N VAL B 68 -40.57 26.76 1.16
CA VAL B 68 -40.26 28.18 0.98
C VAL B 68 -40.82 28.69 -0.35
N LEU B 69 -40.77 27.86 -1.40
CA LEU B 69 -41.37 28.28 -2.67
C LEU B 69 -42.87 28.42 -2.54
N SER B 70 -43.52 27.41 -1.95
CA SER B 70 -44.96 27.51 -1.71
C SER B 70 -45.30 28.71 -0.83
N ALA B 71 -44.42 29.06 0.11
CA ALA B 71 -44.66 30.24 0.94
C ALA B 71 -44.36 31.52 0.17
N ALA B 72 -43.31 31.52 -0.65
CA ALA B 72 -43.01 32.71 -1.45
C ALA B 72 -44.13 33.01 -2.43
N THR B 73 -44.65 31.97 -3.10
CA THR B 73 -45.74 32.17 -4.06
C THR B 73 -47.04 32.58 -3.38
N GLU B 74 -47.39 31.91 -2.26
CA GLU B 74 -48.62 32.25 -1.55
C GLU B 74 -48.64 33.72 -1.13
N THR B 75 -47.50 34.24 -0.71
CA THR B 75 -47.40 35.64 -0.32
C THR B 75 -47.47 36.58 -1.52
N TYR B 76 -47.14 36.08 -2.72
CA TYR B 76 -47.13 36.90 -3.92
C TYR B 76 -48.54 37.15 -4.46
N SER B 77 -49.40 36.13 -4.45
CA SER B 77 -50.78 36.34 -4.89
C SER B 77 -51.49 37.36 -4.01
N GLY B 78 -51.24 37.34 -2.71
CA GLY B 78 -51.86 38.28 -1.81
C GLY B 78 -51.43 39.72 -1.99
N LEU B 79 -50.44 39.98 -2.84
CA LEU B 79 -50.04 41.34 -3.13
C LEU B 79 -51.06 42.01 -4.04
N THR B 80 -51.13 43.33 -3.94
CA THR B 80 -52.05 44.10 -4.77
C THR B 80 -51.48 44.23 -6.18
N PRO B 81 -52.34 44.42 -7.18
CA PRO B 81 -51.85 44.49 -8.57
C PRO B 81 -50.79 45.53 -8.81
N GLU B 82 -50.87 46.71 -8.18
CA GLU B 82 -49.78 47.67 -8.31
C GLU B 82 -48.57 47.31 -7.46
N GLN B 83 -48.74 46.47 -6.44
CA GLN B 83 -47.60 46.10 -5.60
C GLN B 83 -46.77 45.00 -6.25
N LYS B 84 -47.44 43.99 -6.83
CA LYS B 84 -46.75 42.92 -7.54
C LYS B 84 -46.06 43.39 -8.82
N ALA B 85 -46.23 44.66 -9.19
CA ALA B 85 -45.52 45.21 -10.34
C ALA B 85 -44.09 45.61 -9.99
N TYR B 86 -43.78 45.81 -8.70
CA TYR B 86 -42.43 46.16 -8.31
C TYR B 86 -41.49 44.95 -8.36
N VAL B 87 -42.03 43.75 -8.42
CA VAL B 87 -41.23 42.52 -8.30
C VAL B 87 -40.27 42.31 -9.48
N PRO B 88 -40.69 42.47 -10.75
CA PRO B 88 -39.74 42.25 -11.85
C PRO B 88 -38.47 43.07 -11.74
N ALA B 89 -38.51 44.18 -11.01
CA ALA B 89 -37.28 44.93 -10.74
C ALA B 89 -36.46 44.27 -9.66
N MET B 90 -37.12 43.66 -8.67
CA MET B 90 -36.41 42.97 -7.59
C MET B 90 -35.58 41.80 -8.14
N PHE B 91 -36.12 41.04 -9.10
CA PHE B 91 -35.33 39.98 -9.71
C PHE B 91 -34.12 40.57 -10.43
N THR B 92 -34.38 41.55 -11.30
CA THR B 92 -33.34 42.11 -12.15
C THR B 92 -32.25 42.78 -11.32
N ALA B 93 -32.60 43.25 -10.11
CA ALA B 93 -31.61 43.86 -9.24
C ALA B 93 -30.82 42.81 -8.46
N ALA B 94 -31.47 41.74 -8.00
CA ALA B 94 -30.82 40.74 -7.18
C ALA B 94 -30.22 39.59 -7.99
N LEU B 95 -30.94 39.13 -9.02
CA LEU B 95 -30.49 37.96 -9.82
C LEU B 95 -30.26 38.29 -11.30
N ASN B 96 -30.43 39.53 -11.76
CA ASN B 96 -30.31 39.92 -13.19
C ASN B 96 -31.12 38.98 -14.08
N ILE B 97 -32.28 38.52 -13.63
CA ILE B 97 -33.18 37.70 -14.47
C ILE B 97 -34.30 38.62 -14.95
N GLN B 98 -34.30 38.97 -16.24
CA GLN B 98 -35.28 39.90 -16.74
C GLN B 98 -36.61 39.18 -16.86
N THR B 99 -37.59 39.63 -16.08
CA THR B 99 -38.88 38.96 -16.00
C THR B 99 -39.98 40.00 -16.07
N SER B 100 -41.21 39.50 -16.16
CA SER B 100 -42.41 40.32 -16.17
C SER B 100 -43.40 39.74 -15.17
N VAL B 101 -44.41 40.56 -14.85
CA VAL B 101 -45.41 40.18 -13.84
C VAL B 101 -46.00 38.81 -14.13
N ASN B 102 -46.14 38.45 -15.41
CA ASN B 102 -46.74 37.16 -15.74
C ASN B 102 -45.74 36.02 -15.60
N THR B 103 -44.44 36.31 -15.76
CA THR B 103 -43.40 35.29 -15.80
C THR B 103 -42.59 35.17 -14.51
N VAL B 104 -43.05 35.73 -13.40
CA VAL B 104 -42.24 35.74 -12.18
C VAL B 104 -42.24 34.38 -11.49
N VAL B 105 -43.43 33.84 -11.19
CA VAL B 105 -43.54 32.70 -10.27
C VAL B 105 -42.77 31.48 -10.77
N ARG B 106 -42.85 31.17 -12.07
CA ARG B 106 -42.09 30.03 -12.58
C ARG B 106 -40.59 30.35 -12.63
N ASP B 107 -40.24 31.55 -13.11
CA ASP B 107 -38.83 31.89 -13.25
C ASP B 107 -38.14 31.97 -11.90
N PHE B 108 -38.88 32.26 -10.83
CA PHE B 108 -38.32 32.10 -9.49
C PHE B 108 -38.10 30.62 -9.18
N GLU B 109 -39.17 29.82 -9.32
CA GLU B 109 -39.07 28.37 -9.10
C GLU B 109 -37.97 27.75 -9.94
N ASN B 110 -37.94 28.09 -11.24
CA ASN B 110 -36.95 27.48 -12.12
C ASN B 110 -35.53 27.92 -11.75
N TYR B 111 -35.36 29.15 -11.27
CA TYR B 111 -34.07 29.53 -10.72
C TYR B 111 -33.76 28.71 -9.47
N VAL B 112 -34.67 28.74 -8.49
CA VAL B 112 -34.44 28.05 -7.23
C VAL B 112 -34.23 26.56 -7.44
N LYS B 113 -35.07 25.91 -8.26
CA LYS B 113 -34.96 24.48 -8.42
C LYS B 113 -33.70 24.07 -9.18
N GLN B 114 -33.31 24.86 -10.18
CA GLN B 114 -32.15 24.51 -10.99
C GLN B 114 -30.84 25.05 -10.41
N THR B 115 -30.91 26.08 -9.55
CA THR B 115 -29.71 26.57 -8.89
C THR B 115 -29.47 25.90 -7.54
N CYS B 116 -30.52 25.71 -6.73
CA CYS B 116 -30.33 25.19 -5.39
C CYS B 116 -30.39 23.67 -5.32
N ASN B 117 -30.41 22.99 -6.46
CA ASN B 117 -30.20 21.54 -6.50
C ASN B 117 -28.99 21.23 -7.34
N SER B 118 -28.24 22.24 -7.73
CA SER B 118 -26.97 22.06 -8.40
C SER B 118 -25.95 21.44 -7.45
N SER B 119 -25.00 20.72 -8.02
CA SER B 119 -23.98 20.06 -7.22
C SER B 119 -23.15 21.04 -6.41
N ALA B 120 -23.03 22.29 -6.89
CA ALA B 120 -22.21 23.26 -6.17
C ALA B 120 -22.80 23.64 -4.81
N VAL B 121 -24.11 23.53 -4.63
CA VAL B 121 -24.73 23.81 -3.35
C VAL B 121 -25.12 22.55 -2.59
N VAL B 122 -25.35 21.43 -3.26
CA VAL B 122 -25.69 20.22 -2.53
C VAL B 122 -24.43 19.58 -1.92
N ASP B 123 -23.30 19.74 -2.59
CA ASP B 123 -22.08 19.08 -2.08
C ASP B 123 -21.13 20.13 -1.52
N ASN B 124 -21.54 20.88 -0.49
CA ASN B 124 -20.63 21.87 0.13
C ASN B 124 -19.88 21.19 1.25
N LYS B 125 -20.57 20.41 2.07
CA LYS B 125 -19.91 19.64 3.16
C LYS B 125 -19.33 20.58 4.21
N LEU B 126 -19.50 21.88 4.04
CA LEU B 126 -19.06 22.83 5.07
C LEU B 126 -20.29 23.11 5.91
N LYS B 127 -20.27 22.68 7.16
CA LYS B 127 -21.43 22.79 8.03
C LYS B 127 -21.65 24.22 8.48
N ILE B 128 -20.59 25.00 8.67
CA ILE B 128 -20.71 26.39 9.05
C ILE B 128 -20.70 27.20 7.76
N GLN B 129 -21.85 27.79 7.50
CA GLN B 129 -21.96 28.59 6.28
C GLN B 129 -22.02 30.06 6.68
N ASN B 130 -21.98 30.92 5.69
CA ASN B 130 -21.93 32.36 5.87
C ASN B 130 -22.81 33.02 4.81
N VAL B 131 -23.60 34.01 5.22
CA VAL B 131 -24.52 34.71 4.34
C VAL B 131 -23.99 36.12 4.08
N ILE B 132 -24.00 36.52 2.82
CA ILE B 132 -23.49 37.82 2.37
C ILE B 132 -24.58 38.52 1.56
N ILE B 133 -25.20 39.53 2.17
CA ILE B 133 -26.24 40.32 1.46
C ILE B 133 -25.61 41.65 1.07
N ASP B 134 -25.64 41.98 -0.21
CA ASP B 134 -24.93 43.20 -0.70
C ASP B 134 -25.55 44.48 -0.18
N GLU B 135 -26.88 44.59 -0.13
CA GLU B 135 -27.48 45.91 0.23
C GLU B 135 -28.75 45.77 1.05
N CYS B 136 -29.04 46.75 1.91
CA CYS B 136 -30.28 46.81 2.67
C CYS B 136 -30.43 48.20 3.28
N TYR B 137 -31.64 48.79 3.19
CA TYR B 137 -31.87 50.13 3.70
C TYR B 137 -33.13 50.16 4.57
N GLY B 138 -33.16 51.13 5.49
CA GLY B 138 -34.26 51.25 6.43
C GLY B 138 -34.27 52.62 7.07
N ALA B 139 -35.32 52.88 7.83
CA ALA B 139 -35.46 54.21 8.47
C ALA B 139 -34.66 54.23 9.77
N PRO B 140 -34.19 55.40 10.24
CA PRO B 140 -33.50 55.46 11.53
C PRO B 140 -34.39 55.11 12.71
N GLY B 141 -35.63 55.64 12.74
CA GLY B 141 -36.52 55.41 13.90
C GLY B 141 -36.92 53.97 14.04
N SER B 142 -37.34 53.34 12.95
CA SER B 142 -37.63 51.89 12.98
C SER B 142 -36.99 51.28 11.74
N PRO B 143 -35.97 50.43 11.90
CA PRO B 143 -35.36 49.77 10.77
C PRO B 143 -36.25 48.64 10.25
N THR B 144 -36.14 48.31 8.97
CA THR B 144 -36.92 47.17 8.42
C THR B 144 -36.43 45.94 9.18
N ASN B 145 -37.35 45.12 9.67
CA ASN B 145 -36.89 43.98 10.50
C ASN B 145 -37.01 42.69 9.70
N MET B 146 -35.93 41.93 9.59
CA MET B 146 -35.96 40.72 8.73
C MET B 146 -35.40 39.48 9.43
N GLU B 147 -35.45 38.32 8.77
CA GLU B 147 -34.94 37.05 9.30
C GLU B 147 -34.46 36.12 8.20
N PHE B 148 -33.31 35.49 8.43
CA PHE B 148 -32.83 34.38 7.60
C PHE B 148 -33.19 33.08 8.30
N ILE B 149 -34.28 32.44 7.85
CA ILE B 149 -34.67 31.16 8.42
C ILE B 149 -33.70 30.08 7.94
N ASN B 150 -32.97 29.49 8.87
CA ASN B 150 -32.09 28.38 8.54
C ASN B 150 -32.91 27.10 8.39
N THR B 151 -32.92 26.54 7.18
CA THR B 151 -33.68 25.33 6.92
C THR B 151 -32.94 24.08 7.37
N GLY B 152 -31.62 24.18 7.58
CA GLY B 152 -30.80 23.06 7.98
C GLY B 152 -30.00 22.45 6.87
N SER B 153 -30.25 22.83 5.62
CA SER B 153 -29.58 22.23 4.48
C SER B 153 -29.04 23.34 3.59
N SER B 154 -27.99 23.02 2.84
CA SER B 154 -27.40 24.01 1.96
C SER B 154 -28.31 24.35 0.80
N LYS B 155 -29.14 23.41 0.36
CA LYS B 155 -30.03 23.66 -0.77
C LYS B 155 -31.26 24.44 -0.34
N GLY B 156 -31.78 24.17 0.86
CA GLY B 156 -32.93 24.91 1.34
C GLY B 156 -32.56 26.31 1.78
N ASN B 157 -31.42 26.44 2.46
CA ASN B 157 -30.90 27.76 2.79
C ASN B 157 -30.57 28.55 1.53
N CYS B 158 -30.20 27.85 0.45
CA CYS B 158 -29.99 28.52 -0.84
C CYS B 158 -31.25 29.23 -1.30
N ALA B 159 -32.41 28.59 -1.10
CA ALA B 159 -33.67 29.22 -1.46
C ALA B 159 -33.98 30.41 -0.57
N ILE B 160 -33.68 30.30 0.72
CA ILE B 160 -33.88 31.43 1.64
C ILE B 160 -33.00 32.60 1.22
N LYS B 161 -31.72 32.33 0.97
CA LYS B 161 -30.81 33.37 0.49
C LYS B 161 -31.32 33.98 -0.80
N ALA B 162 -31.84 33.15 -1.71
CA ALA B 162 -32.40 33.68 -2.96
C ALA B 162 -33.60 34.57 -2.67
N LEU B 163 -34.52 34.11 -1.82
CA LEU B 163 -35.64 34.94 -1.41
C LEU B 163 -35.16 36.16 -0.64
N MET B 164 -34.15 35.98 0.22
CA MET B 164 -33.61 37.09 0.98
C MET B 164 -32.97 38.14 0.09
N GLN B 165 -32.21 37.71 -0.92
CA GLN B 165 -31.60 38.65 -1.86
C GLN B 165 -32.64 39.52 -2.55
N LEU B 166 -33.85 39.01 -2.73
CA LEU B 166 -34.90 39.79 -3.34
C LEU B 166 -35.43 40.86 -2.40
N THR B 167 -35.80 40.46 -1.18
CA THR B 167 -36.45 41.38 -0.27
C THR B 167 -35.54 42.54 0.13
N THR B 168 -34.25 42.27 0.34
CA THR B 168 -33.34 43.35 0.69
C THR B 168 -33.18 44.35 -0.45
N LYS B 169 -33.50 43.94 -1.67
CA LYS B 169 -33.43 44.82 -2.82
C LYS B 169 -34.71 45.64 -2.98
N ALA B 170 -35.73 45.37 -2.18
CA ALA B 170 -36.95 46.16 -2.19
C ALA B 170 -36.78 47.51 -1.48
N THR B 171 -35.94 47.57 -0.45
CA THR B 171 -35.79 48.81 0.32
C THR B 171 -35.25 49.95 -0.51
N THR B 172 -34.46 49.65 -1.54
CA THR B 172 -33.93 50.68 -2.43
C THR B 172 -34.95 51.06 -3.49
N ILE C 1 -41.17 13.93 23.99
CA ILE C 1 -40.23 14.41 24.98
C ILE C 1 -39.99 13.34 26.04
N GLN C 2 -40.98 13.08 26.90
CA GLN C 2 -40.78 12.11 27.98
C GLN C 2 -40.85 10.70 27.39
N LEU C 3 -39.75 9.98 27.53
CA LEU C 3 -39.59 8.61 27.05
C LEU C 3 -39.71 7.66 28.23
N THR C 4 -40.59 6.67 28.12
CA THR C 4 -40.92 5.76 29.22
C THR C 4 -40.45 4.35 28.89
N GLN C 5 -39.34 3.93 29.52
CA GLN C 5 -38.67 2.68 29.16
C GLN C 5 -39.17 1.53 30.02
N SER C 6 -39.53 0.43 29.36
CA SER C 6 -40.00 -0.80 30.01
C SER C 6 -39.51 -2.00 29.22
N PRO C 7 -39.17 -3.12 29.89
CA PRO C 7 -39.24 -3.33 31.34
C PRO C 7 -38.02 -2.77 32.06
N SER C 8 -38.19 -2.36 33.32
CA SER C 8 -37.06 -1.83 34.08
C SER C 8 -36.05 -2.90 34.49
N SER C 9 -36.45 -4.18 34.49
CA SER C 9 -35.53 -5.26 34.84
C SER C 9 -35.95 -6.52 34.13
N VAL C 10 -35.10 -7.00 33.22
CA VAL C 10 -35.33 -8.23 32.46
C VAL C 10 -34.07 -9.08 32.53
N SER C 11 -34.24 -10.40 32.42
CA SER C 11 -33.12 -11.32 32.51
C SER C 11 -33.44 -12.59 31.74
N ALA C 12 -32.63 -12.90 30.72
CA ALA C 12 -32.77 -14.15 29.97
C ALA C 12 -31.41 -14.77 29.74
N SER C 13 -31.39 -16.09 29.60
CA SER C 13 -30.14 -16.85 29.55
C SER C 13 -29.43 -16.65 28.21
N VAL C 14 -28.21 -17.21 28.14
CA VAL C 14 -27.40 -17.11 26.93
C VAL C 14 -28.08 -17.85 25.78
N GLY C 15 -28.20 -17.18 24.64
CA GLY C 15 -28.78 -17.81 23.47
C GLY C 15 -30.26 -17.60 23.34
N ASP C 16 -30.88 -16.84 24.23
CA ASP C 16 -32.31 -16.55 24.21
C ASP C 16 -32.51 -15.05 24.00
N GLY C 17 -33.77 -14.60 24.03
CA GLY C 17 -34.11 -13.24 23.65
C GLY C 17 -34.65 -12.39 24.79
N VAL C 18 -34.40 -11.08 24.69
CA VAL C 18 -34.96 -10.06 25.58
C VAL C 18 -35.54 -8.95 24.72
N THR C 19 -36.60 -8.31 25.21
CA THR C 19 -37.26 -7.22 24.49
C THR C 19 -37.34 -6.00 25.38
N ILE C 20 -36.80 -4.88 24.91
CA ILE C 20 -36.79 -3.61 25.65
C ILE C 20 -37.52 -2.57 24.81
N THR C 21 -38.45 -1.85 25.45
CA THR C 21 -39.32 -0.89 24.79
C THR C 21 -39.14 0.52 25.34
N CYS C 22 -39.13 1.50 24.43
CA CYS C 22 -39.01 2.92 24.79
C CYS C 22 -40.27 3.63 24.30
N ARG C 23 -41.36 3.46 25.04
CA ARG C 23 -42.61 4.11 24.67
C ARG C 23 -42.54 5.60 25.01
N ALA C 24 -42.81 6.43 24.01
CA ALA C 24 -42.76 7.89 24.09
C ALA C 24 -44.15 8.49 24.22
N SER C 25 -44.17 9.77 24.60
CA SER C 25 -45.44 10.50 24.75
C SER C 25 -45.81 11.18 23.43
N GLN C 26 -45.00 12.15 23.00
CA GLN C 26 -45.29 12.81 21.74
C GLN C 26 -44.66 12.03 20.59
N PRO C 27 -45.25 12.05 19.40
CA PRO C 27 -44.56 11.47 18.24
C PRO C 27 -43.18 12.08 18.06
N ILE C 28 -42.15 11.24 18.20
CA ILE C 28 -40.78 11.72 18.05
C ILE C 28 -40.24 11.45 16.66
N GLY C 29 -40.94 10.66 15.85
CA GLY C 29 -40.47 10.35 14.52
C GLY C 29 -39.70 9.04 14.48
N THR C 30 -38.66 9.01 13.65
CA THR C 30 -37.76 7.88 13.55
C THR C 30 -36.50 8.07 14.37
N TRP C 31 -36.41 9.18 15.11
CA TRP C 31 -35.20 9.59 15.82
C TRP C 31 -35.19 9.00 17.23
N VAL C 32 -34.82 7.74 17.33
CA VAL C 32 -34.54 7.12 18.63
C VAL C 32 -33.20 6.42 18.54
N ALA C 33 -32.42 6.52 19.61
CA ALA C 33 -31.12 5.89 19.68
C ALA C 33 -31.00 5.14 20.99
N TRP C 34 -30.32 4.00 20.96
CA TRP C 34 -30.20 3.13 22.12
C TRP C 34 -28.74 3.09 22.57
N TYR C 35 -28.54 3.08 23.89
CA TYR C 35 -27.18 3.19 24.41
C TYR C 35 -26.95 2.12 25.46
N GLN C 36 -25.72 1.63 25.62
CA GLN C 36 -25.40 0.57 26.58
C GLN C 36 -24.43 1.13 27.59
N GLN C 37 -24.67 0.98 28.88
CA GLN C 37 -23.66 1.48 29.84
C GLN C 37 -23.12 0.28 30.59
N LYS C 38 -21.89 -0.09 30.32
CA LYS C 38 -21.37 -1.31 30.97
C LYS C 38 -21.31 -0.95 32.43
N PRO C 39 -21.45 -1.88 33.39
CA PRO C 39 -21.47 -1.47 34.78
C PRO C 39 -20.22 -0.65 35.10
N GLY C 40 -20.41 0.53 35.67
CA GLY C 40 -19.28 1.39 36.03
C GLY C 40 -18.42 1.80 34.85
N LYS C 41 -19.02 2.00 33.69
CA LYS C 41 -18.18 2.48 32.57
C LYS C 41 -18.95 3.49 31.74
N ALA C 42 -18.26 4.33 30.97
CA ALA C 42 -18.92 5.41 30.21
C ALA C 42 -19.88 4.79 29.24
N PRO C 43 -21.09 5.35 29.05
CA PRO C 43 -22.07 4.72 28.18
C PRO C 43 -21.58 4.57 26.74
N LYS C 44 -22.01 3.50 26.06
CA LYS C 44 -21.59 3.25 24.66
C LYS C 44 -22.84 3.04 23.82
N LEU C 45 -22.77 3.29 22.52
CA LEU C 45 -23.99 3.25 21.68
C LEU C 45 -24.11 1.87 21.07
N LEU C 46 -25.34 1.44 20.79
CA LEU C 46 -25.56 0.14 20.12
C LEU C 46 -26.22 0.42 18.77
N ILE C 47 -27.37 1.09 18.77
CA ILE C 47 -28.13 1.25 17.50
C ILE C 47 -28.68 2.67 17.39
N SER C 48 -29.04 3.12 16.18
CA SER C 48 -29.50 4.51 15.95
C SER C 48 -30.53 4.54 14.82
N GLY C 49 -31.19 5.68 14.62
CA GLY C 49 -32.22 5.82 13.57
C GLY C 49 -32.26 7.25 13.08
N ALA C 50 -32.79 7.48 11.88
CA ALA C 50 -32.80 8.83 11.33
C ALA C 50 -33.66 8.89 10.08
N SER C 51 -33.75 10.06 9.46
CA SER C 51 -34.52 10.24 8.20
C SER C 51 -33.76 11.18 7.26
N SER C 66 -44.96 8.46 13.31
CA SER C 66 -45.39 8.44 14.70
C SER C 66 -44.18 8.46 15.62
N GLY C 67 -44.08 7.44 16.48
CA GLY C 67 -42.96 7.37 17.40
C GLY C 67 -43.42 7.18 18.83
N THR C 68 -44.65 6.70 19.02
CA THR C 68 -45.14 6.52 20.37
C THR C 68 -44.50 5.28 20.99
N ASP C 69 -44.43 4.19 20.23
CA ASP C 69 -43.77 2.98 20.69
C ASP C 69 -42.56 2.64 19.81
N PHE C 70 -41.53 2.06 20.45
CA PHE C 70 -40.32 1.57 19.78
C PHE C 70 -39.83 0.37 20.58
N THR C 71 -39.14 -0.56 19.93
CA THR C 71 -38.64 -1.74 20.64
C THR C 71 -37.19 -2.01 20.25
N LEU C 72 -36.52 -2.76 21.12
CA LEU C 72 -35.19 -3.29 20.83
C LEU C 72 -35.12 -4.72 21.32
N THR C 73 -34.73 -5.63 20.43
CA THR C 73 -34.62 -7.05 20.74
C THR C 73 -33.17 -7.48 20.55
N ILE C 74 -32.50 -7.80 21.65
CA ILE C 74 -31.14 -8.34 21.64
C ILE C 74 -31.27 -9.86 21.73
N SER C 75 -30.79 -10.57 20.71
CA SER C 75 -31.15 -11.98 20.56
C SER C 75 -30.01 -12.95 20.85
N SER C 76 -28.87 -12.84 20.18
CA SER C 76 -27.79 -13.80 20.45
C SER C 76 -27.07 -13.28 21.70
N LEU C 77 -27.68 -13.56 22.85
CA LEU C 77 -27.19 -13.07 24.12
C LEU C 77 -25.92 -13.79 24.55
N GLN C 78 -24.91 -13.01 24.90
CA GLN C 78 -23.64 -13.48 25.43
C GLN C 78 -23.44 -12.91 26.83
N PRO C 79 -22.75 -13.61 27.73
CA PRO C 79 -22.54 -13.07 29.10
C PRO C 79 -21.90 -11.70 29.11
N ASP C 80 -21.43 -11.22 27.96
CA ASP C 80 -20.77 -9.94 27.80
C ASP C 80 -21.75 -8.81 27.62
N ASP C 81 -23.05 -9.12 27.53
CA ASP C 81 -24.11 -8.17 27.23
C ASP C 81 -24.88 -7.79 28.48
N SER C 82 -24.32 -8.08 29.65
CA SER C 82 -24.92 -7.70 30.93
C SER C 82 -24.56 -6.25 31.20
N ALA C 83 -25.55 -5.37 31.09
CA ALA C 83 -25.29 -3.94 31.20
C ALA C 83 -26.62 -3.23 31.43
N THR C 84 -26.58 -1.91 31.36
CA THR C 84 -27.76 -1.08 31.49
C THR C 84 -28.00 -0.42 30.15
N TYR C 85 -29.26 -0.42 29.70
CA TYR C 85 -29.57 0.06 28.36
C TYR C 85 -30.51 1.25 28.44
N PHE C 86 -30.25 2.27 27.63
CA PHE C 86 -30.94 3.54 27.68
C PHE C 86 -31.37 3.91 26.27
N CYS C 87 -32.45 4.70 26.18
CA CYS C 87 -32.95 5.22 24.92
C CYS C 87 -33.01 6.75 24.97
N GLN C 88 -32.95 7.37 23.80
CA GLN C 88 -32.82 8.83 23.73
C GLN C 88 -33.49 9.42 22.51
N GLN C 89 -34.11 10.59 22.69
CA GLN C 89 -34.56 11.46 21.61
C GLN C 89 -33.35 12.19 21.05
N THR C 90 -33.02 11.93 19.79
CA THR C 90 -31.76 12.44 19.26
C THR C 90 -31.91 13.61 18.29
N ASN C 91 -33.11 14.14 18.09
CA ASN C 91 -33.25 15.29 17.20
C ASN C 91 -33.81 16.54 17.86
N THR C 92 -34.70 16.39 18.84
CA THR C 92 -35.41 17.53 19.42
C THR C 92 -34.89 17.81 20.81
N PHE C 93 -34.56 19.14 21.09
CA PHE C 93 -34.21 19.53 22.45
C PHE C 93 -35.48 19.85 23.25
N PRO C 94 -35.51 19.55 24.56
CA PRO C 94 -34.42 18.98 25.35
C PRO C 94 -34.19 17.50 25.07
N LEU C 95 -32.95 17.12 24.75
CA LEU C 95 -32.63 15.72 24.53
C LEU C 95 -32.88 14.96 25.82
N THR C 96 -33.87 14.07 25.83
CA THR C 96 -34.20 13.31 27.02
C THR C 96 -33.85 11.84 26.80
N PHE C 97 -33.35 11.21 27.86
CA PHE C 97 -33.05 9.80 27.88
C PHE C 97 -34.18 9.07 28.59
N GLY C 98 -34.07 7.74 28.65
CA GLY C 98 -35.09 6.93 29.27
C GLY C 98 -34.73 6.50 30.69
N GLN C 99 -35.69 5.81 31.31
CA GLN C 99 -35.48 5.29 32.66
C GLN C 99 -34.26 4.40 32.72
N GLY C 100 -34.10 3.51 31.76
CA GLY C 100 -32.98 2.60 31.73
C GLY C 100 -33.38 1.19 32.11
N THR C 101 -32.87 0.22 31.36
CA THR C 101 -33.16 -1.19 31.59
C THR C 101 -31.86 -1.95 31.85
N ARG C 102 -31.83 -2.71 32.96
CA ARG C 102 -30.69 -3.50 33.38
C ARG C 102 -30.87 -4.94 32.89
N LEU C 103 -29.89 -5.47 32.16
CA LEU C 103 -29.99 -6.88 31.69
C LEU C 103 -29.08 -7.75 32.53
N GLU C 104 -29.58 -8.92 32.90
CA GLU C 104 -28.79 -9.87 33.71
C GLU C 104 -28.82 -11.19 32.97
N ILE C 105 -27.66 -11.76 32.71
CA ILE C 105 -27.59 -13.03 31.96
C ILE C 105 -27.58 -14.11 33.02
N LYS C 106 -28.41 -15.10 32.86
CA LYS C 106 -28.60 -16.16 33.82
C LYS C 106 -27.49 -17.21 33.78
N ARG C 107 -27.40 -17.99 34.85
CA ARG C 107 -26.34 -18.99 35.03
C ARG C 107 -26.92 -20.21 35.74
N THR C 108 -26.17 -21.30 35.70
CA THR C 108 -26.52 -22.42 36.56
C THR C 108 -26.35 -21.94 38.00
N VAL C 109 -27.23 -22.41 38.89
CA VAL C 109 -27.18 -21.93 40.27
C VAL C 109 -25.80 -22.21 40.84
N ALA C 110 -25.13 -21.14 41.28
CA ALA C 110 -23.78 -21.24 41.82
C ALA C 110 -23.76 -20.69 43.23
N ALA C 111 -22.97 -21.33 44.08
CA ALA C 111 -22.94 -21.03 45.50
C ALA C 111 -21.77 -20.12 45.85
N PRO C 112 -21.92 -19.35 46.92
CA PRO C 112 -20.86 -18.42 47.33
C PRO C 112 -19.66 -19.13 47.95
N SER C 113 -18.47 -18.61 47.63
CA SER C 113 -17.23 -18.98 48.30
C SER C 113 -17.06 -18.08 49.52
N VAL C 114 -17.39 -18.58 50.70
CA VAL C 114 -17.45 -17.74 51.89
C VAL C 114 -16.08 -17.69 52.56
N PHE C 115 -15.55 -16.49 52.74
CA PHE C 115 -14.27 -16.25 53.39
C PHE C 115 -14.45 -15.20 54.48
N ILE C 116 -13.97 -15.48 55.68
CA ILE C 116 -14.07 -14.56 56.80
C ILE C 116 -12.69 -13.98 57.10
N PHE C 117 -12.64 -12.67 57.32
CA PHE C 117 -11.40 -11.95 57.57
C PHE C 117 -11.47 -11.29 58.94
N PRO C 118 -10.53 -11.54 59.85
CA PRO C 118 -10.60 -10.93 61.17
C PRO C 118 -10.00 -9.54 61.16
N PRO C 119 -10.28 -8.72 62.17
CA PRO C 119 -9.79 -7.33 62.16
C PRO C 119 -8.28 -7.24 62.06
N SER C 120 -7.83 -6.14 61.48
CA SER C 120 -6.41 -5.85 61.41
C SER C 120 -5.94 -5.35 62.76
N ASP C 121 -4.73 -5.75 63.14
CA ASP C 121 -4.16 -5.23 64.37
C ASP C 121 -4.04 -3.72 64.26
N GLU C 122 -3.89 -3.22 63.05
CA GLU C 122 -3.94 -1.78 62.84
C GLU C 122 -5.31 -1.21 63.22
N GLN C 123 -6.42 -1.81 62.77
CA GLN C 123 -7.71 -1.36 63.32
C GLN C 123 -7.82 -1.58 64.81
N LEU C 124 -7.30 -2.70 65.31
CA LEU C 124 -7.46 -2.90 66.74
C LEU C 124 -6.92 -1.69 67.50
N LYS C 125 -5.81 -1.11 67.06
CA LYS C 125 -5.25 0.07 67.71
C LYS C 125 -6.10 1.33 67.55
N SER C 126 -6.90 1.43 66.48
CA SER C 126 -7.64 2.67 66.24
C SER C 126 -8.78 2.86 67.23
N GLY C 127 -9.35 1.77 67.74
CA GLY C 127 -10.50 1.83 68.62
C GLY C 127 -11.75 1.26 68.00
N THR C 128 -11.69 0.86 66.74
CA THR C 128 -12.79 0.20 66.05
C THR C 128 -12.27 -1.05 65.36
N ALA C 129 -13.13 -2.05 65.22
CA ALA C 129 -12.74 -3.31 64.61
C ALA C 129 -13.84 -3.75 63.66
N SER C 130 -13.43 -4.15 62.45
CA SER C 130 -14.39 -4.52 61.41
C SER C 130 -14.05 -5.91 60.89
N VAL C 131 -15.01 -6.82 60.98
CA VAL C 131 -14.86 -8.19 60.51
C VAL C 131 -15.61 -8.31 59.18
N VAL C 132 -14.93 -8.79 58.16
CA VAL C 132 -15.49 -8.83 56.81
C VAL C 132 -15.77 -10.27 56.42
N CYS C 133 -16.94 -10.51 55.84
CA CYS C 133 -17.34 -11.81 55.32
C CYS C 133 -17.56 -11.68 53.82
N LEU C 134 -16.73 -12.37 53.05
CA LEU C 134 -16.78 -12.28 51.59
C LEU C 134 -17.53 -13.47 51.03
N LEU C 135 -18.58 -13.20 50.28
CA LEU C 135 -19.33 -14.29 49.62
C LEU C 135 -18.96 -14.13 48.17
N ASN C 136 -18.07 -14.97 47.65
CA ASN C 136 -17.54 -14.73 46.30
C ASN C 136 -18.17 -15.57 45.21
N ASN C 137 -18.26 -15.01 44.00
CA ASN C 137 -18.75 -15.73 42.80
C ASN C 137 -19.97 -16.59 43.12
N PHE C 138 -21.15 -16.03 42.96
CA PHE C 138 -22.42 -16.79 43.19
C PHE C 138 -23.55 -16.23 42.35
N TYR C 139 -24.58 -17.03 42.04
CA TYR C 139 -25.79 -16.61 41.28
C TYR C 139 -26.99 -17.45 41.71
N PRO C 140 -28.09 -16.90 42.25
CA PRO C 140 -28.53 -15.53 42.02
C PRO C 140 -28.04 -14.46 43.00
N ARG C 141 -28.45 -13.19 42.82
CA ARG C 141 -28.04 -12.11 43.71
C ARG C 141 -28.50 -12.38 45.15
N GLU C 142 -29.73 -12.86 45.32
CA GLU C 142 -30.32 -13.01 46.64
C GLU C 142 -29.45 -13.90 47.52
N ALA C 143 -29.00 -13.35 48.65
CA ALA C 143 -28.20 -14.07 49.62
C ALA C 143 -28.46 -13.47 51.00
N LYS C 144 -28.60 -14.34 52.00
CA LYS C 144 -28.84 -13.90 53.36
C LYS C 144 -27.58 -14.16 54.17
N VAL C 145 -26.99 -13.08 54.67
CA VAL C 145 -25.78 -13.14 55.48
C VAL C 145 -26.19 -12.68 56.87
N GLN C 146 -26.26 -13.62 57.81
CA GLN C 146 -26.61 -13.32 59.18
C GLN C 146 -25.40 -13.58 60.08
N TRP C 147 -25.06 -12.57 60.88
CA TRP C 147 -23.87 -12.57 61.72
C TRP C 147 -24.17 -13.11 63.11
N LYS C 148 -23.20 -13.85 63.66
CA LYS C 148 -23.30 -14.43 64.99
C LYS C 148 -22.01 -14.21 65.77
N VAL C 149 -22.14 -13.68 66.98
CA VAL C 149 -21.02 -13.45 67.89
C VAL C 149 -21.25 -14.31 69.13
N ASP C 150 -20.32 -15.24 69.38
CA ASP C 150 -20.48 -16.25 70.43
C ASP C 150 -21.87 -16.90 70.35
N ASN C 151 -22.23 -17.32 69.14
CA ASN C 151 -23.52 -17.95 68.85
C ASN C 151 -24.68 -17.03 69.21
N ALA C 152 -24.55 -15.75 68.88
CA ALA C 152 -25.58 -14.75 69.16
C ALA C 152 -25.65 -13.72 68.04
N LEU C 153 -26.88 -13.35 67.67
CA LEU C 153 -27.14 -12.50 66.52
C LEU C 153 -26.75 -11.04 66.79
N GLN C 154 -25.83 -10.52 65.98
CA GLN C 154 -25.46 -9.10 66.04
C GLN C 154 -26.18 -8.34 64.94
N SER C 155 -26.88 -7.28 65.31
CA SER C 155 -27.71 -6.52 64.37
C SER C 155 -27.49 -5.02 64.55
N GLY C 156 -27.83 -4.28 63.49
CA GLY C 156 -27.77 -2.83 63.49
C GLY C 156 -26.41 -2.24 63.22
N ASN C 157 -25.37 -3.06 63.07
CA ASN C 157 -24.01 -2.61 62.84
C ASN C 157 -23.43 -3.18 61.57
N SER C 158 -24.19 -3.99 60.83
CA SER C 158 -23.70 -4.73 59.69
C SER C 158 -24.02 -3.97 58.42
N GLN C 159 -23.05 -3.92 57.52
CA GLN C 159 -23.20 -3.29 56.23
C GLN C 159 -22.61 -4.20 55.17
N GLU C 160 -23.26 -4.24 54.01
CA GLU C 160 -22.87 -5.15 52.96
C GLU C 160 -22.90 -4.43 51.62
N SER C 161 -22.08 -4.90 50.69
CA SER C 161 -22.00 -4.34 49.36
C SER C 161 -21.92 -5.47 48.34
N VAL C 162 -22.73 -5.40 47.29
CA VAL C 162 -22.79 -6.42 46.27
C VAL C 162 -22.28 -5.83 44.97
N THR C 163 -21.50 -6.62 44.23
CA THR C 163 -20.92 -6.16 42.98
C THR C 163 -21.93 -6.30 41.85
N GLU C 164 -21.58 -5.75 40.69
CA GLU C 164 -22.42 -5.96 39.53
C GLU C 164 -22.10 -7.31 38.92
N GLN C 165 -22.95 -7.77 38.01
CA GLN C 165 -22.75 -9.08 37.42
C GLN C 165 -21.45 -9.13 36.64
N ASP C 166 -20.82 -10.31 36.62
CA ASP C 166 -19.54 -10.48 35.97
C ASP C 166 -19.72 -10.62 34.47
N SER C 167 -18.72 -10.15 33.73
CA SER C 167 -18.77 -10.22 32.28
C SER C 167 -18.34 -11.59 31.75
N LYS C 168 -18.07 -12.54 32.63
CA LYS C 168 -17.48 -13.80 32.24
C LYS C 168 -18.14 -14.98 32.96
N ASP C 169 -18.40 -14.84 34.26
CA ASP C 169 -18.98 -15.93 35.03
C ASP C 169 -20.45 -15.72 35.31
N SER C 170 -21.01 -14.57 34.94
CA SER C 170 -22.41 -14.26 35.19
C SER C 170 -22.71 -14.41 36.69
N THR C 171 -21.74 -14.02 37.52
CA THR C 171 -21.79 -14.19 38.97
C THR C 171 -21.60 -12.86 39.69
N TYR C 172 -22.22 -12.76 40.86
CA TYR C 172 -22.07 -11.62 41.74
C TYR C 172 -21.06 -11.92 42.85
N SER C 173 -20.81 -10.92 43.70
CA SER C 173 -19.98 -11.07 44.89
C SER C 173 -20.46 -10.10 45.96
N LEU C 174 -20.37 -10.53 47.21
CA LEU C 174 -20.87 -9.77 48.35
C LEU C 174 -19.74 -9.55 49.35
N SER C 175 -19.87 -8.48 50.14
CA SER C 175 -18.84 -8.10 51.13
C SER C 175 -19.55 -7.50 52.34
N SER C 176 -19.88 -8.35 53.30
CA SER C 176 -20.45 -7.87 54.55
C SER C 176 -19.38 -7.27 55.44
N THR C 177 -19.78 -6.30 56.27
CA THR C 177 -18.85 -5.58 57.12
C THR C 177 -19.48 -5.40 58.50
N LEU C 178 -18.88 -6.01 59.51
CA LEU C 178 -19.34 -5.91 60.89
C LEU C 178 -18.41 -4.96 61.63
N THR C 179 -18.84 -3.72 61.80
CA THR C 179 -18.05 -2.70 62.48
C THR C 179 -18.44 -2.69 63.96
N LEU C 180 -17.50 -3.06 64.81
CA LEU C 180 -17.67 -3.06 66.25
C LEU C 180 -16.67 -2.11 66.89
N SER C 181 -16.80 -1.95 68.20
CA SER C 181 -15.85 -1.16 68.98
C SER C 181 -14.73 -2.08 69.46
N LYS C 182 -13.53 -1.50 69.62
CA LYS C 182 -12.41 -2.29 70.12
C LYS C 182 -12.74 -2.96 71.44
N ALA C 183 -13.47 -2.26 72.31
CA ALA C 183 -13.91 -2.84 73.57
C ALA C 183 -14.82 -4.04 73.34
N ASP C 184 -15.79 -3.92 72.44
CA ASP C 184 -16.77 -4.98 72.26
C ASP C 184 -16.15 -6.18 71.55
N TYR C 185 -15.05 -5.98 70.84
CA TYR C 185 -14.33 -7.07 70.22
C TYR C 185 -13.53 -7.86 71.25
N GLU C 186 -12.87 -7.16 72.17
CA GLU C 186 -12.04 -7.82 73.16
C GLU C 186 -12.86 -8.55 74.22
N LYS C 187 -14.15 -8.21 74.35
CA LYS C 187 -15.06 -8.88 75.28
C LYS C 187 -15.60 -10.21 74.76
N HIS C 188 -15.27 -10.62 73.52
CA HIS C 188 -15.76 -11.87 72.93
C HIS C 188 -14.64 -12.50 72.14
N LYS C 189 -14.73 -13.81 71.89
CA LYS C 189 -13.71 -14.55 71.16
C LYS C 189 -14.19 -15.25 69.90
N VAL C 190 -15.42 -15.75 69.86
CA VAL C 190 -15.93 -16.53 68.73
C VAL C 190 -16.82 -15.65 67.87
N TYR C 191 -16.39 -15.37 66.64
CA TYR C 191 -17.14 -14.58 65.67
C TYR C 191 -17.36 -15.41 64.41
N ALA C 192 -18.61 -15.51 63.99
CA ALA C 192 -19.02 -16.39 62.91
C ALA C 192 -19.68 -15.58 61.80
N CYS C 193 -20.08 -16.28 60.74
CA CYS C 193 -20.77 -15.67 59.61
C CYS C 193 -21.61 -16.76 58.99
N GLU C 194 -22.93 -16.69 59.17
CA GLU C 194 -23.83 -17.72 58.67
C GLU C 194 -24.39 -17.23 57.33
N VAL C 195 -24.22 -18.05 56.30
CA VAL C 195 -24.57 -17.68 54.94
C VAL C 195 -25.61 -18.66 54.44
N THR C 196 -26.79 -18.15 54.09
CA THR C 196 -27.89 -18.94 53.57
C THR C 196 -28.13 -18.52 52.12
N HIS C 197 -27.94 -19.46 51.20
CA HIS C 197 -28.06 -19.18 49.77
C HIS C 197 -28.92 -20.28 49.14
N GLN C 198 -29.28 -20.04 47.87
CA GLN C 198 -30.09 -21.01 47.15
C GLN C 198 -29.28 -22.25 46.78
N GLY C 199 -28.05 -22.05 46.28
CA GLY C 199 -27.24 -23.17 45.84
C GLY C 199 -26.83 -24.11 46.95
N LEU C 200 -26.88 -23.67 48.20
CA LEU C 200 -26.49 -24.47 49.36
C LEU C 200 -27.65 -25.30 49.90
N SER C 201 -27.31 -26.46 50.45
CA SER C 201 -28.29 -27.29 51.16
C SER C 201 -28.43 -26.90 52.62
N SER C 202 -27.31 -26.62 53.30
CA SER C 202 -27.25 -26.14 54.67
C SER C 202 -26.38 -24.90 54.74
N PRO C 203 -26.68 -23.95 55.63
CA PRO C 203 -25.87 -22.73 55.72
C PRO C 203 -24.41 -23.01 56.01
N VAL C 204 -23.53 -22.31 55.30
CA VAL C 204 -22.08 -22.43 55.49
C VAL C 204 -21.66 -21.37 56.51
N THR C 205 -21.27 -21.84 57.69
CA THR C 205 -20.96 -21.00 58.85
C THR C 205 -19.45 -20.95 59.12
N LYS C 206 -18.73 -20.00 58.51
CA LYS C 206 -17.32 -19.84 58.85
C LYS C 206 -17.21 -19.02 60.13
N SER C 207 -16.27 -19.41 60.98
CA SER C 207 -16.04 -18.72 62.24
C SER C 207 -14.53 -18.69 62.48
N PHE C 208 -14.09 -17.64 63.17
CA PHE C 208 -12.75 -17.57 63.70
C PHE C 208 -12.85 -17.36 65.21
N ASN C 209 -11.83 -17.80 65.92
CA ASN C 209 -11.69 -17.58 67.35
C ASN C 209 -10.55 -16.58 67.54
N ARG C 210 -10.70 -15.60 68.45
CA ARG C 210 -9.66 -14.58 68.60
C ARG C 210 -8.29 -15.19 68.87
N GLY C 211 -7.34 -14.77 68.04
CA GLY C 211 -5.99 -15.23 68.06
C GLY C 211 -5.70 -16.15 66.89
N GLU C 212 -4.77 -17.07 67.15
CA GLU C 212 -4.31 -18.08 66.21
C GLU C 212 -4.31 -17.63 64.75
N GLN D 1 12.37 8.29 -2.07
CA GLN D 1 12.65 9.72 -2.16
C GLN D 1 13.89 10.10 -1.37
N VAL D 2 15.07 9.95 -1.97
CA VAL D 2 16.30 10.37 -1.25
C VAL D 2 16.47 11.87 -1.46
N GLN D 3 17.02 12.57 -0.46
CA GLN D 3 17.12 14.05 -0.57
C GLN D 3 18.18 14.61 0.37
N LEU D 4 19.01 15.51 -0.13
CA LEU D 4 20.05 16.16 0.68
C LEU D 4 19.97 17.66 0.43
N LEU D 5 19.37 18.40 1.36
CA LEU D 5 19.28 19.86 1.28
C LEU D 5 20.45 20.48 2.02
N GLU D 6 21.23 21.29 1.32
CA GLU D 6 22.34 22.04 1.91
C GLU D 6 21.93 23.46 2.27
N SER D 7 22.57 23.97 3.32
CA SER D 7 22.38 25.34 3.77
C SER D 7 23.63 25.76 4.52
N GLY D 8 23.85 27.06 4.59
CA GLY D 8 24.94 27.60 5.36
C GLY D 8 25.98 28.36 4.56
N GLY D 9 25.96 28.32 3.23
CA GLY D 9 26.96 29.03 2.46
C GLY D 9 26.67 30.52 2.32
N GLY D 10 27.66 31.25 1.81
CA GLY D 10 27.49 32.67 1.57
C GLY D 10 28.85 33.37 1.52
N LEU D 11 28.81 34.67 1.79
CA LEU D 11 30.00 35.51 1.76
C LEU D 11 30.51 35.72 3.18
N VAL D 12 31.80 35.45 3.37
CA VAL D 12 32.46 35.69 4.66
C VAL D 12 33.83 36.28 4.36
N LYS D 13 34.41 36.90 5.36
CA LYS D 13 35.72 37.49 5.19
C LYS D 13 36.79 36.47 5.55
N PRO D 14 38.03 36.68 5.12
CA PRO D 14 39.12 35.74 5.47
C PRO D 14 39.21 35.52 6.97
N GLY D 15 39.57 34.29 7.33
CA GLY D 15 39.54 33.93 8.73
C GLY D 15 38.15 33.79 9.29
N GLY D 16 37.15 33.86 8.43
CA GLY D 16 35.78 33.83 8.94
C GLY D 16 35.35 32.46 9.37
N SER D 17 34.05 32.18 9.20
CA SER D 17 33.51 30.89 9.66
C SER D 17 32.13 30.71 9.08
N LEU D 18 31.92 29.63 8.35
CA LEU D 18 30.58 29.33 7.84
C LEU D 18 30.27 27.90 8.29
N ARG D 19 29.07 27.63 8.78
CA ARG D 19 28.66 26.28 9.15
C ARG D 19 27.68 25.73 8.13
N LEU D 20 28.15 24.80 7.31
CA LEU D 20 27.31 24.17 6.32
C LEU D 20 26.55 23.02 6.95
N SER D 21 25.24 22.93 6.66
CA SER D 21 24.43 21.84 7.13
C SER D 21 23.92 21.05 5.93
N CYS D 22 23.72 19.75 6.13
CA CYS D 22 23.21 18.86 5.08
C CYS D 22 22.13 17.99 5.70
N ALA D 23 20.87 18.28 5.39
CA ALA D 23 19.74 17.56 5.96
C ALA D 23 19.41 16.37 5.06
N ALA D 24 19.50 15.17 5.63
CA ALA D 24 19.21 13.95 4.90
C ALA D 24 17.78 13.50 5.16
N SER D 25 17.22 12.77 4.20
CA SER D 25 15.87 12.25 4.32
C SER D 25 15.64 11.19 3.26
N GLY D 26 15.03 10.08 3.66
CA GLY D 26 14.62 9.04 2.73
C GLY D 26 15.34 7.72 2.87
N PHE D 27 16.41 7.66 3.68
CA PHE D 27 17.17 6.42 3.84
C PHE D 27 17.55 6.28 5.31
N THR D 28 18.36 5.27 5.60
CA THR D 28 18.93 5.07 6.94
C THR D 28 20.27 5.82 6.99
N PHE D 29 20.33 6.97 7.65
CA PHE D 29 21.57 7.76 7.62
C PHE D 29 22.72 6.96 8.24
N ARG D 30 22.45 6.26 9.34
CA ARG D 30 23.51 5.55 10.09
C ARG D 30 24.00 4.32 9.35
N ASP D 31 23.49 4.06 8.17
CA ASP D 31 24.01 2.92 7.39
C ASP D 31 24.76 3.49 6.20
N TYR D 32 24.89 4.81 6.08
CA TYR D 32 25.71 5.36 4.97
C TYR D 32 26.70 6.41 5.47
N TYR D 33 27.97 6.21 5.11
CA TYR D 33 29.02 7.22 5.44
C TYR D 33 28.61 8.52 4.76
N MET D 34 28.89 9.66 5.37
CA MET D 34 28.54 10.89 4.63
C MET D 34 29.78 11.73 4.43
N SER D 35 29.94 12.24 3.22
CA SER D 35 31.16 12.96 2.88
C SER D 35 30.80 14.34 2.35
N TRP D 36 31.76 15.24 2.30
CA TRP D 36 31.53 16.59 1.73
C TRP D 36 32.50 16.76 0.56
N ILE D 37 32.07 17.43 -0.50
CA ILE D 37 32.93 17.61 -1.70
C ILE D 37 32.76 19.07 -2.16
N ARG D 38 33.77 19.66 -2.80
CA ARG D 38 33.69 21.08 -3.22
C ARG D 38 34.26 21.20 -4.64
N GLU D 39 33.57 21.92 -5.51
CA GLU D 39 34.10 22.15 -6.88
C GLU D 39 34.44 23.63 -7.01
N ALA D 40 35.73 23.91 -7.09
CA ALA D 40 36.17 25.29 -7.22
C ALA D 40 35.58 25.79 -8.51
N PRO D 41 35.29 27.09 -8.66
CA PRO D 41 34.63 27.51 -9.85
C PRO D 41 35.59 27.10 -10.97
N GLY D 42 35.13 26.20 -11.84
CA GLY D 42 35.95 25.80 -12.98
C GLY D 42 37.35 25.34 -12.59
N LYS D 43 37.49 24.61 -11.49
CA LYS D 43 38.84 24.09 -11.18
C LYS D 43 38.82 22.60 -10.82
N GLY D 44 37.72 21.91 -11.06
CA GLY D 44 37.76 20.46 -10.83
C GLY D 44 37.30 20.07 -9.45
N LEU D 45 36.91 18.81 -9.28
CA LEU D 45 36.32 18.40 -7.99
C LEU D 45 37.40 18.09 -6.95
N GLU D 46 37.11 18.36 -5.67
CA GLU D 46 38.06 18.10 -4.57
C GLU D 46 37.24 17.62 -3.38
N TRP D 47 37.80 16.76 -2.55
CA TRP D 47 37.03 16.18 -1.44
C TRP D 47 37.52 16.82 -0.17
N VAL D 48 36.69 17.64 0.47
CA VAL D 48 37.07 18.32 1.73
C VAL D 48 37.11 17.32 2.89
N ALA D 49 36.09 16.48 3.03
CA ALA D 49 36.05 15.61 4.21
C ALA D 49 35.14 14.40 4.06
N SER D 50 35.22 13.44 4.98
CA SER D 50 34.30 12.27 4.97
C SER D 50 34.19 11.68 6.38
N ILE D 51 32.99 11.53 6.94
CA ILE D 51 32.93 11.00 8.32
C ILE D 51 32.73 9.50 8.29
N SER D 52 31.78 9.04 9.09
CA SER D 52 31.53 7.60 9.23
C SER D 52 30.09 7.45 9.70
N ARG D 53 29.68 6.25 10.05
CA ARG D 53 28.26 6.07 10.40
C ARG D 53 28.09 6.43 11.87
N SER D 54 29.17 6.44 12.65
CA SER D 54 29.07 6.72 14.08
C SER D 54 29.82 7.98 14.50
N GLY D 55 30.56 8.62 13.59
CA GLY D 55 31.37 9.77 13.96
C GLY D 55 32.65 9.41 14.69
N THR D 56 33.04 8.14 14.65
CA THR D 56 34.25 7.67 15.30
C THR D 56 35.48 7.75 14.41
N THR D 57 35.27 7.41 13.15
CA THR D 57 36.38 7.45 12.20
C THR D 57 36.10 8.56 11.25
N ILE D 58 36.91 9.61 11.31
CA ILE D 58 36.70 10.82 10.48
C ILE D 58 38.01 11.10 9.73
N TYR D 59 37.92 11.43 8.44
CA TYR D 59 39.13 11.68 7.63
C TYR D 59 38.91 12.97 6.92
N TYR D 60 39.96 13.76 6.73
CA TYR D 60 39.85 15.10 6.11
C TYR D 60 40.87 15.21 5.00
N ALA D 61 41.05 16.42 4.46
CA ALA D 61 41.97 16.63 3.33
C ALA D 61 43.13 17.48 3.77
N ASP D 62 44.29 17.27 3.16
CA ASP D 62 45.50 17.94 3.67
C ASP D 62 45.57 19.40 3.24
N SER D 63 44.54 19.94 2.61
CA SER D 63 44.57 21.37 2.29
C SER D 63 43.65 22.08 3.26
N VAL D 64 42.62 21.38 3.70
CA VAL D 64 41.68 21.91 4.72
C VAL D 64 41.94 21.31 6.09
N LYS D 65 42.91 20.42 6.23
CA LYS D 65 43.10 19.71 7.52
C LYS D 65 43.42 20.68 8.64
N GLY D 66 43.01 20.31 9.84
CA GLY D 66 43.24 21.12 11.01
C GLY D 66 42.38 22.37 11.09
N ARG D 67 41.73 22.76 10.01
CA ARG D 67 40.93 23.98 9.97
C ARG D 67 39.45 23.66 9.93
N PHE D 68 39.00 22.87 8.96
CA PHE D 68 37.59 22.50 8.90
C PHE D 68 37.33 21.34 9.86
N THR D 69 36.10 21.22 10.32
CA THR D 69 35.71 20.10 11.16
C THR D 69 34.34 19.59 10.76
N ILE D 70 34.25 18.28 10.46
CA ILE D 70 33.01 17.63 10.09
C ILE D 70 32.45 16.89 11.31
N SER D 71 31.14 16.78 11.36
CA SER D 71 30.44 16.15 12.48
C SER D 71 29.09 15.69 11.98
N ARG D 72 28.39 14.91 12.81
CA ARG D 72 27.07 14.45 12.40
C ARG D 72 26.20 14.17 13.60
N ASP D 73 24.90 14.40 13.41
CA ASP D 73 23.86 14.04 14.37
C ASP D 73 22.93 13.06 13.65
N ASN D 74 23.05 11.79 13.99
CA ASN D 74 22.34 10.74 13.26
C ASN D 74 20.89 10.60 13.70
N ALA D 75 20.45 11.33 14.73
CA ALA D 75 19.05 11.26 15.16
C ALA D 75 18.20 12.33 14.49
N LYS D 76 18.73 13.53 14.30
CA LYS D 76 18.08 14.55 13.50
C LYS D 76 18.46 14.44 12.04
N ASN D 77 19.19 13.39 11.68
CA ASN D 77 19.58 13.04 10.31
C ASN D 77 20.15 14.24 9.55
N SER D 78 21.19 14.83 10.12
CA SER D 78 21.87 15.95 9.48
C SER D 78 23.38 15.76 9.59
N LEU D 79 24.10 16.44 8.71
CA LEU D 79 25.55 16.41 8.66
C LEU D 79 26.06 17.84 8.56
N TYR D 80 27.16 18.15 9.26
CA TYR D 80 27.65 19.50 9.34
C TYR D 80 29.14 19.56 9.05
N LEU D 81 29.58 20.69 8.51
CA LEU D 81 31.01 20.95 8.28
C LEU D 81 31.29 22.39 8.66
N GLN D 82 31.90 22.58 9.83
CA GLN D 82 32.28 23.89 10.35
C GLN D 82 33.55 24.34 9.63
N MET D 83 33.45 25.44 8.88
CA MET D 83 34.55 25.90 8.02
C MET D 83 35.19 27.13 8.68
N ASN D 84 36.23 26.89 9.46
CA ASN D 84 36.96 27.94 10.16
C ASN D 84 38.21 28.35 9.39
N SER D 85 38.73 29.52 9.76
CA SER D 85 39.99 30.06 9.22
C SER D 85 40.04 29.97 7.70
N LEU D 86 38.95 30.41 7.06
CA LEU D 86 38.81 30.28 5.61
C LEU D 86 39.85 31.13 4.89
N ARG D 87 40.04 30.83 3.61
CA ARG D 87 40.97 31.53 2.75
C ARG D 87 40.33 31.72 1.38
N ALA D 88 41.00 32.45 0.51
CA ALA D 88 40.46 32.68 -0.82
C ALA D 88 40.47 31.40 -1.63
N GLU D 89 41.39 30.48 -1.31
CA GLU D 89 41.49 29.21 -2.00
C GLU D 89 40.30 28.31 -1.68
N ASP D 90 39.54 28.61 -0.64
CA ASP D 90 38.43 27.79 -0.20
C ASP D 90 37.11 28.23 -0.81
N THR D 91 37.14 29.13 -1.79
CA THR D 91 35.92 29.55 -2.50
C THR D 91 35.50 28.49 -3.49
N ALA D 92 34.30 27.94 -3.31
CA ALA D 92 33.81 26.84 -4.13
C ALA D 92 32.34 26.59 -3.83
N VAL D 93 31.73 25.72 -4.62
CA VAL D 93 30.38 25.23 -4.37
C VAL D 93 30.51 23.92 -3.63
N TYR D 94 29.89 23.83 -2.46
CA TYR D 94 30.09 22.70 -1.55
C TYR D 94 28.89 21.77 -1.60
N TYR D 95 29.13 20.50 -1.91
CA TYR D 95 28.12 19.46 -2.01
C TYR D 95 28.28 18.46 -0.87
N CYS D 96 27.17 17.81 -0.50
CA CYS D 96 27.21 16.68 0.43
C CYS D 96 26.67 15.44 -0.28
N ALA D 97 27.28 14.29 -0.02
CA ALA D 97 26.97 13.06 -0.73
C ALA D 97 26.82 11.90 0.24
N ARG D 98 26.43 10.73 -0.30
CA ARG D 98 26.36 9.48 0.46
C ARG D 98 27.40 8.50 -0.06
N ASP D 99 28.46 8.29 0.70
CA ASP D 99 29.34 7.17 0.44
C ASP D 99 28.68 5.95 1.06
N GLU D 100 28.27 4.99 0.23
CA GLU D 100 27.42 3.91 0.67
C GLU D 100 28.21 2.62 0.85
N ALA D 101 27.56 1.63 1.48
CA ALA D 101 27.94 0.23 1.38
C ALA D 101 27.37 -0.46 0.14
N SER D 102 26.07 -0.24 -0.12
CA SER D 102 25.35 -0.83 -1.25
C SER D 102 25.58 -0.11 -2.58
N SER D 103 26.31 1.00 -2.59
CA SER D 103 26.70 1.68 -3.83
C SER D 103 28.16 1.41 -4.12
N ASN D 104 28.62 0.20 -3.76
CA ASN D 104 30.04 -0.12 -3.66
C ASN D 104 30.50 0.86 -2.60
N TYR D 105 31.43 1.75 -2.87
CA TYR D 105 31.75 2.79 -1.91
C TYR D 105 31.90 4.07 -2.73
N ALA D 106 30.76 4.52 -3.26
CA ALA D 106 30.70 5.65 -4.17
C ALA D 106 29.42 6.42 -3.88
N PHE D 107 29.36 7.64 -4.40
CA PHE D 107 28.30 8.58 -4.08
C PHE D 107 27.14 8.38 -5.04
N ASP D 108 26.10 7.64 -4.62
CA ASP D 108 24.98 7.44 -5.53
C ASP D 108 24.18 8.74 -5.70
N TYR D 109 23.99 9.49 -4.61
CA TYR D 109 23.26 10.74 -4.65
C TYR D 109 24.07 11.85 -4.00
N TRP D 110 24.04 13.03 -4.61
CA TRP D 110 24.70 14.26 -4.16
C TRP D 110 23.61 15.27 -3.75
N GLY D 111 24.04 16.52 -3.46
CA GLY D 111 23.10 17.59 -3.19
C GLY D 111 23.20 18.72 -4.21
N GLN D 112 22.22 19.63 -4.15
CA GLN D 112 22.18 20.77 -5.08
C GLN D 112 23.49 21.54 -5.06
N GLY D 113 23.89 22.01 -3.88
CA GLY D 113 25.13 22.75 -3.75
C GLY D 113 24.92 24.06 -3.04
N THR D 114 25.74 24.34 -2.04
CA THR D 114 25.69 25.62 -1.36
C THR D 114 26.94 26.42 -1.70
N PRO D 115 26.81 27.68 -2.12
CA PRO D 115 27.98 28.44 -2.56
C PRO D 115 28.70 29.10 -1.39
N VAL D 116 30.03 29.01 -1.42
CA VAL D 116 30.88 29.62 -0.42
C VAL D 116 31.89 30.54 -1.11
N THR D 117 31.91 31.80 -0.69
CA THR D 117 32.83 32.80 -1.22
C THR D 117 33.61 33.42 -0.07
N VAL D 118 34.93 33.43 -0.17
CA VAL D 118 35.80 34.02 0.85
C VAL D 118 36.55 35.17 0.18
N SER D 119 36.17 36.41 0.50
CA SER D 119 36.81 37.58 -0.07
C SER D 119 36.79 38.71 0.94
N SER D 120 37.69 39.66 0.76
CA SER D 120 37.77 40.84 1.63
C SER D 120 36.86 41.97 1.15
N ALA D 121 36.14 41.77 0.05
CA ALA D 121 35.24 42.79 -0.46
C ALA D 121 33.89 42.68 0.24
N SER D 122 32.96 43.55 -0.14
CA SER D 122 31.65 43.62 0.48
C SER D 122 30.57 43.44 -0.57
N THR D 123 29.36 43.11 -0.10
CA THR D 123 28.26 42.84 -1.00
C THR D 123 27.85 44.11 -1.73
N LYS D 124 27.40 43.93 -2.98
CA LYS D 124 26.92 45.03 -3.80
C LYS D 124 25.75 44.53 -4.61
N GLY D 125 24.58 45.12 -4.40
CA GLY D 125 23.39 44.71 -5.10
C GLY D 125 23.42 45.10 -6.56
N PRO D 126 22.80 44.30 -7.40
CA PRO D 126 22.83 44.56 -8.84
C PRO D 126 21.77 45.56 -9.28
N SER D 127 22.01 46.12 -10.46
CA SER D 127 21.05 46.98 -11.14
C SER D 127 20.63 46.29 -12.43
N VAL D 128 19.35 45.95 -12.53
CA VAL D 128 18.82 45.16 -13.64
C VAL D 128 18.30 46.11 -14.70
N PHE D 129 18.79 45.95 -15.93
CA PHE D 129 18.43 46.81 -17.04
C PHE D 129 17.83 45.98 -18.18
N PRO D 130 16.66 46.35 -18.70
CA PRO D 130 15.99 45.49 -19.68
C PRO D 130 16.58 45.64 -21.08
N LEU D 131 16.93 44.50 -21.68
CA LEU D 131 17.28 44.45 -23.10
C LEU D 131 15.98 44.32 -23.90
N ALA D 132 15.55 45.42 -24.50
CA ALA D 132 14.22 45.53 -25.07
C ALA D 132 14.09 44.72 -26.37
N PRO D 133 12.88 44.16 -26.65
CA PRO D 133 12.71 43.37 -27.88
C PRO D 133 12.84 44.23 -29.11
N SER D 134 14.08 44.50 -29.50
CA SER D 134 14.35 45.27 -30.71
C SER D 134 13.86 44.50 -31.93
N SER D 135 13.31 45.23 -32.90
CA SER D 135 12.80 44.55 -34.09
C SER D 135 13.90 43.87 -34.88
N LYS D 136 15.16 44.21 -34.61
CA LYS D 136 16.26 43.62 -35.36
C LYS D 136 16.39 42.14 -35.01
N SER D 137 16.54 41.32 -36.05
CA SER D 137 16.62 39.88 -35.91
C SER D 137 17.30 39.33 -37.15
N THR D 138 17.71 38.06 -37.09
CA THR D 138 18.56 37.55 -38.16
C THR D 138 18.07 36.23 -38.75
N SER D 139 18.38 35.11 -38.11
CA SER D 139 18.18 33.80 -38.74
C SER D 139 16.70 33.51 -38.95
N GLY D 140 15.89 33.65 -37.91
CA GLY D 140 14.49 33.29 -37.98
C GLY D 140 13.59 34.50 -37.95
N GLY D 141 14.15 35.64 -37.56
CA GLY D 141 13.37 36.82 -37.31
C GLY D 141 12.47 36.75 -36.10
N THR D 142 12.66 35.77 -35.23
CA THR D 142 11.84 35.69 -34.03
C THR D 142 12.33 36.71 -33.01
N ALA D 143 11.54 36.91 -31.96
CA ALA D 143 11.79 38.01 -31.05
C ALA D 143 12.86 37.61 -30.05
N ALA D 144 13.74 38.56 -29.74
CA ALA D 144 14.83 38.33 -28.81
C ALA D 144 14.86 39.49 -27.83
N LEU D 145 14.72 39.17 -26.55
CA LEU D 145 14.75 40.17 -25.48
C LEU D 145 15.49 39.55 -24.29
N GLY D 146 15.77 40.38 -23.30
CA GLY D 146 16.49 39.89 -22.13
C GLY D 146 16.69 40.99 -21.11
N CYS D 147 17.46 40.64 -20.08
CA CYS D 147 17.81 41.57 -19.01
C CYS D 147 19.32 41.54 -18.79
N LEU D 148 19.83 42.60 -18.18
CA LEU D 148 21.25 42.79 -17.96
C LEU D 148 21.52 43.01 -16.48
N VAL D 149 21.98 41.97 -15.80
CA VAL D 149 22.42 42.08 -14.40
C VAL D 149 23.84 42.60 -14.40
N LYS D 150 24.06 43.73 -13.72
CA LYS D 150 25.34 44.39 -13.77
C LYS D 150 25.70 44.93 -12.39
N ASP D 151 27.01 45.05 -12.14
CA ASP D 151 27.57 45.64 -10.93
C ASP D 151 27.07 44.94 -9.66
N TYR D 152 27.50 43.68 -9.50
CA TYR D 152 27.16 42.93 -8.29
C TYR D 152 28.31 42.03 -7.85
N PHE D 153 28.26 41.63 -6.56
CA PHE D 153 29.19 40.73 -5.90
C PHE D 153 28.49 40.22 -4.65
N PRO D 154 28.57 38.92 -4.31
CA PRO D 154 29.29 37.78 -4.91
C PRO D 154 28.63 37.20 -6.16
N GLU D 155 29.08 36.02 -6.57
CA GLU D 155 28.70 35.45 -7.86
C GLU D 155 27.27 34.90 -7.96
N PRO D 156 26.69 34.22 -6.96
CA PRO D 156 25.46 33.48 -7.25
C PRO D 156 24.29 34.44 -7.42
N VAL D 157 23.64 34.35 -8.58
CA VAL D 157 22.39 35.05 -8.85
C VAL D 157 21.42 34.08 -9.53
N THR D 158 20.14 34.20 -9.21
CA THR D 158 19.11 33.29 -9.72
C THR D 158 18.19 34.09 -10.65
N VAL D 159 18.45 34.00 -11.95
CA VAL D 159 17.66 34.70 -12.96
C VAL D 159 16.60 33.74 -13.50
N SER D 160 15.34 34.10 -13.33
CA SER D 160 14.21 33.30 -13.80
C SER D 160 13.22 34.20 -14.53
N TRP D 161 12.72 33.71 -15.66
CA TRP D 161 11.81 34.47 -16.50
C TRP D 161 10.36 34.07 -16.23
N ASN D 162 9.48 35.07 -16.13
CA ASN D 162 8.05 34.86 -15.88
C ASN D 162 7.84 33.99 -14.66
N SER D 163 8.71 34.16 -13.66
CA SER D 163 8.57 33.48 -12.37
C SER D 163 8.45 31.96 -12.57
N GLY D 164 9.29 31.41 -13.45
CA GLY D 164 9.39 29.99 -13.64
C GLY D 164 8.60 29.42 -14.79
N ALA D 165 7.67 30.19 -15.36
CA ALA D 165 6.87 29.69 -16.47
C ALA D 165 7.70 29.58 -17.74
N LEU D 166 8.45 30.63 -18.08
CA LEU D 166 9.19 30.65 -19.33
C LEU D 166 10.49 29.87 -19.21
N THR D 167 10.73 28.97 -20.16
CA THR D 167 11.96 28.21 -20.26
C THR D 167 12.50 28.05 -21.67
N SER D 168 11.67 28.22 -22.70
CA SER D 168 12.12 28.02 -24.08
C SER D 168 13.04 29.16 -24.51
N GLY D 169 14.15 28.80 -25.14
CA GLY D 169 15.09 29.79 -25.65
C GLY D 169 15.76 30.63 -24.59
N VAL D 170 15.47 30.38 -23.31
CA VAL D 170 16.11 31.11 -22.22
C VAL D 170 17.59 30.77 -22.20
N HIS D 171 18.43 31.80 -22.17
CA HIS D 171 19.87 31.62 -22.02
C HIS D 171 20.34 32.56 -20.93
N THR D 172 20.99 32.01 -19.92
CA THR D 172 21.57 32.78 -18.82
C THR D 172 23.08 32.61 -18.90
N PHE D 173 23.76 33.66 -19.29
CA PHE D 173 25.17 33.51 -19.58
C PHE D 173 26.00 33.52 -18.30
N PRO D 174 27.17 32.87 -18.31
CA PRO D 174 28.08 33.00 -17.18
C PRO D 174 28.49 34.45 -16.98
N ALA D 175 28.56 34.87 -15.73
CA ALA D 175 28.84 36.26 -15.42
C ALA D 175 30.32 36.56 -15.61
N VAL D 176 30.62 37.59 -16.38
CA VAL D 176 31.98 38.06 -16.54
C VAL D 176 32.29 39.01 -15.40
N LEU D 177 33.47 38.86 -14.81
CA LEU D 177 33.92 39.75 -13.75
C LEU D 177 34.69 40.89 -14.40
N GLN D 178 34.10 42.08 -14.41
CA GLN D 178 34.69 43.22 -15.10
C GLN D 178 35.78 43.86 -14.22
N SER D 179 36.41 44.90 -14.76
CA SER D 179 37.55 45.52 -14.06
C SER D 179 37.15 46.13 -12.72
N SER D 180 35.90 46.58 -12.60
CA SER D 180 35.45 47.22 -11.36
C SER D 180 35.54 46.30 -10.15
N GLY D 181 35.70 45.00 -10.36
CA GLY D 181 35.61 44.02 -9.30
C GLY D 181 34.23 43.46 -9.07
N LEU D 182 33.21 44.02 -9.72
CA LEU D 182 31.85 43.52 -9.67
C LEU D 182 31.60 42.56 -10.83
N TYR D 183 30.38 42.05 -10.93
CA TYR D 183 30.02 41.06 -11.94
C TYR D 183 28.98 41.62 -12.90
N SER D 184 28.95 41.08 -14.11
CA SER D 184 27.94 41.44 -15.10
C SER D 184 27.54 40.20 -15.89
N LEU D 185 26.24 39.95 -15.98
CA LEU D 185 25.70 38.90 -16.84
C LEU D 185 24.46 39.42 -17.55
N SER D 186 24.19 38.85 -18.72
CA SER D 186 22.99 39.16 -19.48
C SER D 186 22.23 37.87 -19.75
N SER D 187 20.94 37.86 -19.44
CA SER D 187 20.08 36.69 -19.63
C SER D 187 19.00 37.03 -20.64
N VAL D 188 19.13 36.50 -21.85
CA VAL D 188 18.20 36.77 -22.93
C VAL D 188 17.29 35.57 -23.13
N VAL D 189 16.19 35.78 -23.83
CA VAL D 189 15.23 34.73 -24.14
C VAL D 189 14.76 34.91 -25.58
N THR D 190 14.60 33.79 -26.29
CA THR D 190 14.04 33.77 -27.64
C THR D 190 12.57 33.45 -27.53
N VAL D 191 11.72 34.40 -27.91
CA VAL D 191 10.28 34.26 -27.75
C VAL D 191 9.64 34.45 -29.11
N PRO D 192 8.41 33.98 -29.28
CA PRO D 192 7.69 34.24 -30.54
C PRO D 192 7.52 35.73 -30.77
N SER D 193 7.73 36.15 -32.01
CA SER D 193 7.51 37.55 -32.36
C SER D 193 6.04 37.91 -32.20
N SER D 194 5.16 36.93 -32.37
CA SER D 194 3.71 37.15 -32.34
C SER D 194 3.22 37.57 -30.96
N SER D 195 3.75 36.96 -29.89
CA SER D 195 3.22 37.10 -28.55
C SER D 195 3.82 38.27 -27.77
N LEU D 196 4.49 39.19 -28.46
CA LEU D 196 5.04 40.37 -27.79
C LEU D 196 3.96 41.20 -27.11
N GLY D 197 2.85 41.43 -27.81
CA GLY D 197 1.82 42.30 -27.26
C GLY D 197 1.08 41.72 -26.08
N THR D 198 0.76 40.43 -26.13
CA THR D 198 -0.13 39.85 -25.12
C THR D 198 0.60 39.54 -23.81
N GLN D 199 1.68 38.76 -23.88
CA GLN D 199 2.37 38.33 -22.66
C GLN D 199 3.30 39.41 -22.12
N THR D 200 3.46 39.40 -20.80
CA THR D 200 4.31 40.33 -20.06
C THR D 200 5.57 39.58 -19.65
N TYR D 201 6.70 39.96 -20.25
CA TYR D 201 7.97 39.28 -20.03
C TYR D 201 8.70 39.94 -18.87
N ILE D 202 8.97 39.16 -17.84
CA ILE D 202 9.52 39.70 -16.61
C ILE D 202 10.76 38.87 -16.25
N CYS D 203 11.84 39.52 -15.85
CA CYS D 203 13.02 38.78 -15.39
C CYS D 203 13.13 38.93 -13.88
N ASN D 204 13.15 37.80 -13.17
CA ASN D 204 13.08 37.77 -11.71
C ASN D 204 14.45 37.46 -11.12
N VAL D 205 15.31 38.47 -11.08
CA VAL D 205 16.67 38.36 -10.54
C VAL D 205 16.64 38.35 -9.01
N ASN D 206 17.49 37.54 -8.40
CA ASN D 206 17.56 37.49 -6.94
C ASN D 206 19.02 37.25 -6.57
N HIS D 207 19.55 38.09 -5.70
CA HIS D 207 20.93 37.94 -5.18
C HIS D 207 20.71 37.80 -3.68
N LYS D 208 20.48 36.58 -3.22
CA LYS D 208 20.17 36.34 -1.79
C LYS D 208 21.24 36.91 -0.89
N PRO D 209 22.55 36.71 -1.11
CA PRO D 209 23.54 37.32 -0.24
C PRO D 209 23.23 38.79 0.08
N SER D 210 22.49 39.50 -0.77
CA SER D 210 22.24 40.92 -0.54
C SER D 210 20.76 41.20 -0.34
N ASN D 211 19.95 40.15 -0.18
CA ASN D 211 18.50 40.25 0.00
C ASN D 211 17.90 41.25 -0.98
N THR D 212 18.25 41.08 -2.26
CA THR D 212 17.89 41.99 -3.35
C THR D 212 17.08 41.25 -4.42
N LYS D 213 15.77 41.13 -4.19
CA LYS D 213 14.88 40.58 -5.22
C LYS D 213 14.48 41.70 -6.19
N VAL D 214 14.60 41.43 -7.49
CA VAL D 214 14.31 42.43 -8.51
C VAL D 214 13.50 41.79 -9.63
N ASP D 215 12.37 42.41 -9.97
CA ASP D 215 11.55 42.03 -11.12
C ASP D 215 11.44 43.21 -12.07
N LYS D 216 11.79 43.00 -13.34
CA LYS D 216 11.83 44.07 -14.32
C LYS D 216 11.01 43.67 -15.53
N LYS D 217 10.15 44.59 -15.98
CA LYS D 217 9.30 44.35 -17.15
C LYS D 217 10.02 44.84 -18.39
N VAL D 218 9.82 44.13 -19.50
CA VAL D 218 10.50 44.48 -20.73
C VAL D 218 9.52 44.82 -21.84
N SER E 6 57.31 -10.90 27.72
CA SER E 6 56.15 -10.84 28.61
C SER E 6 54.86 -10.96 27.81
N ILE E 7 53.72 -10.74 28.46
CA ILE E 7 52.46 -10.78 27.73
C ILE E 7 52.39 -9.67 26.70
N GLN E 8 52.67 -8.43 27.11
CA GLN E 8 52.61 -7.34 26.14
C GLN E 8 53.61 -7.51 25.00
N THR E 9 54.81 -8.04 25.29
CA THR E 9 55.75 -8.22 24.19
C THR E 9 55.21 -9.23 23.18
N THR E 10 54.43 -10.22 23.63
CA THR E 10 53.88 -11.18 22.68
C THR E 10 52.58 -10.68 22.08
N VAL E 11 51.91 -9.70 22.70
CA VAL E 11 50.69 -9.18 22.10
C VAL E 11 51.04 -8.13 21.03
N ASN E 12 52.15 -7.42 21.20
CA ASN E 12 52.51 -6.37 20.25
C ASN E 12 52.90 -6.94 18.90
N THR E 13 53.66 -8.04 18.89
CA THR E 13 53.96 -8.68 17.60
C THR E 13 52.70 -9.30 17.02
N LEU E 14 51.79 -9.77 17.87
CA LEU E 14 50.53 -10.33 17.39
C LEU E 14 49.66 -9.26 16.77
N SER E 15 49.55 -8.11 17.43
CA SER E 15 48.80 -6.99 16.86
C SER E 15 49.50 -6.41 15.63
N GLU E 16 50.78 -6.73 15.44
CA GLU E 16 51.53 -6.31 14.26
C GLU E 16 51.70 -7.42 13.23
N ARG E 17 51.31 -8.66 13.55
CA ARG E 17 51.26 -9.70 12.53
C ARG E 17 49.89 -9.71 11.86
N ILE E 18 48.84 -9.51 12.64
CA ILE E 18 47.50 -9.34 12.09
C ILE E 18 47.48 -8.20 11.09
N SER E 19 48.12 -7.08 11.43
CA SER E 19 48.16 -5.93 10.51
C SER E 19 48.91 -6.28 9.23
N SER E 20 50.09 -6.89 9.37
CA SER E 20 50.89 -7.18 8.19
C SER E 20 50.18 -8.21 7.30
N LYS E 21 49.81 -9.36 7.87
CA LYS E 21 49.14 -10.40 7.09
C LYS E 21 47.89 -9.87 6.39
N LEU E 22 47.15 -8.98 7.04
CA LEU E 22 45.98 -8.40 6.40
C LEU E 22 46.37 -7.48 5.25
N GLU E 23 47.62 -7.02 5.23
CA GLU E 23 48.06 -6.13 4.16
C GLU E 23 48.60 -6.90 2.95
N GLN E 24 49.14 -8.12 3.13
CA GLN E 24 49.50 -8.89 1.94
C GLN E 24 48.49 -9.98 1.62
N GLU E 25 47.71 -10.46 2.58
CA GLU E 25 46.76 -11.53 2.32
C GLU E 25 45.32 -11.06 2.15
N ALA E 26 44.96 -9.85 2.60
CA ALA E 26 43.62 -9.33 2.37
C ALA E 26 43.60 -7.94 1.73
N ASN E 27 44.75 -7.45 1.34
CA ASN E 27 44.83 -6.14 0.68
C ASN E 27 44.02 -5.14 1.49
N ALA E 28 44.51 -4.78 2.67
CA ALA E 28 43.81 -3.83 3.54
C ALA E 28 44.73 -2.66 3.85
N SER E 29 44.15 -1.53 4.23
CA SER E 29 44.94 -0.35 4.61
C SER E 29 44.19 0.36 5.73
N ALA E 30 44.87 1.16 6.53
CA ALA E 30 44.23 1.88 7.64
C ALA E 30 43.21 2.85 7.08
N GLN E 31 43.50 3.36 5.89
CA GLN E 31 42.62 4.34 5.25
C GLN E 31 41.61 3.65 4.34
N THR E 32 41.56 2.32 4.35
CA THR E 32 40.55 1.60 3.53
C THR E 32 39.19 1.66 4.23
N LYS E 33 38.15 1.89 3.45
CA LYS E 33 36.81 2.08 4.01
C LYS E 33 36.31 0.76 4.57
N CYS E 34 35.40 0.83 5.53
CA CYS E 34 35.02 -0.41 6.22
C CYS E 34 33.56 -0.76 6.05
N ASP E 35 33.30 -2.01 5.71
CA ASP E 35 31.91 -2.53 5.62
C ASP E 35 31.34 -2.68 7.03
N ILE E 36 32.20 -2.75 8.06
CA ILE E 36 31.74 -2.84 9.48
C ILE E 36 32.60 -1.92 10.34
N GLU E 37 31.96 -1.13 11.21
CA GLU E 37 32.69 -0.16 12.00
C GLU E 37 32.39 -0.37 13.47
N ILE E 38 33.40 -0.08 14.30
CA ILE E 38 33.29 -0.26 15.74
C ILE E 38 32.84 1.05 16.36
N GLY E 39 31.71 1.03 17.03
CA GLY E 39 31.17 2.24 17.63
C GLY E 39 31.78 2.53 18.98
N ASN E 40 31.65 1.60 19.92
CA ASN E 40 32.17 1.78 21.26
C ASN E 40 32.89 0.52 21.72
N PHE E 41 34.01 0.71 22.42
CA PHE E 41 34.77 -0.38 23.04
C PHE E 41 34.61 -0.24 24.55
N TYR E 42 33.92 -1.21 25.16
CA TYR E 42 33.68 -1.20 26.60
C TYR E 42 34.38 -2.36 27.27
N ILE E 43 35.26 -2.06 28.22
CA ILE E 43 35.89 -3.04 29.10
C ILE E 43 35.18 -2.95 30.44
N ARG E 44 34.17 -3.81 30.65
CA ARG E 44 33.33 -3.69 31.85
C ARG E 44 34.09 -3.74 33.17
N GLN E 45 35.20 -4.47 33.25
CA GLN E 45 36.06 -4.35 34.44
C GLN E 45 37.50 -4.15 33.97
N ASN E 46 37.91 -2.90 33.80
CA ASN E 46 39.24 -2.59 33.32
C ASN E 46 40.08 -2.10 34.50
N HIS E 47 41.19 -2.79 34.75
CA HIS E 47 42.16 -2.32 35.72
C HIS E 47 43.53 -2.30 35.03
N GLY E 48 43.75 -1.29 34.18
CA GLY E 48 45.03 -1.10 33.52
C GLY E 48 45.20 -1.68 32.12
N CYS E 49 44.17 -1.60 31.27
CA CYS E 49 44.24 -2.01 29.87
C CYS E 49 43.79 -0.86 28.98
N ASN E 50 44.75 -0.26 28.27
CA ASN E 50 44.50 0.83 27.33
C ASN E 50 44.31 0.27 25.91
N ILE E 51 43.06 0.01 25.54
CA ILE E 51 42.72 -0.61 24.27
C ILE E 51 42.15 0.43 23.30
N THR E 52 42.86 0.66 22.19
CA THR E 52 42.40 1.55 21.13
C THR E 52 41.95 0.71 19.93
N VAL E 53 40.97 1.22 19.20
CA VAL E 53 40.42 0.51 18.04
C VAL E 53 41.14 0.98 16.79
N LYS E 54 41.83 0.05 16.12
CA LYS E 54 42.56 0.33 14.90
C LYS E 54 41.80 -0.18 13.70
N ASN E 55 41.71 0.62 12.65
CA ASN E 55 40.96 0.27 11.44
C ASN E 55 41.96 -0.24 10.40
N MET E 56 41.85 -1.53 10.06
CA MET E 56 42.61 -2.13 8.97
C MET E 56 41.63 -2.93 8.13
N CYS E 57 40.71 -2.22 7.47
CA CYS E 57 39.54 -2.85 6.88
C CYS E 57 39.83 -3.37 5.48
N SER E 58 39.00 -4.32 5.05
CA SER E 58 39.21 -5.06 3.81
C SER E 58 37.91 -5.73 3.41
N ALA E 59 37.94 -6.49 2.33
CA ALA E 59 36.74 -7.08 1.74
C ALA E 59 36.65 -8.59 1.84
N ASP E 60 37.72 -9.33 1.57
CA ASP E 60 37.64 -10.79 1.55
C ASP E 60 37.65 -11.30 2.99
N ALA E 61 36.45 -11.43 3.55
CA ALA E 61 36.30 -11.94 4.90
C ALA E 61 36.87 -13.34 5.01
N ASP E 62 36.70 -14.13 3.94
CA ASP E 62 37.18 -15.50 3.92
C ASP E 62 38.68 -15.54 4.15
N ALA E 63 39.39 -14.52 3.65
CA ALA E 63 40.84 -14.38 3.85
C ALA E 63 41.19 -13.61 5.12
N GLN E 64 40.35 -12.65 5.53
CA GLN E 64 40.58 -11.96 6.79
C GLN E 64 40.64 -12.96 7.93
N LEU E 65 39.69 -13.91 7.92
CA LEU E 65 39.66 -14.94 8.95
C LEU E 65 40.95 -15.75 8.94
N ASP E 66 41.42 -16.11 7.74
CA ASP E 66 42.66 -16.87 7.62
C ASP E 66 43.86 -16.06 8.07
N ALA E 67 43.83 -14.74 7.86
CA ALA E 67 44.98 -13.91 8.20
C ALA E 67 45.19 -13.84 9.70
N VAL E 68 44.10 -13.70 10.47
CA VAL E 68 44.27 -13.65 11.92
C VAL E 68 44.77 -15.00 12.42
N LEU E 69 44.28 -16.10 11.83
CA LEU E 69 44.74 -17.43 12.21
C LEU E 69 46.18 -17.68 11.79
N SER E 70 46.50 -17.39 10.53
CA SER E 70 47.89 -17.53 10.11
C SER E 70 48.80 -16.66 10.96
N ALA E 71 48.28 -15.56 11.49
CA ALA E 71 49.05 -14.77 12.45
C ALA E 71 48.99 -15.35 13.85
N ALA E 72 47.81 -15.84 14.28
CA ALA E 72 47.68 -16.39 15.63
C ALA E 72 48.52 -17.65 15.81
N THR E 73 48.50 -18.56 14.83
CA THR E 73 49.29 -19.78 14.94
C THR E 73 50.78 -19.49 14.85
N GLU E 74 51.19 -18.63 13.91
CA GLU E 74 52.60 -18.25 13.79
C GLU E 74 53.11 -17.63 15.09
N THR E 75 52.27 -16.83 15.75
CA THR E 75 52.66 -16.24 17.03
C THR E 75 52.67 -17.28 18.15
N TYR E 76 51.90 -18.37 17.98
CA TYR E 76 51.82 -19.43 18.98
C TYR E 76 53.04 -20.34 18.96
N SER E 77 53.54 -20.68 17.76
CA SER E 77 54.75 -21.50 17.68
C SER E 77 55.94 -20.82 18.31
N GLY E 78 56.07 -19.50 18.13
CA GLY E 78 57.18 -18.76 18.71
C GLY E 78 57.19 -18.69 20.23
N LEU E 79 56.15 -19.20 20.88
CA LEU E 79 56.12 -19.22 22.33
C LEU E 79 57.07 -20.28 22.87
N THR E 80 57.55 -20.06 24.09
CA THR E 80 58.42 -21.04 24.73
C THR E 80 57.57 -22.20 25.25
N PRO E 81 58.16 -23.39 25.38
CA PRO E 81 57.35 -24.55 25.82
C PRO E 81 56.63 -24.31 27.15
N GLU E 82 57.26 -23.62 28.10
CA GLU E 82 56.55 -23.28 29.32
C GLU E 82 55.57 -22.13 29.15
N GLN E 83 55.71 -21.32 28.09
CA GLN E 83 54.77 -20.22 27.89
C GLN E 83 53.50 -20.71 27.21
N LYS E 84 53.64 -21.56 26.20
CA LYS E 84 52.49 -22.16 25.53
C LYS E 84 51.76 -23.18 26.40
N ALA E 85 52.27 -23.45 27.61
CA ALA E 85 51.57 -24.33 28.53
C ALA E 85 50.45 -23.61 29.26
N TYR E 86 50.50 -22.28 29.32
CA TYR E 86 49.42 -21.51 29.94
C TYR E 86 48.20 -21.40 29.03
N VAL E 87 48.36 -21.70 27.74
CA VAL E 87 47.31 -21.48 26.74
C VAL E 87 46.08 -22.35 26.97
N PRO E 88 46.21 -23.66 27.20
CA PRO E 88 44.99 -24.47 27.41
C PRO E 88 44.10 -23.97 28.53
N ALA E 89 44.65 -23.20 29.48
CA ALA E 89 43.85 -22.57 30.51
C ALA E 89 43.13 -21.34 29.99
N MET E 90 43.78 -20.60 29.08
CA MET E 90 43.16 -19.41 28.50
C MET E 90 41.88 -19.76 27.75
N PHE E 91 41.86 -20.87 27.02
CA PHE E 91 40.64 -21.29 26.34
C PHE E 91 39.51 -21.56 27.33
N THR E 92 39.81 -22.35 28.37
CA THR E 92 38.80 -22.80 29.31
C THR E 92 38.13 -21.64 30.02
N ALA E 93 38.83 -20.52 30.18
CA ALA E 93 38.22 -19.35 30.82
C ALA E 93 37.40 -18.52 29.84
N ALA E 94 37.87 -18.35 28.60
CA ALA E 94 37.22 -17.49 27.64
C ALA E 94 36.21 -18.21 26.74
N LEU E 95 36.59 -19.37 26.20
CA LEU E 95 35.80 -20.07 25.21
C LEU E 95 35.14 -21.34 25.74
N ASN E 96 35.56 -21.82 26.91
CA ASN E 96 35.01 -23.03 27.53
C ASN E 96 35.19 -24.24 26.63
N ILE E 97 36.35 -24.33 25.99
CA ILE E 97 36.70 -25.50 25.19
C ILE E 97 37.90 -26.13 25.86
N GLN E 98 37.73 -27.37 26.32
CA GLN E 98 38.79 -28.07 27.03
C GLN E 98 39.76 -28.64 26.00
N THR E 99 41.00 -28.20 26.06
CA THR E 99 42.00 -28.54 25.06
C THR E 99 43.29 -28.95 25.74
N SER E 100 44.23 -29.39 24.92
CA SER E 100 45.57 -29.74 25.34
C SER E 100 46.56 -29.06 24.40
N VAL E 101 47.81 -28.97 24.85
CA VAL E 101 48.85 -28.28 24.09
C VAL E 101 48.94 -28.78 22.66
N ASN E 102 48.66 -30.06 22.44
CA ASN E 102 48.76 -30.61 21.09
C ASN E 102 47.54 -30.28 20.24
N THR E 103 46.39 -30.04 20.87
CA THR E 103 45.13 -29.83 20.18
C THR E 103 44.71 -28.37 20.08
N VAL E 104 45.61 -27.42 20.32
CA VAL E 104 45.21 -26.01 20.38
C VAL E 104 44.96 -25.44 18.98
N VAL E 105 45.97 -25.47 18.11
CA VAL E 105 45.89 -24.72 16.86
C VAL E 105 44.72 -25.19 16.00
N ARG E 106 44.43 -26.50 15.98
CA ARG E 106 43.27 -26.97 15.24
C ARG E 106 41.96 -26.61 15.94
N ASP E 107 41.87 -26.83 17.25
CA ASP E 107 40.61 -26.55 17.94
C ASP E 107 40.30 -25.06 17.96
N PHE E 108 41.33 -24.21 17.94
CA PHE E 108 41.09 -22.79 17.75
C PHE E 108 40.59 -22.51 16.34
N GLU E 109 41.35 -22.98 15.34
CA GLU E 109 40.94 -22.83 13.94
C GLU E 109 39.54 -23.38 13.71
N ASN E 110 39.29 -24.60 14.19
CA ASN E 110 37.99 -25.23 13.95
C ASN E 110 36.87 -24.52 14.71
N TYR E 111 37.15 -24.01 15.93
CA TYR E 111 36.14 -23.21 16.63
C TYR E 111 35.84 -21.92 15.88
N VAL E 112 36.88 -21.13 15.60
CA VAL E 112 36.69 -19.85 14.91
C VAL E 112 36.03 -20.07 13.56
N LYS E 113 36.46 -21.11 12.83
CA LYS E 113 35.89 -21.39 11.52
C LYS E 113 34.43 -21.81 11.63
N GLN E 114 34.07 -22.50 12.73
CA GLN E 114 32.70 -22.98 12.91
C GLN E 114 31.79 -21.98 13.63
N THR E 115 32.35 -21.09 14.45
CA THR E 115 31.58 -20.06 15.16
C THR E 115 31.51 -18.73 14.42
N CYS E 116 32.62 -18.29 13.85
CA CYS E 116 32.68 -16.97 13.22
C CYS E 116 32.22 -17.00 11.79
N ASN E 117 31.69 -18.14 11.33
CA ASN E 117 31.08 -18.17 10.01
C ASN E 117 29.68 -18.78 10.11
N SER E 118 29.15 -18.85 11.33
CA SER E 118 27.74 -19.17 11.54
C SER E 118 26.89 -18.05 10.97
N SER E 119 25.66 -18.39 10.55
CA SER E 119 24.79 -17.38 9.97
C SER E 119 24.49 -16.25 10.94
N ALA E 120 24.58 -16.52 12.25
CA ALA E 120 24.31 -15.48 13.23
C ALA E 120 25.37 -14.38 13.23
N VAL E 121 26.56 -14.67 12.73
CA VAL E 121 27.58 -13.60 12.64
C VAL E 121 27.64 -13.10 11.20
N VAL E 122 27.44 -13.97 10.21
CA VAL E 122 27.56 -13.59 8.78
C VAL E 122 26.36 -12.74 8.39
N ASP E 123 25.26 -12.90 9.10
CA ASP E 123 24.04 -12.15 8.72
C ASP E 123 23.62 -11.24 9.86
N ASN E 124 24.55 -10.48 10.42
CA ASN E 124 24.26 -9.53 11.54
C ASN E 124 23.37 -8.41 11.06
N LYS E 125 23.62 -7.89 9.86
CA LYS E 125 22.79 -6.79 9.29
C LYS E 125 22.94 -5.53 10.14
N LEU E 126 24.04 -5.45 10.87
CA LEU E 126 24.34 -4.23 11.62
C LEU E 126 25.65 -3.75 11.02
N LYS E 127 25.93 -2.46 11.15
CA LYS E 127 27.15 -1.91 10.57
C LYS E 127 27.85 -1.16 11.70
N ILE E 128 27.08 -0.70 12.67
CA ILE E 128 27.70 -0.06 13.86
C ILE E 128 27.77 -1.17 14.91
N GLN E 129 28.93 -1.75 15.14
CA GLN E 129 29.03 -2.89 16.06
C GLN E 129 29.78 -2.50 17.32
N ASN E 130 29.67 -3.28 18.39
CA ASN E 130 30.24 -2.94 19.68
C ASN E 130 30.95 -4.16 20.21
N VAL E 131 32.14 -3.93 20.76
CA VAL E 131 32.94 -5.02 21.37
C VAL E 131 33.02 -4.70 22.85
N ILE E 132 32.82 -5.70 23.69
CA ILE E 132 32.78 -5.45 25.15
C ILE E 132 33.64 -6.52 25.85
N ILE E 133 34.94 -6.27 25.94
CA ILE E 133 35.77 -7.26 26.69
C ILE E 133 35.31 -7.23 28.15
N ASP E 134 35.00 -8.40 28.72
CA ASP E 134 34.52 -8.50 30.07
C ASP E 134 35.59 -8.02 31.05
N GLU E 135 36.78 -8.61 31.02
CA GLU E 135 37.75 -8.23 32.03
C GLU E 135 39.16 -8.13 31.43
N CYS E 136 39.93 -7.16 31.91
CA CYS E 136 41.35 -7.00 31.49
C CYS E 136 42.12 -6.29 32.61
N TYR E 137 43.41 -6.60 32.78
CA TYR E 137 44.20 -6.04 33.91
C TYR E 137 45.56 -5.57 33.43
N GLY E 138 46.20 -4.71 34.21
CA GLY E 138 47.48 -4.17 33.73
C GLY E 138 48.56 -4.07 34.78
N ALA E 139 49.82 -4.17 34.37
CA ALA E 139 50.95 -4.00 35.29
C ALA E 139 51.11 -2.52 35.64
N PRO E 140 51.60 -2.14 36.85
CA PRO E 140 51.85 -0.74 37.19
C PRO E 140 52.95 -0.09 36.33
N GLY E 141 54.02 -0.82 36.06
CA GLY E 141 55.17 -0.25 35.32
C GLY E 141 54.85 0.17 33.90
N SER E 142 54.13 -0.64 33.15
CA SER E 142 53.72 -0.28 31.77
C SER E 142 52.23 -0.53 31.59
N PRO E 143 51.45 0.35 30.95
CA PRO E 143 50.05 0.04 30.69
C PRO E 143 50.08 -1.07 29.65
N THR E 144 49.05 -1.91 29.65
CA THR E 144 48.99 -2.96 28.62
C THR E 144 48.52 -2.29 27.35
N ASN E 145 49.42 -2.12 26.38
CA ASN E 145 49.00 -1.35 25.18
C ASN E 145 48.55 -2.35 24.12
N MET E 146 47.28 -2.30 23.76
CA MET E 146 46.73 -3.29 22.81
C MET E 146 45.97 -2.57 21.71
N GLU E 147 45.51 -3.30 20.69
CA GLU E 147 44.77 -2.75 19.56
C GLU E 147 43.74 -3.78 19.11
N PHE E 148 42.50 -3.34 18.97
CA PHE E 148 41.44 -4.18 18.39
C PHE E 148 41.33 -3.81 16.93
N ILE E 149 41.97 -4.60 16.08
CA ILE E 149 41.96 -4.35 14.65
C ILE E 149 40.58 -4.65 14.08
N ASN E 150 39.93 -3.62 13.55
CA ASN E 150 38.68 -3.81 12.83
C ASN E 150 39.02 -4.37 11.46
N THR E 151 38.57 -5.60 11.20
CA THR E 151 38.92 -6.26 9.94
C THR E 151 38.08 -5.74 8.78
N GLY E 152 36.94 -5.11 9.07
CA GLY E 152 36.06 -4.64 8.04
C GLY E 152 34.88 -5.54 7.77
N SER E 153 34.86 -6.73 8.35
CA SER E 153 33.81 -7.69 8.08
C SER E 153 33.28 -8.27 9.38
N SER E 154 32.03 -8.75 9.31
CA SER E 154 31.43 -9.35 10.50
C SER E 154 32.11 -10.65 10.87
N LYS E 155 32.61 -11.39 9.87
CA LYS E 155 33.20 -12.70 10.11
C LYS E 155 34.61 -12.58 10.67
N GLY E 156 35.37 -11.61 10.19
CA GLY E 156 36.74 -11.41 10.63
C GLY E 156 36.87 -10.75 11.98
N ASN E 157 36.02 -9.76 12.25
CA ASN E 157 36.00 -9.14 13.58
C ASN E 157 35.63 -10.15 14.66
N CYS E 158 34.83 -11.15 14.31
CA CYS E 158 34.52 -12.21 15.27
C CYS E 158 35.80 -12.92 15.73
N ALA E 159 36.73 -13.16 14.81
CA ALA E 159 37.97 -13.81 15.17
C ALA E 159 38.85 -12.91 16.03
N ILE E 160 38.89 -11.61 15.71
CA ILE E 160 39.65 -10.67 16.54
C ILE E 160 39.08 -10.63 17.94
N LYS E 161 37.75 -10.52 18.04
CA LYS E 161 37.08 -10.56 19.33
C LYS E 161 37.38 -11.87 20.05
N ALA E 162 37.40 -12.99 19.32
CA ALA E 162 37.71 -14.28 19.92
C ALA E 162 39.15 -14.31 20.44
N LEU E 163 40.09 -13.86 19.61
CA LEU E 163 41.50 -13.83 20.03
C LEU E 163 41.69 -12.88 21.21
N MET E 164 40.99 -11.75 21.20
CA MET E 164 41.11 -10.77 22.28
C MET E 164 40.65 -11.36 23.60
N GLN E 165 39.57 -12.15 23.57
CA GLN E 165 39.06 -12.83 24.76
C GLN E 165 40.10 -13.74 25.41
N LEU E 166 40.99 -14.35 24.62
CA LEU E 166 42.09 -15.10 25.23
C LEU E 166 43.14 -14.15 25.76
N THR E 167 43.49 -13.14 24.96
CA THR E 167 44.55 -12.22 25.32
C THR E 167 44.23 -11.49 26.61
N THR E 168 42.96 -11.13 26.81
CA THR E 168 42.52 -10.48 28.05
C THR E 168 42.52 -11.44 29.24
N LYS E 169 42.46 -12.74 28.99
CA LYS E 169 42.49 -13.73 30.05
C LYS E 169 43.92 -14.08 30.47
N ALA E 170 44.91 -13.58 29.73
CA ALA E 170 46.30 -13.80 30.08
C ALA E 170 46.72 -12.99 31.29
N THR E 171 46.11 -11.81 31.51
CA THR E 171 46.49 -10.99 32.65
C THR E 171 46.15 -11.67 33.97
N THR E 172 45.10 -12.48 34.01
CA THR E 172 44.73 -13.20 35.22
C THR E 172 45.53 -14.49 35.36
N ILE F 1 46.95 7.14 -5.66
CA ILE F 1 46.66 8.49 -5.17
C ILE F 1 46.31 9.39 -6.36
N GLN F 2 47.32 9.75 -7.14
CA GLN F 2 47.13 10.66 -8.27
C GLN F 2 46.50 9.93 -9.46
N LEU F 3 45.33 10.41 -9.88
CA LEU F 3 44.66 9.91 -11.07
C LEU F 3 44.84 10.92 -12.19
N THR F 4 45.35 10.47 -13.33
CA THR F 4 45.68 11.35 -14.46
C THR F 4 44.71 11.00 -15.59
N GLN F 5 43.67 11.83 -15.75
CA GLN F 5 42.57 11.54 -16.65
C GLN F 5 42.79 12.21 -18.01
N SER F 6 42.67 11.41 -19.07
CA SER F 6 42.86 11.84 -20.45
C SER F 6 41.89 11.10 -21.36
N PRO F 7 41.37 11.75 -22.41
CA PRO F 7 41.67 13.13 -22.84
C PRO F 7 40.88 14.17 -22.06
N SER F 8 41.47 15.37 -21.92
CA SER F 8 40.83 16.45 -21.20
C SER F 8 39.68 17.08 -21.99
N SER F 9 39.63 16.89 -23.31
CA SER F 9 38.55 17.43 -24.13
C SER F 9 38.37 16.53 -25.35
N VAL F 10 37.19 15.93 -25.47
CA VAL F 10 36.89 15.03 -26.58
C VAL F 10 35.58 15.46 -27.21
N SER F 11 35.41 15.14 -28.49
CA SER F 11 34.22 15.55 -29.24
C SER F 11 33.92 14.49 -30.30
N ALA F 12 32.76 13.86 -30.19
CA ALA F 12 32.30 12.87 -31.16
C ALA F 12 30.82 13.05 -31.45
N SER F 13 30.44 12.59 -32.64
CA SER F 13 29.11 12.81 -33.19
C SER F 13 28.06 11.92 -32.53
N VAL F 14 26.80 12.21 -32.84
CA VAL F 14 25.71 11.38 -32.34
C VAL F 14 25.81 10.03 -33.05
N GLY F 15 25.80 8.97 -32.28
CA GLY F 15 25.87 7.61 -32.77
C GLY F 15 27.26 7.01 -32.82
N ASP F 16 28.30 7.79 -32.49
CA ASP F 16 29.65 7.25 -32.43
C ASP F 16 30.02 7.15 -30.95
N GLY F 17 31.25 6.70 -30.68
CA GLY F 17 31.67 6.38 -29.33
C GLY F 17 32.82 7.25 -28.86
N VAL F 18 32.89 7.46 -27.55
CA VAL F 18 34.00 8.17 -26.92
C VAL F 18 34.56 7.32 -25.79
N THR F 19 35.88 7.41 -25.64
CA THR F 19 36.64 6.67 -24.63
C THR F 19 37.43 7.62 -23.74
N ILE F 20 37.15 7.57 -22.44
CA ILE F 20 37.88 8.43 -21.48
C ILE F 20 38.73 7.50 -20.63
N THR F 21 40.00 7.84 -20.40
CA THR F 21 40.93 6.99 -19.69
C THR F 21 41.37 7.64 -18.38
N CYS F 22 41.42 6.85 -17.31
CA CYS F 22 41.80 7.34 -15.98
C CYS F 22 43.04 6.59 -15.52
N ARG F 23 44.19 7.05 -16.00
CA ARG F 23 45.46 6.43 -15.64
C ARG F 23 45.77 6.77 -14.19
N ALA F 24 45.85 5.77 -13.33
CA ALA F 24 46.12 6.04 -11.90
C ALA F 24 47.59 5.89 -11.61
N SER F 25 47.94 5.72 -10.34
CA SER F 25 49.37 5.65 -9.95
C SER F 25 49.59 4.38 -9.17
N GLN F 26 49.51 4.49 -7.85
CA GLN F 26 49.60 3.28 -7.02
C GLN F 26 48.51 2.39 -7.57
N PRO F 27 48.72 1.08 -7.75
CA PRO F 27 47.63 0.29 -8.25
C PRO F 27 46.51 0.55 -7.24
N ILE F 28 45.35 0.97 -7.71
CA ILE F 28 44.23 1.34 -6.78
C ILE F 28 43.35 0.11 -6.61
N GLY F 29 43.59 -0.91 -7.42
CA GLY F 29 42.74 -2.07 -7.37
C GLY F 29 41.63 -1.97 -8.40
N THR F 30 40.47 -2.49 -8.01
CA THR F 30 39.27 -2.47 -8.84
C THR F 30 38.32 -1.33 -8.50
N TRP F 31 38.67 -0.51 -7.51
CA TRP F 31 37.77 0.50 -6.96
C TRP F 31 37.91 1.82 -7.72
N VAL F 32 37.21 1.94 -8.85
CA VAL F 32 37.12 3.21 -9.56
C VAL F 32 35.65 3.47 -9.82
N ALA F 33 35.25 4.73 -9.78
CA ALA F 33 33.89 5.11 -10.12
C ALA F 33 33.93 6.32 -11.05
N TRP F 34 32.95 6.37 -11.95
CA TRP F 34 32.85 7.45 -12.93
C TRP F 34 31.61 8.28 -12.65
N TYR F 35 31.72 9.59 -12.90
CA TYR F 35 30.68 10.54 -12.49
C TYR F 35 30.32 11.46 -13.65
N GLN F 36 29.08 11.93 -13.64
CA GLN F 36 28.54 12.82 -14.66
C GLN F 36 28.08 14.11 -14.01
N GLN F 37 28.69 15.23 -14.41
CA GLN F 37 28.23 16.55 -13.99
C GLN F 37 27.69 17.29 -15.21
N LYS F 38 26.37 17.47 -15.24
CA LYS F 38 25.78 18.30 -16.27
C LYS F 38 26.18 19.75 -16.00
N PRO F 39 26.27 20.59 -17.04
CA PRO F 39 26.70 21.97 -16.81
C PRO F 39 25.87 22.66 -15.73
N GLY F 40 26.54 23.08 -14.66
CA GLY F 40 25.84 23.76 -13.56
C GLY F 40 24.82 22.94 -12.82
N LYS F 41 25.09 21.65 -12.59
CA LYS F 41 24.17 20.78 -11.87
C LYS F 41 24.98 19.80 -11.02
N ALA F 42 24.32 19.22 -10.03
CA ALA F 42 25.00 18.33 -9.09
C ALA F 42 25.51 17.09 -9.81
N PRO F 43 26.75 16.65 -9.53
CA PRO F 43 27.28 15.46 -10.18
C PRO F 43 26.45 14.22 -9.89
N LYS F 44 26.57 13.23 -10.78
CA LYS F 44 25.80 11.99 -10.68
C LYS F 44 26.69 10.78 -10.99
N LEU F 45 26.31 9.63 -10.43
CA LEU F 45 27.05 8.38 -10.63
C LEU F 45 26.61 7.67 -11.90
N LEU F 46 27.59 7.25 -12.69
CA LEU F 46 27.22 6.44 -13.87
C LEU F 46 27.58 5.00 -13.53
N ILE F 47 28.85 4.72 -13.29
CA ILE F 47 29.30 3.32 -13.09
C ILE F 47 30.16 3.25 -11.84
N SER F 48 30.24 2.08 -11.19
CA SER F 48 31.04 1.90 -9.97
C SER F 48 31.77 0.57 -10.03
N GLY F 49 32.82 0.43 -9.25
CA GLY F 49 33.62 -0.79 -9.32
C GLY F 49 33.90 -1.35 -7.95
N ALA F 50 34.14 -2.66 -7.84
CA ALA F 50 34.27 -3.23 -6.49
C ALA F 50 34.92 -4.60 -6.42
N SER F 51 35.20 -5.07 -5.21
CA SER F 51 35.75 -6.37 -4.93
C SER F 51 34.79 -7.03 -3.96
N SER F 52 35.10 -8.25 -3.52
CA SER F 52 34.13 -9.05 -2.76
C SER F 52 33.56 -8.32 -1.55
N SER F 66 46.81 -3.87 -9.58
CA SER F 66 47.02 -3.33 -10.94
C SER F 66 45.81 -2.49 -11.39
N GLY F 67 45.91 -1.17 -11.26
CA GLY F 67 44.84 -0.27 -11.70
C GLY F 67 45.47 0.87 -12.44
N THR F 68 46.72 0.71 -12.81
CA THR F 68 47.44 1.85 -13.42
C THR F 68 46.63 2.45 -14.59
N ASP F 69 45.82 1.67 -15.29
CA ASP F 69 44.99 2.24 -16.36
C ASP F 69 43.55 1.76 -16.23
N PHE F 70 42.59 2.62 -16.50
CA PHE F 70 41.16 2.26 -16.45
C PHE F 70 40.50 3.04 -17.57
N THR F 71 39.47 2.50 -18.22
CA THR F 71 38.86 3.19 -19.36
C THR F 71 37.35 3.09 -19.35
N LEU F 72 36.68 4.10 -19.86
CA LEU F 72 35.22 4.09 -19.99
C LEU F 72 34.84 4.52 -21.40
N THR F 73 34.01 3.73 -22.08
CA THR F 73 33.56 4.05 -23.42
C THR F 73 32.03 4.19 -23.39
N ILE F 74 31.57 5.43 -23.58
CA ILE F 74 30.15 5.73 -23.66
C ILE F 74 29.79 5.69 -25.14
N SER F 75 28.89 4.79 -25.54
CA SER F 75 28.82 4.49 -26.96
C SER F 75 27.57 5.03 -27.67
N SER F 76 26.37 4.71 -27.21
CA SER F 76 25.19 5.19 -27.92
C SER F 76 24.98 6.63 -27.49
N LEU F 77 25.69 7.53 -28.15
CA LEU F 77 25.67 8.94 -27.78
C LEU F 77 24.32 9.57 -28.14
N GLN F 78 23.73 10.23 -27.16
CA GLN F 78 22.52 11.01 -27.29
C GLN F 78 22.90 12.46 -27.02
N PRO F 79 22.28 13.43 -27.70
CA PRO F 79 22.65 14.84 -27.45
C PRO F 79 22.48 15.26 -26.01
N ASP F 80 21.85 14.43 -25.19
CA ASP F 80 21.60 14.70 -23.79
C ASP F 80 22.78 14.30 -22.91
N ASP F 81 23.84 13.73 -23.50
CA ASP F 81 24.98 13.20 -22.76
C ASP F 81 26.19 14.12 -22.79
N SER F 82 26.00 15.39 -23.16
CA SER F 82 27.09 16.35 -23.18
C SER F 82 27.28 16.91 -21.78
N ALA F 83 28.39 16.55 -21.14
CA ALA F 83 28.63 16.91 -19.74
C ALA F 83 30.12 16.74 -19.45
N THR F 84 30.47 16.82 -18.17
CA THR F 84 31.83 16.62 -17.71
C THR F 84 31.89 15.34 -16.88
N TYR F 85 32.93 14.54 -17.11
CA TYR F 85 33.06 13.22 -16.53
C TYR F 85 34.33 13.11 -15.69
N PHE F 86 34.21 12.42 -14.55
CA PHE F 86 35.28 12.31 -13.56
C PHE F 86 35.44 10.85 -13.13
N CYS F 87 36.63 10.53 -12.63
CA CYS F 87 36.92 9.23 -12.04
C CYS F 87 37.36 9.42 -10.59
N GLN F 88 37.22 8.37 -9.78
CA GLN F 88 37.43 8.49 -8.34
C GLN F 88 37.93 7.19 -7.70
N GLN F 89 38.81 7.34 -6.71
CA GLN F 89 39.17 6.27 -5.78
C GLN F 89 38.05 6.05 -4.78
N THR F 90 37.46 4.86 -4.75
CA THR F 90 36.32 4.64 -3.88
C THR F 90 36.62 3.81 -2.64
N ASN F 91 37.85 3.37 -2.40
CA ASN F 91 38.05 2.58 -1.20
C ASN F 91 39.08 3.19 -0.24
N THR F 92 40.13 3.85 -0.75
CA THR F 92 41.21 4.39 0.08
C THR F 92 41.19 5.91 0.10
N PHE F 93 41.38 6.50 1.32
CA PHE F 93 41.55 7.93 1.60
C PHE F 93 43.02 8.32 1.40
N PRO F 94 43.30 9.53 0.89
CA PRO F 94 42.40 10.62 0.51
C PRO F 94 41.66 10.30 -0.78
N LEU F 95 40.34 10.41 -0.74
CA LEU F 95 39.53 10.16 -1.93
C LEU F 95 39.91 11.19 -2.99
N THR F 96 40.52 10.73 -4.08
CA THR F 96 41.00 11.62 -5.12
C THR F 96 40.19 11.46 -6.40
N PHE F 97 39.97 12.57 -7.09
CA PHE F 97 39.28 12.61 -8.37
C PHE F 97 40.31 12.82 -9.48
N GLY F 98 39.81 12.86 -10.72
CA GLY F 98 40.66 13.06 -11.87
C GLY F 98 40.61 14.50 -12.35
N GLN F 99 41.44 14.79 -13.36
CA GLN F 99 41.49 16.12 -13.94
C GLN F 99 40.11 16.55 -14.42
N GLY F 100 39.38 15.65 -15.07
CA GLY F 100 38.06 15.98 -15.59
C GLY F 100 38.09 16.07 -17.11
N THR F 101 37.08 15.48 -17.74
CA THR F 101 36.98 15.44 -19.18
C THR F 101 35.72 16.15 -19.64
N ARG F 102 35.88 17.09 -20.57
CA ARG F 102 34.77 17.87 -21.13
C ARG F 102 34.30 17.17 -22.40
N LEU F 103 33.05 16.75 -22.42
CA LEU F 103 32.49 16.04 -23.57
C LEU F 103 31.58 16.97 -24.36
N GLU F 104 31.87 17.10 -25.66
CA GLU F 104 31.10 17.90 -26.60
C GLU F 104 30.62 17.04 -27.76
N ILE F 105 29.32 16.95 -27.92
CA ILE F 105 28.75 16.23 -29.06
C ILE F 105 28.68 17.17 -30.26
N LYS F 106 29.04 16.67 -31.44
CA LYS F 106 29.10 17.50 -32.64
C LYS F 106 27.78 17.50 -33.41
N ARG F 107 27.63 18.51 -34.26
CA ARG F 107 26.42 18.71 -35.05
C ARG F 107 26.82 19.35 -36.37
N THR F 108 25.84 19.47 -37.27
CA THR F 108 26.03 20.18 -38.52
C THR F 108 26.39 21.64 -38.25
N VAL F 109 27.26 22.19 -39.09
CA VAL F 109 27.68 23.58 -38.90
C VAL F 109 26.46 24.49 -38.98
N ALA F 110 26.19 25.21 -37.88
CA ALA F 110 25.06 26.11 -37.80
C ALA F 110 25.55 27.50 -37.42
N ALA F 111 24.94 28.52 -38.00
CA ALA F 111 25.42 29.89 -37.84
C ALA F 111 24.65 30.65 -36.78
N PRO F 112 25.30 31.67 -36.21
CA PRO F 112 24.65 32.45 -35.14
C PRO F 112 23.51 33.34 -35.63
N SER F 113 22.46 33.39 -34.81
CA SER F 113 21.37 34.35 -34.98
C SER F 113 21.80 35.62 -34.26
N VAL F 114 22.27 36.62 -35.00
CA VAL F 114 22.89 37.79 -34.38
C VAL F 114 21.81 38.85 -34.14
N PHE F 115 21.64 39.23 -32.87
CA PHE F 115 20.73 40.28 -32.45
C PHE F 115 21.49 41.27 -31.59
N ILE F 116 21.31 42.55 -31.86
CA ILE F 116 21.99 43.63 -31.15
C ILE F 116 20.99 44.32 -30.22
N PHE F 117 21.41 44.58 -28.99
CA PHE F 117 20.57 45.20 -27.97
C PHE F 117 21.19 46.51 -27.50
N PRO F 118 20.45 47.62 -27.54
CA PRO F 118 21.03 48.92 -27.19
C PRO F 118 20.96 49.20 -25.71
N PRO F 119 21.72 50.19 -25.22
CA PRO F 119 21.70 50.50 -23.79
C PRO F 119 20.31 50.90 -23.32
N SER F 120 20.03 50.60 -22.06
CA SER F 120 18.77 51.03 -21.48
C SER F 120 18.87 52.47 -21.04
N ASP F 121 17.77 53.20 -21.20
CA ASP F 121 17.73 54.58 -20.70
C ASP F 121 17.96 54.63 -19.19
N GLU F 122 17.68 53.55 -18.46
CA GLU F 122 18.05 53.49 -17.04
C GLU F 122 19.55 53.51 -16.86
N GLN F 123 20.27 52.63 -17.58
CA GLN F 123 21.72 52.63 -17.53
C GLN F 123 22.27 54.00 -17.90
N LEU F 124 21.71 54.61 -18.94
CA LEU F 124 22.23 55.89 -19.43
C LEU F 124 22.21 56.95 -18.33
N LYS F 125 21.14 57.00 -17.53
CA LYS F 125 21.15 58.01 -16.46
C LYS F 125 22.16 57.70 -15.38
N SER F 126 22.56 56.44 -15.23
CA SER F 126 23.52 56.09 -14.20
C SER F 126 24.92 56.60 -14.55
N GLY F 127 25.21 56.78 -15.84
CA GLY F 127 26.51 57.24 -16.29
C GLY F 127 27.29 56.26 -17.14
N THR F 128 26.81 55.04 -17.36
CA THR F 128 27.45 54.07 -18.22
C THR F 128 26.43 53.49 -19.19
N ALA F 129 26.91 53.04 -20.35
CA ALA F 129 26.04 52.46 -21.37
C ALA F 129 26.71 51.22 -21.93
N SER F 130 25.96 50.13 -22.06
CA SER F 130 26.50 48.86 -22.53
C SER F 130 25.68 48.32 -23.69
N VAL F 131 26.33 48.08 -24.82
CA VAL F 131 25.68 47.54 -26.02
C VAL F 131 26.00 46.06 -26.11
N VAL F 132 24.97 45.23 -26.26
CA VAL F 132 25.11 43.77 -26.25
C VAL F 132 24.86 43.23 -27.64
N CYS F 133 25.72 42.29 -28.07
CA CYS F 133 25.54 41.59 -29.34
C CYS F 133 25.36 40.11 -29.03
N LEU F 134 24.17 39.58 -29.31
CA LEU F 134 23.84 38.20 -28.97
C LEU F 134 24.02 37.33 -30.21
N LEU F 135 24.81 36.27 -30.06
CA LEU F 135 25.02 35.27 -31.10
C LEU F 135 24.35 33.98 -30.61
N ASN F 136 23.12 33.74 -31.06
CA ASN F 136 22.30 32.67 -30.50
C ASN F 136 22.34 31.39 -31.32
N ASN F 137 22.42 30.26 -30.60
CA ASN F 137 22.29 28.91 -31.14
C ASN F 137 23.15 28.72 -32.39
N PHE F 138 24.45 28.64 -32.15
CA PHE F 138 25.43 28.42 -33.20
C PHE F 138 26.39 27.31 -32.80
N TYR F 139 27.07 26.76 -33.81
CA TYR F 139 28.06 25.70 -33.67
C TYR F 139 28.99 25.83 -34.86
N PRO F 140 30.31 25.69 -34.66
CA PRO F 140 31.06 25.36 -33.44
C PRO F 140 31.22 26.52 -32.44
N ARG F 141 31.98 26.27 -31.37
CA ARG F 141 32.18 27.27 -30.33
C ARG F 141 32.91 28.49 -30.87
N GLU F 142 33.93 28.27 -31.71
CA GLU F 142 34.79 29.35 -32.18
C GLU F 142 33.95 30.43 -32.86
N ALA F 143 34.01 31.66 -32.33
CA ALA F 143 33.29 32.78 -32.89
C ALA F 143 34.08 34.07 -32.65
N LYS F 144 34.11 34.94 -33.67
CA LYS F 144 34.82 36.20 -33.61
C LYS F 144 33.83 37.36 -33.59
N VAL F 145 33.87 38.16 -32.51
CA VAL F 145 33.01 39.32 -32.33
C VAL F 145 33.92 40.54 -32.38
N GLN F 146 33.78 41.33 -33.43
CA GLN F 146 34.54 42.55 -33.60
C GLN F 146 33.57 43.71 -33.50
N TRP F 147 33.83 44.62 -32.57
CA TRP F 147 32.94 45.75 -32.36
C TRP F 147 33.43 46.94 -33.17
N LYS F 148 32.50 47.67 -33.77
CA LYS F 148 32.79 48.85 -34.58
C LYS F 148 31.85 49.98 -34.18
N VAL F 149 32.43 51.12 -33.83
CA VAL F 149 31.70 52.31 -33.43
C VAL F 149 32.02 53.41 -34.44
N ASP F 150 31.00 53.92 -35.11
CA ASP F 150 31.18 54.83 -36.24
C ASP F 150 32.27 54.29 -37.16
N ASN F 151 32.17 52.98 -37.43
CA ASN F 151 33.13 52.26 -38.28
C ASN F 151 34.56 52.39 -37.77
N ALA F 152 34.73 52.19 -36.47
CA ALA F 152 36.05 52.21 -35.85
C ALA F 152 36.10 51.11 -34.81
N LEU F 153 37.17 50.31 -34.85
CA LEU F 153 37.27 49.10 -34.04
C LEU F 153 37.64 49.50 -32.61
N GLN F 154 36.74 49.20 -31.67
CA GLN F 154 36.97 49.53 -30.24
C GLN F 154 37.56 48.33 -29.52
N SER F 155 38.66 48.54 -28.78
CA SER F 155 39.34 47.44 -28.04
C SER F 155 39.46 47.76 -26.56
N GLY F 156 39.31 46.77 -25.70
CA GLY F 156 39.47 46.97 -24.24
C GLY F 156 38.16 47.34 -23.58
N ASN F 157 37.10 47.50 -24.36
CA ASN F 157 35.78 47.89 -23.80
C ASN F 157 34.83 46.72 -23.94
N SER F 158 35.28 45.62 -24.52
CA SER F 158 34.37 44.49 -24.83
C SER F 158 34.61 43.29 -23.94
N GLN F 159 33.54 42.72 -23.40
CA GLN F 159 33.66 41.48 -22.57
C GLN F 159 32.65 40.48 -23.10
N GLU F 160 33.02 39.21 -23.24
CA GLU F 160 32.13 38.21 -23.86
C GLU F 160 32.02 36.99 -22.96
N SER F 161 30.88 36.31 -23.05
CA SER F 161 30.65 35.07 -22.32
C SER F 161 29.88 34.12 -23.21
N VAL F 162 30.33 32.87 -23.26
CA VAL F 162 29.74 31.84 -24.10
C VAL F 162 29.12 30.79 -23.19
N THR F 163 27.98 30.25 -23.62
CA THR F 163 27.27 29.26 -22.84
C THR F 163 27.88 27.87 -23.04
N GLU F 164 27.43 26.92 -22.22
CA GLU F 164 27.79 25.53 -22.41
C GLU F 164 26.89 24.95 -23.49
N GLN F 165 27.20 23.75 -23.98
CA GLN F 165 26.33 23.19 -25.00
C GLN F 165 24.93 22.99 -24.47
N ASP F 166 23.96 23.16 -25.36
CA ASP F 166 22.59 22.92 -24.96
C ASP F 166 22.35 21.42 -25.04
N SER F 167 21.49 20.94 -24.16
CA SER F 167 21.22 19.51 -24.05
C SER F 167 20.20 19.02 -25.08
N LYS F 168 19.89 19.78 -26.12
CA LYS F 168 18.86 19.35 -27.06
C LYS F 168 19.32 19.52 -28.50
N ASP F 169 19.84 20.71 -28.82
CA ASP F 169 20.24 21.05 -30.18
C ASP F 169 21.75 21.19 -30.35
N SER F 170 22.53 20.96 -29.28
CA SER F 170 23.99 20.93 -29.36
C SER F 170 24.59 22.25 -29.85
N THR F 171 24.02 23.37 -29.40
CA THR F 171 24.44 24.69 -29.83
C THR F 171 24.87 25.55 -28.66
N TYR F 172 25.82 26.45 -28.93
CA TYR F 172 26.27 27.43 -27.96
C TYR F 172 25.55 28.76 -28.21
N SER F 173 25.82 29.73 -27.34
CA SER F 173 25.32 31.08 -27.50
C SER F 173 26.31 32.03 -26.84
N LEU F 174 26.46 33.22 -27.44
CA LEU F 174 27.45 34.19 -27.00
C LEU F 174 26.78 35.52 -26.65
N SER F 175 27.43 36.28 -25.77
CA SER F 175 26.90 37.57 -25.33
C SER F 175 28.09 38.50 -25.03
N SER F 176 28.50 39.24 -26.05
CA SER F 176 29.51 40.27 -25.84
C SER F 176 28.85 41.51 -25.26
N THR F 177 29.62 42.26 -24.47
CA THR F 177 29.12 43.43 -23.76
C THR F 177 30.13 44.54 -23.92
N LEU F 178 29.71 45.63 -24.56
CA LEU F 178 30.55 46.79 -24.83
C LEU F 178 30.23 47.85 -23.78
N THR F 179 31.09 47.96 -22.77
CA THR F 179 30.87 48.90 -21.67
C THR F 179 31.55 50.21 -22.02
N LEU F 180 30.76 51.25 -22.27
CA LEU F 180 31.26 52.58 -22.56
C LEU F 180 30.75 53.59 -21.54
N SER F 181 31.26 54.81 -21.64
CA SER F 181 30.82 55.91 -20.80
C SER F 181 29.68 56.66 -21.47
N LYS F 182 28.80 57.23 -20.64
CA LYS F 182 27.68 58.03 -21.16
C LYS F 182 28.18 59.16 -22.05
N ALA F 183 29.33 59.75 -21.69
CA ALA F 183 29.93 60.79 -22.53
C ALA F 183 30.27 60.25 -23.92
N ASP F 184 30.88 59.07 -23.99
CA ASP F 184 31.33 58.52 -25.27
C ASP F 184 30.18 57.95 -26.09
N TYR F 185 29.08 57.60 -25.44
CA TYR F 185 27.93 57.07 -26.18
C TYR F 185 27.19 58.19 -26.90
N GLU F 186 27.09 59.36 -26.27
CA GLU F 186 26.40 60.51 -26.83
C GLU F 186 27.17 61.23 -27.95
N LYS F 187 28.48 61.02 -28.10
CA LYS F 187 29.25 61.57 -29.20
C LYS F 187 29.22 60.75 -30.49
N HIS F 188 28.44 59.66 -30.55
CA HIS F 188 28.40 58.81 -31.74
C HIS F 188 26.97 58.33 -31.96
N LYS F 189 26.67 57.94 -33.20
CA LYS F 189 25.32 57.53 -33.57
C LYS F 189 25.24 56.12 -34.14
N VAL F 190 26.27 55.64 -34.83
CA VAL F 190 26.27 54.32 -35.47
C VAL F 190 27.13 53.34 -34.67
N TYR F 191 26.49 52.31 -34.11
CA TYR F 191 27.16 51.25 -33.37
C TYR F 191 26.86 49.91 -34.00
N ALA F 192 27.90 49.15 -34.33
CA ALA F 192 27.77 47.93 -35.11
C ALA F 192 28.34 46.74 -34.34
N CYS F 193 28.24 45.57 -34.97
CA CYS F 193 28.75 44.32 -34.42
C CYS F 193 29.09 43.42 -35.59
N GLU F 194 30.38 43.22 -35.85
CA GLU F 194 30.81 42.40 -36.97
C GLU F 194 31.06 41.00 -36.43
N VAL F 195 30.40 40.01 -37.02
CA VAL F 195 30.44 38.65 -36.53
C VAL F 195 31.03 37.79 -37.63
N THR F 196 32.16 37.16 -37.34
CA THR F 196 32.84 36.28 -38.27
C THR F 196 32.81 34.87 -37.69
N HIS F 197 32.12 33.97 -38.39
CA HIS F 197 31.92 32.60 -37.94
C HIS F 197 32.21 31.67 -39.11
N GLN F 198 32.27 30.37 -38.80
CA GLN F 198 32.53 29.38 -39.84
C GLN F 198 31.32 29.19 -40.75
N GLY F 199 30.12 29.09 -40.17
CA GLY F 199 28.93 28.82 -40.94
C GLY F 199 28.57 29.90 -41.94
N LEU F 200 29.06 31.11 -41.72
CA LEU F 200 28.79 32.26 -42.59
C LEU F 200 29.82 32.36 -43.72
N SER F 201 29.38 32.88 -44.86
CA SER F 201 30.30 33.19 -45.95
C SER F 201 30.94 34.57 -45.77
N SER F 202 30.15 35.57 -45.41
CA SER F 202 30.60 36.93 -45.10
C SER F 202 30.02 37.39 -43.77
N PRO F 203 30.77 38.21 -43.03
CA PRO F 203 30.28 38.67 -41.73
C PRO F 203 28.95 39.41 -41.80
N VAL F 204 28.08 39.12 -40.84
CA VAL F 204 26.80 39.80 -40.70
C VAL F 204 27.05 41.00 -39.80
N THR F 205 26.98 42.20 -40.37
CA THR F 205 27.33 43.42 -39.64
C THR F 205 26.03 44.10 -39.23
N LYS F 206 25.47 43.60 -38.14
CA LYS F 206 24.26 44.14 -37.56
C LYS F 206 24.66 45.36 -36.72
N SER F 207 23.92 46.46 -36.88
CA SER F 207 24.25 47.73 -36.27
C SER F 207 22.96 48.40 -35.84
N PHE F 208 23.02 49.29 -34.84
CA PHE F 208 21.88 50.15 -34.61
C PHE F 208 22.30 51.60 -34.73
N ASN F 209 21.35 52.45 -35.05
CA ASN F 209 21.55 53.89 -35.03
C ASN F 209 20.79 54.49 -33.84
N ARG F 210 21.46 55.38 -33.12
CA ARG F 210 20.96 55.92 -31.86
C ARG F 210 19.63 56.65 -31.98
N GLY F 211 18.70 56.34 -31.07
CA GLY F 211 17.45 57.05 -30.93
C GLY F 211 16.22 56.29 -31.42
N GLU F 212 16.37 55.49 -32.47
CA GLU F 212 15.24 54.76 -33.01
C GLU F 212 15.65 53.36 -33.46
N GLN G 1 -35.09 -26.51 22.44
CA GLN G 1 -34.14 -26.88 21.40
C GLN G 1 -34.72 -26.74 20.01
N VAL G 2 -34.57 -25.56 19.41
CA VAL G 2 -35.09 -25.28 18.08
C VAL G 2 -34.04 -25.69 17.05
N GLN G 3 -34.50 -26.24 15.93
CA GLN G 3 -33.62 -26.62 14.83
C GLN G 3 -34.38 -26.56 13.51
N LEU G 4 -33.62 -26.39 12.44
CA LEU G 4 -34.16 -26.34 11.08
C LEU G 4 -33.22 -27.14 10.19
N LEU G 5 -33.67 -28.33 9.77
CA LEU G 5 -32.86 -29.23 8.96
C LEU G 5 -33.17 -29.01 7.48
N GLU G 6 -32.14 -28.69 6.69
CA GLU G 6 -32.30 -28.61 5.25
C GLU G 6 -31.92 -29.93 4.59
N SER G 7 -32.57 -30.21 3.46
CA SER G 7 -32.23 -31.37 2.64
C SER G 7 -32.73 -31.12 1.23
N GLY G 8 -32.08 -31.79 0.28
CA GLY G 8 -32.51 -31.77 -1.10
C GLY G 8 -31.57 -31.09 -2.07
N GLY G 9 -30.58 -30.35 -1.58
CA GLY G 9 -29.69 -29.62 -2.47
C GLY G 9 -28.67 -30.52 -3.13
N GLY G 10 -27.99 -29.97 -4.12
CA GLY G 10 -26.99 -30.75 -4.83
C GLY G 10 -26.72 -30.17 -6.21
N LEU G 11 -26.30 -31.04 -7.12
CA LEU G 11 -25.95 -30.68 -8.48
C LEU G 11 -27.09 -31.01 -9.44
N VAL G 12 -27.48 -30.04 -10.28
CA VAL G 12 -28.47 -30.25 -11.32
C VAL G 12 -28.02 -29.49 -12.57
N LYS G 13 -28.61 -29.89 -13.72
CA LYS G 13 -28.34 -29.24 -14.99
C LYS G 13 -29.34 -28.11 -15.23
N PRO G 14 -29.03 -27.19 -16.15
CA PRO G 14 -29.98 -26.10 -16.47
C PRO G 14 -31.36 -26.62 -16.86
N GLY G 15 -32.38 -25.86 -16.50
CA GLY G 15 -33.74 -26.30 -16.67
C GLY G 15 -34.14 -27.40 -15.72
N GLY G 16 -33.29 -27.72 -14.74
CA GLY G 16 -33.55 -28.78 -13.82
C GLY G 16 -34.53 -28.37 -12.74
N SER G 17 -34.65 -29.23 -11.73
CA SER G 17 -35.61 -29.02 -10.66
C SER G 17 -35.10 -29.65 -9.37
N LEU G 18 -35.20 -28.91 -8.28
CA LEU G 18 -34.92 -29.41 -6.95
C LEU G 18 -36.03 -28.98 -6.01
N ARG G 19 -36.46 -29.89 -5.16
CA ARG G 19 -37.48 -29.60 -4.17
C ARG G 19 -36.75 -29.58 -2.84
N LEU G 20 -36.43 -28.39 -2.38
CA LEU G 20 -35.72 -28.25 -1.12
C LEU G 20 -36.70 -28.30 0.02
N SER G 21 -36.36 -29.07 1.05
CA SER G 21 -37.20 -29.23 2.23
C SER G 21 -36.49 -28.65 3.44
N CYS G 22 -37.27 -28.21 4.43
CA CYS G 22 -36.73 -27.68 5.66
C CYS G 22 -37.53 -28.28 6.81
N ALA G 23 -36.94 -29.24 7.52
CA ALA G 23 -37.61 -29.94 8.60
C ALA G 23 -37.41 -29.17 9.89
N ALA G 24 -38.51 -28.73 10.49
CA ALA G 24 -38.48 -27.91 11.69
C ALA G 24 -38.64 -28.77 12.94
N SER G 25 -38.12 -28.26 14.05
CA SER G 25 -38.20 -28.95 15.33
C SER G 25 -37.87 -27.98 16.45
N GLY G 26 -38.67 -27.99 17.51
CA GLY G 26 -38.36 -27.26 18.72
C GLY G 26 -39.26 -26.09 19.05
N PHE G 27 -40.13 -25.66 18.13
CA PHE G 27 -40.99 -24.51 18.39
C PHE G 27 -42.38 -24.79 17.84
N THR G 28 -43.24 -23.78 17.89
CA THR G 28 -44.57 -23.85 17.32
C THR G 28 -44.48 -23.40 15.86
N PHE G 29 -44.42 -24.37 14.95
CA PHE G 29 -44.35 -24.07 13.52
C PHE G 29 -45.53 -23.24 13.07
N ARG G 30 -46.71 -23.51 13.62
CA ARG G 30 -47.96 -22.86 13.23
C ARG G 30 -47.95 -21.33 13.43
N ASP G 31 -46.90 -20.79 14.04
CA ASP G 31 -46.94 -19.36 14.42
C ASP G 31 -45.80 -18.57 13.80
N TYR G 32 -45.18 -19.07 12.74
CA TYR G 32 -43.97 -18.39 12.20
C TYR G 32 -44.01 -18.23 10.68
N TYR G 33 -43.56 -17.08 10.19
CA TYR G 33 -43.55 -16.79 8.74
C TYR G 33 -42.27 -17.37 8.17
N MET G 34 -42.18 -18.68 8.04
CA MET G 34 -40.92 -19.30 7.61
C MET G 34 -40.59 -18.84 6.20
N SER G 35 -39.31 -18.77 5.88
CA SER G 35 -38.91 -18.24 4.57
C SER G 35 -37.69 -18.97 4.05
N TRP G 36 -37.11 -18.50 2.95
CA TRP G 36 -35.96 -19.11 2.29
C TRP G 36 -35.00 -18.01 1.86
N ILE G 37 -33.71 -18.21 2.14
CA ILE G 37 -32.67 -17.23 1.84
C ILE G 37 -31.49 -17.96 1.21
N ARG G 38 -30.80 -17.29 0.28
CA ARG G 38 -29.69 -17.89 -0.45
C ARG G 38 -28.47 -16.98 -0.40
N GLU G 39 -27.29 -17.60 -0.35
CA GLU G 39 -26.02 -16.88 -0.46
C GLU G 39 -25.24 -17.44 -1.64
N ALA G 40 -25.00 -16.59 -2.63
CA ALA G 40 -24.28 -16.95 -3.84
C ALA G 40 -22.79 -17.17 -3.53
N PRO G 41 -21.99 -17.69 -4.50
CA PRO G 41 -20.54 -17.81 -4.29
C PRO G 41 -19.97 -16.45 -3.92
N GLY G 42 -19.56 -16.30 -2.66
CA GLY G 42 -19.13 -15.00 -2.18
C GLY G 42 -20.35 -14.11 -2.22
N LYS G 43 -20.30 -13.04 -3.02
CA LYS G 43 -21.41 -12.09 -3.15
C LYS G 43 -22.03 -11.74 -1.80
N GLY G 44 -23.35 -11.82 -1.69
CA GLY G 44 -24.00 -11.65 -0.39
C GLY G 44 -25.29 -12.44 -0.19
N LEU G 45 -25.98 -12.15 0.91
CA LEU G 45 -27.26 -12.78 1.19
C LEU G 45 -28.38 -12.19 0.33
N GLU G 46 -29.25 -13.07 -0.17
CA GLU G 46 -30.38 -12.69 -1.00
C GLU G 46 -31.61 -13.49 -0.59
N TRP G 47 -32.77 -12.84 -0.62
CA TRP G 47 -34.04 -13.45 -0.21
C TRP G 47 -34.71 -14.12 -1.41
N VAL G 48 -35.24 -15.33 -1.19
CA VAL G 48 -35.84 -16.13 -2.25
C VAL G 48 -37.36 -16.17 -2.15
N ALA G 49 -37.89 -16.46 -0.96
CA ALA G 49 -39.33 -16.65 -0.84
C ALA G 49 -39.76 -16.52 0.62
N SER G 50 -41.07 -16.47 0.81
CA SER G 50 -41.67 -16.40 2.14
C SER G 50 -43.09 -16.94 2.09
N ILE G 51 -43.45 -17.74 3.09
CA ILE G 51 -44.79 -18.30 3.20
C ILE G 51 -45.33 -17.91 4.58
N SER G 52 -46.65 -17.75 4.65
CA SER G 52 -47.27 -17.29 5.88
C SER G 52 -47.43 -18.45 6.87
N ARG G 53 -48.10 -18.17 7.99
CA ARG G 53 -48.38 -19.22 8.95
C ARG G 53 -49.56 -20.04 8.49
N SER G 54 -50.37 -19.46 7.61
CA SER G 54 -51.56 -20.09 7.10
C SER G 54 -51.28 -20.84 5.82
N GLY G 55 -50.19 -20.47 5.16
CA GLY G 55 -49.91 -20.96 3.83
C GLY G 55 -50.78 -20.34 2.77
N THR G 56 -51.52 -19.27 3.09
CA THR G 56 -52.41 -18.58 2.16
C THR G 56 -51.78 -17.41 1.43
N THR G 57 -50.96 -16.62 2.12
CA THR G 57 -50.42 -15.38 1.55
C THR G 57 -48.92 -15.58 1.33
N ILE G 58 -48.54 -15.68 0.06
CA ILE G 58 -47.18 -16.03 -0.35
C ILE G 58 -46.57 -14.90 -1.18
N TYR G 59 -45.35 -14.49 -0.82
CA TYR G 59 -44.57 -13.50 -1.55
C TYR G 59 -43.26 -14.11 -2.03
N TYR G 60 -42.85 -13.73 -3.23
CA TYR G 60 -41.62 -14.24 -3.84
C TYR G 60 -40.69 -13.07 -4.14
N ALA G 61 -39.48 -13.41 -4.58
CA ALA G 61 -38.51 -12.43 -5.02
C ALA G 61 -38.66 -12.17 -6.51
N ASP G 62 -37.89 -11.20 -7.02
CA ASP G 62 -38.00 -10.86 -8.43
C ASP G 62 -37.14 -11.75 -9.31
N SER G 63 -36.02 -12.25 -8.79
CA SER G 63 -35.15 -13.09 -9.59
C SER G 63 -35.73 -14.48 -9.78
N VAL G 64 -36.48 -14.97 -8.80
CA VAL G 64 -37.00 -16.33 -8.81
C VAL G 64 -38.50 -16.37 -9.06
N LYS G 65 -39.08 -15.28 -9.52
CA LYS G 65 -40.53 -15.23 -9.68
C LYS G 65 -40.94 -16.01 -10.93
N GLY G 66 -42.11 -16.65 -10.85
CA GLY G 66 -42.58 -17.47 -11.93
C GLY G 66 -41.91 -18.83 -12.05
N ARG G 67 -40.80 -19.04 -11.35
CA ARG G 67 -40.05 -20.28 -11.44
C ARG G 67 -40.19 -21.13 -10.18
N PHE G 68 -39.85 -20.57 -9.02
CA PHE G 68 -39.95 -21.35 -7.80
C PHE G 68 -41.39 -21.31 -7.28
N THR G 69 -41.75 -22.34 -6.52
CA THR G 69 -43.05 -22.41 -5.86
C THR G 69 -42.81 -22.86 -4.44
N ILE G 70 -43.20 -22.04 -3.48
CA ILE G 70 -42.99 -22.34 -2.07
C ILE G 70 -44.28 -22.84 -1.46
N SER G 71 -44.14 -23.70 -0.45
CA SER G 71 -45.27 -24.33 0.21
C SER G 71 -44.83 -24.76 1.59
N ARG G 72 -45.79 -25.18 2.40
CA ARG G 72 -45.49 -25.65 3.75
C ARG G 72 -46.54 -26.66 4.18
N ASP G 73 -46.12 -27.61 5.01
CA ASP G 73 -47.01 -28.60 5.60
C ASP G 73 -46.94 -28.42 7.12
N ASN G 74 -48.01 -27.88 7.69
CA ASN G 74 -48.00 -27.51 9.09
C ASN G 74 -48.19 -28.69 10.04
N ALA G 75 -48.51 -29.88 9.53
CA ALA G 75 -48.66 -31.07 10.36
C ALA G 75 -47.39 -31.91 10.46
N LYS G 76 -46.65 -32.07 9.36
CA LYS G 76 -45.35 -32.70 9.38
C LYS G 76 -44.24 -31.69 9.67
N ASN G 77 -44.64 -30.45 9.98
CA ASN G 77 -43.74 -29.38 10.39
C ASN G 77 -42.54 -29.27 9.45
N SER G 78 -42.84 -29.07 8.17
CA SER G 78 -41.83 -28.96 7.14
C SER G 78 -42.11 -27.77 6.24
N LEU G 79 -41.07 -27.35 5.53
CA LEU G 79 -41.08 -26.24 4.59
C LEU G 79 -40.44 -26.71 3.29
N TYR G 80 -41.01 -26.28 2.16
CA TYR G 80 -40.54 -26.75 0.86
C TYR G 80 -40.35 -25.59 -0.10
N LEU G 81 -39.43 -25.77 -1.04
CA LEU G 81 -39.22 -24.81 -2.13
C LEU G 81 -38.98 -25.59 -3.41
N GLN G 82 -40.03 -25.69 -4.25
CA GLN G 82 -39.91 -26.38 -5.53
C GLN G 82 -39.24 -25.44 -6.52
N MET G 83 -38.06 -25.80 -6.99
CA MET G 83 -37.21 -24.93 -7.80
C MET G 83 -37.18 -25.40 -9.26
N ASN G 84 -38.06 -24.85 -10.09
CA ASN G 84 -38.13 -25.19 -11.50
C ASN G 84 -37.35 -24.18 -12.34
N SER G 85 -37.10 -24.55 -13.59
CA SER G 85 -36.49 -23.68 -14.60
C SER G 85 -35.25 -22.97 -14.08
N LEU G 86 -34.35 -23.73 -13.46
CA LEU G 86 -33.17 -23.15 -12.84
C LEU G 86 -32.25 -22.51 -13.88
N ARG G 87 -31.35 -21.66 -13.38
CA ARG G 87 -30.38 -20.96 -14.22
C ARG G 87 -29.05 -20.93 -13.47
N ALA G 88 -28.03 -20.37 -14.13
CA ALA G 88 -26.71 -20.32 -13.51
C ALA G 88 -26.68 -19.33 -12.35
N GLU G 89 -27.56 -18.32 -12.37
CA GLU G 89 -27.61 -17.34 -11.30
C GLU G 89 -28.15 -17.93 -10.00
N ASP G 90 -28.81 -19.08 -10.05
CA ASP G 90 -29.41 -19.68 -8.88
C ASP G 90 -28.47 -20.62 -8.15
N THR G 91 -27.19 -20.63 -8.51
CA THR G 91 -26.19 -21.42 -7.81
C THR G 91 -25.86 -20.69 -6.50
N ALA G 92 -26.17 -21.32 -5.38
CA ALA G 92 -26.00 -20.69 -4.08
C ALA G 92 -26.26 -21.73 -2.99
N VAL G 93 -25.99 -21.33 -1.75
CA VAL G 93 -26.33 -22.12 -0.56
C VAL G 93 -27.65 -21.59 -0.04
N TYR G 94 -28.63 -22.49 0.13
CA TYR G 94 -29.99 -22.11 0.43
C TYR G 94 -30.31 -22.40 1.90
N TYR G 95 -30.76 -21.37 2.61
CA TYR G 95 -31.10 -21.44 4.03
C TYR G 95 -32.61 -21.33 4.22
N CYS G 96 -33.08 -21.83 5.36
CA CYS G 96 -34.49 -21.66 5.78
C CYS G 96 -34.46 -20.96 7.12
N ALA G 97 -35.39 -20.04 7.38
CA ALA G 97 -35.31 -19.24 8.61
C ALA G 97 -36.67 -19.05 9.23
N ARG G 98 -36.70 -18.60 10.47
CA ARG G 98 -37.98 -18.33 11.16
C ARG G 98 -38.20 -16.83 11.07
N ASP G 99 -39.43 -16.37 11.22
CA ASP G 99 -39.69 -14.92 11.26
C ASP G 99 -40.92 -14.77 12.13
N GLU G 100 -40.90 -13.87 13.11
CA GLU G 100 -42.13 -13.62 13.91
C GLU G 100 -42.05 -12.26 14.60
N ALA G 101 -43.17 -11.83 15.15
CA ALA G 101 -43.21 -10.51 15.80
C ALA G 101 -42.23 -10.50 16.94
N SER G 102 -42.01 -11.67 17.53
CA SER G 102 -41.14 -11.72 18.72
C SER G 102 -39.79 -11.19 18.30
N SER G 103 -39.43 -11.44 17.06
CA SER G 103 -38.08 -11.04 16.60
C SER G 103 -38.13 -9.72 15.85
N ASN G 104 -39.11 -8.87 16.13
CA ASN G 104 -39.24 -7.66 15.31
C ASN G 104 -39.20 -8.17 13.87
N TYR G 105 -39.92 -9.26 13.61
CA TYR G 105 -40.01 -9.88 12.27
C TYR G 105 -38.65 -10.12 11.63
N ALA G 106 -37.58 -10.27 12.40
CA ALA G 106 -36.31 -10.66 11.76
C ALA G 106 -36.06 -12.14 11.94
N PHE G 107 -35.05 -12.69 11.28
CA PHE G 107 -34.85 -14.15 11.30
C PHE G 107 -34.08 -14.56 12.54
N ASP G 108 -34.74 -15.23 13.48
CA ASP G 108 -34.13 -15.60 14.76
C ASP G 108 -33.10 -16.68 14.56
N TYR G 109 -33.49 -17.75 13.88
CA TYR G 109 -32.67 -18.94 13.69
C TYR G 109 -32.63 -19.31 12.23
N TRP G 110 -31.44 -19.65 11.76
CA TRP G 110 -31.29 -20.16 10.42
C TRP G 110 -30.89 -21.62 10.53
N GLY G 111 -30.79 -22.28 9.38
CA GLY G 111 -30.44 -23.68 9.33
C GLY G 111 -29.04 -23.83 8.77
N GLN G 112 -28.51 -25.04 8.90
CA GLN G 112 -27.13 -25.29 8.50
C GLN G 112 -26.89 -24.86 7.05
N GLY G 113 -27.68 -25.40 6.14
CA GLY G 113 -27.60 -24.99 4.75
C GLY G 113 -27.36 -26.13 3.80
N THR G 114 -28.17 -26.20 2.74
CA THR G 114 -27.95 -27.19 1.70
C THR G 114 -27.51 -26.51 0.42
N PRO G 115 -26.43 -26.98 -0.20
CA PRO G 115 -25.89 -26.30 -1.39
C PRO G 115 -26.54 -26.76 -2.69
N VAL G 116 -26.76 -25.79 -3.57
CA VAL G 116 -27.35 -26.04 -4.88
C VAL G 116 -26.39 -25.51 -5.93
N THR G 117 -25.99 -26.38 -6.87
CA THR G 117 -25.12 -26.03 -7.97
C THR G 117 -25.81 -26.38 -9.28
N VAL G 118 -25.90 -25.41 -10.18
CA VAL G 118 -26.56 -25.57 -11.47
C VAL G 118 -25.53 -25.38 -12.57
N SER G 119 -25.15 -26.47 -13.22
CA SER G 119 -24.18 -26.42 -14.31
C SER G 119 -24.47 -27.55 -15.28
N SER G 120 -23.93 -27.41 -16.49
CA SER G 120 -24.05 -28.45 -17.52
C SER G 120 -22.94 -29.48 -17.42
N ALA G 121 -22.07 -29.40 -16.42
CA ALA G 121 -20.97 -30.33 -16.26
C ALA G 121 -21.44 -31.58 -15.51
N SER G 122 -20.51 -32.51 -15.27
CA SER G 122 -20.83 -33.78 -14.65
C SER G 122 -19.98 -33.99 -13.40
N THR G 123 -20.45 -34.90 -12.56
CA THR G 123 -19.80 -35.16 -11.28
C THR G 123 -18.45 -35.85 -11.48
N LYS G 124 -17.52 -35.55 -10.57
CA LYS G 124 -16.19 -36.15 -10.57
C LYS G 124 -15.76 -36.37 -9.13
N GLY G 125 -15.48 -37.62 -8.77
CA GLY G 125 -15.03 -37.91 -7.44
C GLY G 125 -13.61 -37.43 -7.28
N PRO G 126 -13.24 -37.02 -6.06
CA PRO G 126 -11.92 -36.43 -5.85
C PRO G 126 -10.84 -37.50 -5.69
N SER G 127 -9.60 -37.05 -5.89
CA SER G 127 -8.41 -37.86 -5.64
C SER G 127 -7.63 -37.20 -4.51
N VAL G 128 -7.49 -37.91 -3.40
CA VAL G 128 -6.88 -37.38 -2.20
C VAL G 128 -5.42 -37.80 -2.16
N PHE G 129 -4.51 -36.82 -2.19
CA PHE G 129 -3.07 -37.13 -2.29
C PHE G 129 -2.34 -36.56 -1.07
N PRO G 130 -1.74 -37.41 -0.21
CA PRO G 130 -1.14 -36.93 1.04
C PRO G 130 -0.02 -35.89 0.89
N LEU G 131 -0.06 -34.84 1.72
CA LEU G 131 1.06 -33.87 1.73
C LEU G 131 2.05 -34.44 2.74
N ALA G 132 3.31 -34.64 2.35
CA ALA G 132 4.33 -35.29 3.20
C ALA G 132 4.59 -34.54 4.50
N PRO G 133 4.77 -35.24 5.64
CA PRO G 133 5.10 -34.59 6.89
C PRO G 133 6.57 -34.16 6.85
N SER G 134 7.00 -33.57 5.74
CA SER G 134 8.42 -33.17 5.55
C SER G 134 8.87 -32.23 6.67
N SER G 135 10.03 -32.48 7.27
CA SER G 135 10.46 -31.69 8.44
C SER G 135 10.64 -30.21 8.10
N LYS G 136 11.02 -29.89 6.88
CA LYS G 136 11.31 -28.47 6.53
C LYS G 136 10.43 -27.55 7.37
N SER G 137 11.03 -26.72 8.21
CA SER G 137 10.27 -25.79 9.10
C SER G 137 10.90 -24.40 9.04
N THR G 138 10.31 -23.42 9.74
CA THR G 138 10.87 -22.05 9.81
C THR G 138 10.57 -21.44 11.18
N SER G 139 9.47 -20.67 11.29
CA SER G 139 9.05 -20.05 12.58
C SER G 139 8.20 -21.04 13.35
N GLY G 140 8.30 -22.32 13.02
CA GLY G 140 7.45 -23.32 13.67
C GLY G 140 8.26 -24.43 14.33
N GLY G 141 9.05 -25.16 13.56
CA GLY G 141 9.73 -26.31 14.18
C GLY G 141 8.66 -27.21 14.77
N THR G 142 7.44 -27.14 14.22
CA THR G 142 6.32 -27.99 14.68
C THR G 142 5.90 -28.86 13.50
N ALA G 143 5.53 -30.11 13.73
CA ALA G 143 5.23 -30.99 12.59
C ALA G 143 4.07 -30.41 11.79
N ALA G 144 4.22 -30.37 10.47
CA ALA G 144 3.18 -29.80 9.61
C ALA G 144 2.80 -30.80 8.53
N LEU G 145 1.54 -31.21 8.47
CA LEU G 145 1.12 -32.23 7.49
C LEU G 145 -0.15 -31.76 6.80
N GLY G 146 -0.71 -32.54 5.88
CA GLY G 146 -2.00 -32.17 5.25
C GLY G 146 -2.42 -33.15 4.15
N CYS G 147 -3.64 -33.00 3.64
CA CYS G 147 -4.11 -33.85 2.50
C CYS G 147 -4.40 -32.90 1.34
N LEU G 148 -4.51 -33.42 0.13
CA LEU G 148 -4.79 -32.60 -1.05
C LEU G 148 -5.97 -33.22 -1.81
N VAL G 149 -7.16 -32.67 -1.58
CA VAL G 149 -8.36 -33.13 -2.28
C VAL G 149 -8.37 -32.45 -3.65
N LYS G 150 -8.44 -33.25 -4.71
CA LYS G 150 -8.23 -32.66 -6.02
C LYS G 150 -9.12 -33.30 -7.07
N ASP G 151 -9.43 -32.52 -8.11
CA ASP G 151 -10.19 -32.93 -9.29
C ASP G 151 -11.59 -33.45 -8.91
N TYR G 152 -12.44 -32.52 -8.47
CA TYR G 152 -13.81 -32.86 -8.14
C TYR G 152 -14.76 -31.74 -8.58
N PHE G 153 -16.04 -32.12 -8.71
CA PHE G 153 -17.17 -31.26 -9.06
C PHE G 153 -18.43 -32.01 -8.62
N PRO G 154 -19.41 -31.36 -7.96
CA PRO G 154 -19.57 -29.96 -7.54
C PRO G 154 -18.75 -29.61 -6.29
N GLU G 155 -18.99 -28.43 -5.72
CA GLU G 155 -18.05 -27.86 -4.74
C GLU G 155 -18.04 -28.48 -3.34
N PRO G 156 -19.16 -28.86 -2.72
CA PRO G 156 -19.08 -29.11 -1.27
C PRO G 156 -18.35 -30.41 -0.99
N VAL G 157 -17.27 -30.30 -0.21
CA VAL G 157 -16.49 -31.44 0.28
C VAL G 157 -16.31 -31.30 1.79
N THR G 158 -16.35 -32.41 2.50
CA THR G 158 -16.31 -32.43 3.96
C THR G 158 -15.00 -33.08 4.42
N VAL G 159 -14.01 -32.26 4.77
CA VAL G 159 -12.73 -32.73 5.25
C VAL G 159 -12.71 -32.68 6.77
N SER G 160 -12.50 -33.84 7.40
CA SER G 160 -12.40 -33.96 8.85
C SER G 160 -11.20 -34.83 9.18
N TRP G 161 -10.43 -34.42 10.18
CA TRP G 161 -9.21 -35.13 10.56
C TRP G 161 -9.47 -36.04 11.75
N ASN G 162 -8.99 -37.28 11.64
CA ASN G 162 -9.09 -38.29 12.70
C ASN G 162 -10.52 -38.45 13.21
N SER G 163 -11.50 -38.26 12.32
CA SER G 163 -12.92 -38.48 12.63
C SER G 163 -13.34 -37.70 13.88
N GLY G 164 -12.92 -36.45 13.97
CA GLY G 164 -13.36 -35.56 15.02
C GLY G 164 -12.41 -35.39 16.19
N ALA G 165 -11.38 -36.24 16.30
CA ALA G 165 -10.45 -36.11 17.42
C ALA G 165 -9.57 -34.88 17.26
N LEU G 166 -8.97 -34.70 16.09
CA LEU G 166 -8.06 -33.58 15.86
C LEU G 166 -8.83 -32.31 15.55
N THR G 167 -8.48 -31.23 16.26
CA THR G 167 -9.05 -29.92 16.01
C THR G 167 -8.05 -28.77 16.07
N SER G 168 -6.90 -28.95 16.72
CA SER G 168 -5.92 -27.88 16.84
C SER G 168 -5.20 -27.63 15.51
N GLY G 169 -5.07 -26.35 15.14
CA GLY G 169 -4.30 -25.97 13.97
C GLY G 169 -4.84 -26.43 12.63
N VAL G 170 -5.98 -27.11 12.64
CA VAL G 170 -6.59 -27.58 11.39
C VAL G 170 -7.04 -26.39 10.56
N HIS G 171 -6.65 -26.40 9.28
CA HIS G 171 -7.11 -25.41 8.30
C HIS G 171 -7.60 -26.10 7.05
N THR G 172 -8.81 -25.78 6.64
CA THR G 172 -9.42 -26.26 5.40
C THR G 172 -9.58 -25.05 4.48
N PHE G 173 -8.80 -25.02 3.41
CA PHE G 173 -8.73 -23.84 2.56
C PHE G 173 -9.92 -23.80 1.61
N PRO G 174 -10.29 -22.62 1.12
CA PRO G 174 -11.29 -22.56 0.06
C PRO G 174 -10.82 -23.30 -1.19
N ALA G 175 -11.75 -23.98 -1.85
CA ALA G 175 -11.42 -24.80 -3.00
C ALA G 175 -11.17 -23.93 -4.22
N VAL G 176 -10.05 -24.17 -4.89
CA VAL G 176 -9.71 -23.46 -6.12
C VAL G 176 -10.33 -24.18 -7.31
N LEU G 177 -10.87 -23.39 -8.23
CA LEU G 177 -11.40 -23.90 -9.50
C LEU G 177 -10.27 -23.86 -10.51
N GLN G 178 -9.78 -25.02 -10.91
CA GLN G 178 -8.64 -25.06 -11.81
C GLN G 178 -9.10 -24.78 -13.24
N SER G 179 -8.14 -24.72 -14.16
CA SER G 179 -8.49 -24.45 -15.56
C SER G 179 -9.37 -25.56 -16.12
N SER G 180 -9.19 -26.79 -15.61
CA SER G 180 -9.94 -27.94 -16.08
C SER G 180 -11.44 -27.80 -15.84
N GLY G 181 -11.86 -26.90 -14.96
CA GLY G 181 -13.24 -26.87 -14.50
C GLY G 181 -13.49 -27.72 -13.29
N LEU G 182 -12.51 -28.51 -12.85
CA LEU G 182 -12.64 -29.30 -11.64
C LEU G 182 -12.15 -28.46 -10.46
N TYR G 183 -12.24 -29.00 -9.25
CA TYR G 183 -11.90 -28.26 -8.05
C TYR G 183 -10.71 -28.91 -7.37
N SER G 184 -9.99 -28.12 -6.58
CA SER G 184 -8.84 -28.59 -5.82
C SER G 184 -8.85 -27.99 -4.43
N LEU G 185 -8.57 -28.83 -3.44
CA LEU G 185 -8.52 -28.45 -2.04
C LEU G 185 -7.22 -28.92 -1.40
N SER G 186 -6.72 -28.10 -0.46
CA SER G 186 -5.59 -28.45 0.38
C SER G 186 -5.99 -28.21 1.83
N SER G 187 -5.89 -29.26 2.65
CA SER G 187 -6.23 -29.20 4.07
C SER G 187 -5.02 -29.59 4.89
N VAL G 188 -4.37 -28.61 5.53
CA VAL G 188 -3.17 -28.85 6.31
C VAL G 188 -3.50 -28.78 7.81
N VAL G 189 -2.60 -29.35 8.61
CA VAL G 189 -2.69 -29.31 10.07
C VAL G 189 -1.29 -29.16 10.65
N THR G 190 -1.17 -28.32 11.68
CA THR G 190 0.07 -28.14 12.42
C THR G 190 0.02 -28.91 13.73
N VAL G 191 0.89 -29.91 13.89
CA VAL G 191 0.86 -30.77 15.06
C VAL G 191 2.23 -30.76 15.74
N PRO G 192 2.29 -31.14 17.01
CA PRO G 192 3.59 -31.27 17.69
C PRO G 192 4.46 -32.35 17.04
N SER G 193 5.75 -32.03 16.89
CA SER G 193 6.68 -32.94 16.21
C SER G 193 6.94 -34.23 16.98
N SER G 194 6.99 -34.17 18.32
CA SER G 194 7.42 -35.35 19.08
C SER G 194 6.40 -36.49 19.01
N SER G 195 5.12 -36.17 19.12
CA SER G 195 4.08 -37.19 19.22
C SER G 195 3.55 -37.58 17.85
N LEU G 196 4.28 -37.21 16.79
CA LEU G 196 3.94 -37.63 15.43
C LEU G 196 3.99 -39.15 15.29
N GLY G 197 4.98 -39.79 15.89
CA GLY G 197 5.21 -41.21 15.66
C GLY G 197 4.08 -42.10 16.13
N THR G 198 3.54 -41.81 17.32
CA THR G 198 2.54 -42.72 17.91
C THR G 198 1.17 -42.53 17.28
N GLN G 199 0.69 -41.29 17.19
CA GLN G 199 -0.68 -41.07 16.74
C GLN G 199 -0.79 -41.31 15.24
N THR G 200 -1.96 -41.79 14.83
CA THR G 200 -2.24 -42.12 13.43
C THR G 200 -3.15 -41.05 12.85
N TYR G 201 -2.61 -40.25 11.92
CA TYR G 201 -3.32 -39.11 11.36
C TYR G 201 -4.04 -39.51 10.08
N ILE G 202 -5.36 -39.36 10.07
CA ILE G 202 -6.21 -39.73 8.95
C ILE G 202 -7.11 -38.54 8.62
N CYS G 203 -7.23 -38.22 7.33
CA CYS G 203 -8.10 -37.15 6.86
C CYS G 203 -9.32 -37.80 6.21
N ASN G 204 -10.50 -37.45 6.70
CA ASN G 204 -11.74 -38.11 6.29
C ASN G 204 -12.44 -37.21 5.28
N VAL G 205 -11.95 -37.27 4.04
CA VAL G 205 -12.56 -36.50 2.97
C VAL G 205 -13.85 -37.18 2.57
N ASN G 206 -14.88 -36.38 2.28
CA ASN G 206 -16.16 -36.91 1.87
C ASN G 206 -16.76 -36.02 0.81
N HIS G 207 -17.27 -36.64 -0.25
CA HIS G 207 -17.90 -35.93 -1.35
C HIS G 207 -19.23 -36.63 -1.55
N LYS G 208 -20.27 -36.06 -0.96
CA LYS G 208 -21.59 -36.70 -0.98
C LYS G 208 -22.19 -36.76 -2.37
N PRO G 209 -22.07 -35.75 -3.24
CA PRO G 209 -22.59 -35.88 -4.61
C PRO G 209 -22.08 -37.09 -5.40
N SER G 210 -20.87 -37.58 -5.14
CA SER G 210 -20.36 -38.74 -5.86
C SER G 210 -20.13 -39.94 -4.96
N ASN G 211 -20.63 -39.89 -3.72
CA ASN G 211 -20.49 -40.96 -2.73
C ASN G 211 -19.08 -41.54 -2.69
N THR G 212 -18.10 -40.64 -2.54
CA THR G 212 -16.68 -40.98 -2.54
C THR G 212 -16.08 -40.62 -1.18
N LYS G 213 -16.25 -41.49 -0.19
CA LYS G 213 -15.55 -41.29 1.08
C LYS G 213 -14.13 -41.83 0.96
N VAL G 214 -13.17 -41.02 1.40
CA VAL G 214 -11.75 -41.36 1.31
C VAL G 214 -11.12 -41.09 2.66
N ASP G 215 -10.44 -42.09 3.20
CA ASP G 215 -9.67 -41.97 4.43
C ASP G 215 -8.23 -42.29 4.07
N LYS G 216 -7.33 -41.35 4.36
CA LYS G 216 -5.96 -41.45 3.92
C LYS G 216 -5.01 -41.30 5.10
N LYS G 217 -4.01 -42.17 5.15
CA LYS G 217 -3.01 -42.16 6.20
C LYS G 217 -1.85 -41.28 5.75
N VAL G 218 -1.25 -40.58 6.70
CA VAL G 218 -0.18 -39.64 6.38
C VAL G 218 1.13 -40.03 7.06
N SER H 6 -75.36 -0.44 -7.58
CA SER H 6 -76.12 -0.73 -6.38
C SER H 6 -75.25 -0.63 -5.13
N ILE H 7 -75.48 -1.54 -4.19
CA ILE H 7 -74.65 -1.64 -2.99
C ILE H 7 -73.22 -2.09 -3.34
N GLN H 8 -73.11 -2.88 -4.40
CA GLN H 8 -71.76 -3.32 -4.82
C GLN H 8 -70.88 -2.08 -4.98
N THR H 9 -71.40 -1.04 -5.61
CA THR H 9 -70.58 0.16 -5.73
C THR H 9 -70.28 0.79 -4.38
N THR H 10 -71.19 0.69 -3.40
CA THR H 10 -70.92 1.34 -2.13
C THR H 10 -70.04 0.49 -1.22
N VAL H 11 -69.94 -0.82 -1.46
CA VAL H 11 -69.05 -1.62 -0.64
C VAL H 11 -67.62 -1.53 -1.18
N ASN H 12 -67.48 -1.37 -2.51
CA ASN H 12 -66.16 -1.16 -3.09
C ASN H 12 -65.64 0.24 -2.76
N THR H 13 -66.52 1.23 -2.67
CA THR H 13 -66.08 2.55 -2.25
C THR H 13 -65.54 2.52 -0.83
N LEU H 14 -66.13 1.68 0.04
CA LEU H 14 -65.61 1.52 1.39
C LEU H 14 -64.38 0.62 1.46
N SER H 15 -64.36 -0.49 0.71
CA SER H 15 -63.20 -1.37 0.74
C SER H 15 -61.96 -0.70 0.16
N GLU H 16 -62.12 0.43 -0.52
CA GLU H 16 -60.98 1.21 -0.98
C GLU H 16 -60.75 2.46 -0.14
N ARG H 17 -61.63 2.76 0.82
CA ARG H 17 -61.34 3.80 1.81
C ARG H 17 -60.73 3.19 3.06
N ILE H 18 -61.26 2.04 3.50
CA ILE H 18 -60.67 1.33 4.64
C ILE H 18 -59.20 1.07 4.37
N SER H 19 -58.88 0.65 3.15
CA SER H 19 -57.49 0.44 2.77
C SER H 19 -56.73 1.77 2.76
N SER H 20 -57.31 2.79 2.13
CA SER H 20 -56.62 4.07 1.99
C SER H 20 -56.40 4.73 3.35
N LYS H 21 -57.47 4.90 4.14
CA LYS H 21 -57.35 5.48 5.47
C LYS H 21 -56.26 4.77 6.26
N LEU H 22 -56.07 3.48 5.96
CA LEU H 22 -55.05 2.69 6.69
C LEU H 22 -53.69 2.92 6.06
N GLU H 23 -53.64 3.30 4.79
CA GLU H 23 -52.35 3.46 4.09
C GLU H 23 -51.74 4.82 4.39
N GLN H 24 -52.40 5.61 5.22
CA GLN H 24 -51.92 6.99 5.47
C GLN H 24 -51.90 7.22 6.97
N GLU H 25 -52.89 6.71 7.67
CA GLU H 25 -52.96 6.86 9.13
C GLU H 25 -52.27 5.75 9.90
N ALA H 26 -52.04 4.59 9.30
CA ALA H 26 -51.32 3.51 9.96
C ALA H 26 -50.08 3.08 9.17
N ASN H 27 -49.77 3.79 8.09
CA ASN H 27 -48.59 3.53 7.26
C ASN H 27 -48.51 2.04 6.89
N ALA H 28 -49.57 1.59 6.23
CA ALA H 28 -49.75 0.20 5.84
C ALA H 28 -49.44 -0.01 4.37
N SER H 29 -49.41 -1.28 3.98
CA SER H 29 -49.22 -1.68 2.60
C SER H 29 -49.69 -3.12 2.46
N ALA H 30 -49.93 -3.52 1.21
CA ALA H 30 -50.41 -4.87 0.95
C ALA H 30 -49.31 -5.91 1.11
N GLN H 31 -48.06 -5.52 0.91
CA GLN H 31 -46.90 -6.39 1.10
C GLN H 31 -46.24 -6.22 2.48
N THR H 32 -47.01 -5.82 3.48
CA THR H 32 -46.52 -5.62 4.84
C THR H 32 -46.93 -6.79 5.72
N LYS H 33 -46.03 -7.21 6.60
CA LYS H 33 -46.23 -8.42 7.38
C LYS H 33 -47.35 -8.22 8.41
N CYS H 34 -47.94 -9.34 8.82
CA CYS H 34 -49.17 -9.35 9.61
C CYS H 34 -48.93 -10.03 10.95
N ASP H 35 -49.41 -9.40 12.03
CA ASP H 35 -49.41 -10.06 13.33
C ASP H 35 -50.55 -11.05 13.43
N ILE H 36 -51.65 -10.80 12.72
CA ILE H 36 -52.83 -11.64 12.71
C ILE H 36 -53.21 -11.90 11.27
N GLU H 37 -53.41 -13.17 10.93
CA GLU H 37 -53.79 -13.58 9.58
C GLU H 37 -55.07 -14.39 9.63
N ILE H 38 -55.87 -14.30 8.58
CA ILE H 38 -57.13 -15.03 8.50
C ILE H 38 -56.93 -16.29 7.68
N GLY H 39 -57.23 -17.44 8.29
CA GLY H 39 -57.05 -18.74 7.67
C GLY H 39 -58.20 -19.16 6.79
N ASN H 40 -59.42 -19.19 7.35
CA ASN H 40 -60.59 -19.63 6.62
C ASN H 40 -61.71 -18.62 6.77
N PHE H 41 -62.42 -18.37 5.67
CA PHE H 41 -63.61 -17.48 5.72
C PHE H 41 -64.80 -18.31 5.30
N TYR H 42 -65.67 -18.65 6.23
CA TYR H 42 -66.90 -19.38 5.90
C TYR H 42 -68.05 -18.39 6.03
N ILE H 43 -68.95 -18.37 5.05
CA ILE H 43 -70.07 -17.38 5.06
C ILE H 43 -71.29 -18.03 5.68
N ARG H 44 -71.14 -19.23 6.25
CA ARG H 44 -72.27 -19.92 6.90
C ARG H 44 -73.37 -20.06 5.87
N GLN H 45 -74.56 -19.57 6.18
CA GLN H 45 -75.62 -19.58 5.14
C GLN H 45 -75.16 -18.58 4.09
N ASN H 46 -75.07 -19.00 2.82
CA ASN H 46 -74.53 -18.09 1.78
C ASN H 46 -75.25 -18.28 0.46
N HIS H 47 -75.51 -17.19 -0.23
CA HIS H 47 -76.08 -17.24 -1.60
C HIS H 47 -75.43 -16.22 -2.55
N GLY H 48 -74.23 -16.52 -3.03
CA GLY H 48 -73.67 -15.69 -4.07
C GLY H 48 -72.85 -14.48 -3.65
N CYS H 49 -72.02 -14.60 -2.62
CA CYS H 49 -71.18 -13.50 -2.16
C CYS H 49 -69.73 -13.96 -2.26
N ASN H 50 -68.99 -13.44 -3.24
CA ASN H 50 -67.59 -13.77 -3.42
C ASN H 50 -66.76 -12.79 -2.59
N ILE H 51 -66.49 -13.17 -1.35
CA ILE H 51 -65.76 -12.32 -0.41
C ILE H 51 -64.33 -12.82 -0.36
N THR H 52 -63.40 -11.96 -0.75
CA THR H 52 -61.98 -12.28 -0.77
C THR H 52 -61.30 -11.64 0.43
N VAL H 53 -60.24 -12.28 0.90
CA VAL H 53 -59.48 -11.76 2.02
C VAL H 53 -58.28 -10.99 1.47
N LYS H 54 -58.26 -9.67 1.69
CA LYS H 54 -57.15 -8.80 1.34
C LYS H 54 -56.36 -8.44 2.59
N ASN H 55 -55.05 -8.43 2.46
CA ASN H 55 -54.14 -8.14 3.57
C ASN H 55 -53.68 -6.69 3.49
N MET H 56 -54.09 -5.88 4.46
CA MET H 56 -53.63 -4.50 4.58
C MET H 56 -53.17 -4.32 6.02
N CYS H 57 -52.09 -5.02 6.35
CA CYS H 57 -51.72 -5.17 7.74
C CYS H 57 -50.92 -3.97 8.22
N SER H 58 -50.88 -3.82 9.54
CA SER H 58 -50.33 -2.64 10.18
C SER H 58 -49.97 -3.01 11.61
N ALA H 59 -49.48 -2.01 12.35
CA ALA H 59 -49.01 -2.21 13.71
C ALA H 59 -49.88 -1.52 14.74
N ASP H 60 -50.29 -0.28 14.47
CA ASP H 60 -51.05 0.55 15.41
C ASP H 60 -52.51 0.11 15.38
N ALA H 61 -52.86 -0.82 16.27
CA ALA H 61 -54.23 -1.31 16.34
C ALA H 61 -55.22 -0.21 16.68
N ASP H 62 -54.81 0.69 17.56
CA ASP H 62 -55.77 1.71 18.01
C ASP H 62 -56.21 2.48 16.76
N ALA H 63 -55.28 2.77 15.86
CA ALA H 63 -55.63 3.63 14.71
C ALA H 63 -56.53 2.90 13.73
N GLN H 64 -56.23 1.65 13.41
CA GLN H 64 -57.07 0.86 12.51
C GLN H 64 -58.52 1.14 12.86
N LEU H 65 -58.87 0.99 14.12
CA LEU H 65 -60.28 1.16 14.54
C LEU H 65 -60.68 2.55 14.09
N ASP H 66 -59.86 3.54 14.37
CA ASP H 66 -60.25 4.89 14.00
C ASP H 66 -60.37 5.06 12.49
N ALA H 67 -59.52 4.39 11.72
CA ALA H 67 -59.53 4.54 10.27
C ALA H 67 -60.76 3.89 9.65
N VAL H 68 -61.07 2.66 10.06
CA VAL H 68 -62.25 1.98 9.53
C VAL H 68 -63.52 2.69 9.98
N LEU H 69 -63.53 3.23 11.21
CA LEU H 69 -64.68 3.97 11.69
C LEU H 69 -64.88 5.25 10.88
N SER H 70 -63.81 6.04 10.70
CA SER H 70 -63.90 7.26 9.91
C SER H 70 -64.31 6.98 8.47
N ALA H 71 -63.95 5.81 7.93
CA ALA H 71 -64.39 5.46 6.60
C ALA H 71 -65.87 5.06 6.61
N ALA H 72 -66.29 4.34 7.64
CA ALA H 72 -67.70 3.98 7.78
C ALA H 72 -68.56 5.23 8.01
N THR H 73 -68.11 6.15 8.86
CA THR H 73 -68.88 7.38 9.07
C THR H 73 -68.94 8.20 7.80
N GLU H 74 -67.80 8.31 7.10
CA GLU H 74 -67.78 8.96 5.80
C GLU H 74 -68.72 8.26 4.82
N THR H 75 -68.88 6.93 4.95
CA THR H 75 -69.77 6.20 4.07
C THR H 75 -71.24 6.51 4.37
N TYR H 76 -71.56 6.81 5.62
CA TYR H 76 -72.96 7.02 5.96
C TYR H 76 -73.41 8.38 5.46
N SER H 77 -72.59 9.40 5.66
CA SER H 77 -72.76 10.63 4.91
C SER H 77 -72.52 10.31 3.45
N GLY H 78 -73.45 10.67 2.59
CA GLY H 78 -73.27 10.42 1.18
C GLY H 78 -73.98 9.20 0.62
N LEU H 79 -74.56 8.38 1.48
CA LEU H 79 -75.36 7.26 0.92
C LEU H 79 -76.59 7.84 0.23
N THR H 80 -77.21 7.05 -0.66
CA THR H 80 -78.46 7.47 -1.34
C THR H 80 -79.49 7.76 -0.25
N PRO H 81 -80.32 8.83 -0.34
CA PRO H 81 -81.21 9.16 0.76
C PRO H 81 -82.23 8.05 1.07
N GLU H 82 -82.82 7.44 0.04
CA GLU H 82 -83.75 6.31 0.31
C GLU H 82 -82.96 5.16 0.92
N GLN H 83 -81.75 4.93 0.43
CA GLN H 83 -80.88 3.87 0.98
C GLN H 83 -80.41 4.17 2.41
N LYS H 84 -80.08 5.42 2.72
CA LYS H 84 -79.49 5.76 4.03
C LYS H 84 -80.40 5.42 5.19
N ALA H 85 -81.71 5.59 5.04
CA ALA H 85 -82.61 5.41 6.20
C ALA H 85 -82.77 3.96 6.62
N TYR H 86 -82.48 2.99 5.75
CA TYR H 86 -82.70 1.55 6.03
C TYR H 86 -81.65 0.98 6.99
N VAL H 87 -80.70 1.79 7.41
CA VAL H 87 -79.59 1.28 8.26
C VAL H 87 -80.05 0.80 9.63
N PRO H 88 -80.90 1.51 10.41
CA PRO H 88 -81.22 1.06 11.77
C PRO H 88 -81.70 -0.39 11.69
N ALA H 89 -82.08 -0.83 10.49
CA ALA H 89 -82.53 -2.21 10.35
C ALA H 89 -81.36 -3.17 10.16
N MET H 90 -80.34 -2.79 9.38
CA MET H 90 -79.16 -3.64 9.28
C MET H 90 -78.49 -3.74 10.62
N PHE H 91 -78.44 -2.63 11.33
CA PHE H 91 -77.77 -2.54 12.61
C PHE H 91 -78.40 -3.54 13.56
N THR H 92 -79.73 -3.52 13.62
CA THR H 92 -80.54 -4.42 14.44
C THR H 92 -80.50 -5.86 13.93
N ALA H 93 -80.36 -6.06 12.61
CA ALA H 93 -80.37 -7.42 12.07
C ALA H 93 -79.04 -8.12 12.28
N ALA H 94 -77.93 -7.38 12.23
CA ALA H 94 -76.60 -7.94 12.39
C ALA H 94 -76.15 -7.92 13.84
N LEU H 95 -76.38 -6.83 14.55
CA LEU H 95 -75.83 -6.81 15.93
C LEU H 95 -76.95 -6.69 16.98
N ASN H 96 -78.21 -6.75 16.56
CA ASN H 96 -79.33 -6.72 17.53
C ASN H 96 -79.16 -5.53 18.49
N ILE H 97 -79.14 -4.32 17.97
CA ILE H 97 -79.06 -3.09 18.77
C ILE H 97 -80.20 -2.12 18.42
N GLN H 98 -80.84 -1.51 19.44
CA GLN H 98 -81.88 -0.52 19.17
C GLN H 98 -81.22 0.82 18.85
N THR H 99 -81.31 1.28 17.59
CA THR H 99 -80.65 2.53 17.22
C THR H 99 -81.51 3.33 16.24
N SER H 100 -81.10 4.58 15.98
CA SER H 100 -81.80 5.47 15.05
C SER H 100 -80.83 6.12 14.08
N VAL H 101 -81.39 6.63 12.97
CA VAL H 101 -80.58 7.18 11.88
C VAL H 101 -79.56 8.19 12.36
N ASN H 102 -79.93 9.03 13.31
CA ASN H 102 -78.99 10.06 13.72
C ASN H 102 -78.04 9.57 14.82
N THR H 103 -78.46 8.57 15.61
CA THR H 103 -77.65 8.10 16.73
C THR H 103 -76.83 6.88 16.38
N VAL H 104 -76.72 6.55 15.10
CA VAL H 104 -76.00 5.33 14.73
C VAL H 104 -74.51 5.51 14.99
N VAL H 105 -73.91 6.58 14.48
CA VAL H 105 -72.46 6.67 14.43
C VAL H 105 -71.80 6.68 15.82
N ARG H 106 -72.27 7.48 16.79
CA ARG H 106 -71.57 7.38 18.08
C ARG H 106 -71.80 6.03 18.73
N ASP H 107 -73.05 5.58 18.76
CA ASP H 107 -73.31 4.29 19.41
C ASP H 107 -72.76 3.12 18.61
N PHE H 108 -72.65 3.26 17.28
CA PHE H 108 -71.89 2.28 16.52
C PHE H 108 -70.41 2.37 16.86
N GLU H 109 -69.87 3.59 16.84
CA GLU H 109 -68.49 3.79 17.27
C GLU H 109 -68.28 3.10 18.62
N ASN H 110 -69.19 3.34 19.55
CA ASN H 110 -69.07 2.72 20.87
C ASN H 110 -69.32 1.21 20.80
N TYR H 111 -70.22 0.73 19.93
CA TYR H 111 -70.31 -0.71 19.75
C TYR H 111 -68.96 -1.24 19.33
N VAL H 112 -68.41 -0.66 18.28
CA VAL H 112 -67.09 -1.04 17.83
C VAL H 112 -66.06 -0.82 18.95
N LYS H 113 -66.18 0.29 19.70
CA LYS H 113 -65.19 0.54 20.75
C LYS H 113 -65.29 -0.44 21.92
N GLN H 114 -66.50 -0.74 22.41
CA GLN H 114 -66.53 -1.66 23.54
C GLN H 114 -66.51 -3.11 23.11
N THR H 115 -66.83 -3.41 21.87
CA THR H 115 -66.69 -4.79 21.41
C THR H 115 -65.25 -5.05 20.98
N CYS H 116 -64.64 -4.10 20.29
CA CYS H 116 -63.29 -4.24 19.74
C CYS H 116 -62.17 -3.58 20.57
N ASN H 117 -62.41 -3.13 21.80
CA ASN H 117 -61.30 -2.70 22.66
C ASN H 117 -61.25 -3.59 23.88
N SER H 118 -62.04 -4.65 23.88
CA SER H 118 -62.09 -5.63 24.96
C SER H 118 -60.80 -6.42 25.06
N SER H 119 -60.47 -6.83 26.28
CA SER H 119 -59.28 -7.65 26.44
C SER H 119 -59.44 -8.97 25.73
N ALA H 120 -60.68 -9.49 25.64
CA ALA H 120 -60.91 -10.76 24.97
C ALA H 120 -60.71 -10.66 23.47
N VAL H 121 -60.90 -9.48 22.90
CA VAL H 121 -60.64 -9.25 21.49
C VAL H 121 -59.26 -8.64 21.32
N VAL H 122 -58.61 -8.26 22.41
CA VAL H 122 -57.22 -7.76 22.28
C VAL H 122 -56.27 -8.92 22.56
N ASP H 123 -56.59 -9.69 23.59
CA ASP H 123 -55.67 -10.76 24.03
C ASP H 123 -56.02 -12.10 23.41
N ASN H 124 -56.15 -12.16 22.08
CA ASN H 124 -56.31 -13.45 21.44
C ASN H 124 -54.98 -14.15 21.27
N LYS H 125 -54.01 -13.47 20.66
CA LYS H 125 -52.70 -14.03 20.43
C LYS H 125 -52.76 -15.31 19.61
N LEU H 126 -53.85 -15.50 18.86
CA LEU H 126 -53.90 -16.54 17.85
C LEU H 126 -53.52 -15.88 16.54
N LYS H 127 -52.43 -16.36 15.95
CA LYS H 127 -51.97 -15.80 14.70
C LYS H 127 -52.89 -16.19 13.54
N ILE H 128 -53.41 -17.41 13.55
CA ILE H 128 -54.35 -17.86 12.53
C ILE H 128 -55.76 -17.73 13.11
N GLN H 129 -56.54 -16.78 12.60
CA GLN H 129 -57.91 -16.58 13.05
C GLN H 129 -58.86 -16.87 11.89
N ASN H 130 -60.08 -17.28 12.24
CA ASN H 130 -61.06 -17.69 11.25
C ASN H 130 -62.34 -16.89 11.50
N VAL H 131 -62.90 -16.35 10.42
CA VAL H 131 -64.09 -15.51 10.49
C VAL H 131 -65.25 -16.28 9.86
N ILE H 132 -66.39 -16.31 10.54
CA ILE H 132 -67.58 -16.99 10.06
C ILE H 132 -68.71 -15.97 10.10
N ILE H 133 -69.03 -15.37 8.95
CA ILE H 133 -70.15 -14.44 8.83
C ILE H 133 -71.42 -15.25 8.58
N ASP H 134 -72.51 -14.84 9.22
CA ASP H 134 -73.71 -15.68 9.27
C ASP H 134 -74.43 -15.74 7.92
N GLU H 135 -74.81 -14.60 7.34
CA GLU H 135 -75.61 -14.59 6.11
C GLU H 135 -75.11 -13.61 5.06
N CYS H 136 -75.19 -14.00 3.77
CA CYS H 136 -74.89 -13.10 2.65
C CYS H 136 -75.48 -13.65 1.36
N TYR H 137 -76.14 -12.77 0.58
CA TYR H 137 -76.79 -13.14 -0.67
C TYR H 137 -76.41 -12.09 -1.73
N GLY H 138 -76.51 -12.47 -3.00
CA GLY H 138 -76.10 -11.56 -4.04
C GLY H 138 -76.76 -11.88 -5.38
N ALA H 139 -76.49 -10.99 -6.36
CA ALA H 139 -77.04 -11.00 -7.71
C ALA H 139 -76.18 -11.86 -8.63
N PRO H 140 -76.77 -12.45 -9.67
CA PRO H 140 -75.96 -13.29 -10.58
C PRO H 140 -74.95 -12.50 -11.37
N GLY H 141 -75.34 -11.35 -11.94
CA GLY H 141 -74.44 -10.59 -12.78
C GLY H 141 -73.22 -10.06 -12.04
N SER H 142 -73.43 -9.54 -10.84
CA SER H 142 -72.35 -9.05 -9.98
C SER H 142 -72.64 -9.67 -8.63
N PRO H 143 -71.93 -10.75 -8.28
CA PRO H 143 -72.23 -11.52 -7.06
C PRO H 143 -71.61 -10.90 -5.81
N THR H 144 -71.75 -9.58 -5.71
CA THR H 144 -71.30 -8.80 -4.57
C THR H 144 -69.89 -9.26 -4.17
N ASN H 145 -68.96 -9.11 -5.12
CA ASN H 145 -67.58 -9.38 -4.80
C ASN H 145 -67.13 -8.41 -3.73
N MET H 146 -66.66 -8.95 -2.61
CA MET H 146 -66.38 -8.16 -1.44
C MET H 146 -64.98 -8.49 -0.95
N GLU H 147 -64.55 -7.77 0.09
CA GLU H 147 -63.19 -7.91 0.59
C GLU H 147 -63.17 -7.71 2.10
N PHE H 148 -62.53 -8.64 2.80
CA PHE H 148 -62.27 -8.51 4.24
C PHE H 148 -60.85 -7.99 4.38
N ILE H 149 -60.72 -6.71 4.69
CA ILE H 149 -59.37 -6.12 4.79
C ILE H 149 -58.76 -6.56 6.12
N ASN H 150 -57.77 -7.46 6.11
CA ASN H 150 -57.08 -7.83 7.37
C ASN H 150 -56.35 -6.59 7.83
N THR H 151 -56.49 -6.24 9.10
CA THR H 151 -55.91 -4.97 9.56
C THR H 151 -54.65 -5.21 10.36
N GLY H 152 -54.22 -6.46 10.44
CA GLY H 152 -52.95 -6.76 11.13
C GLY H 152 -53.12 -6.95 12.62
N SER H 153 -54.36 -6.92 13.11
CA SER H 153 -54.61 -6.99 14.57
C SER H 153 -56.03 -7.47 14.87
N SER H 154 -56.22 -8.11 16.00
CA SER H 154 -57.54 -8.66 16.36
C SER H 154 -58.53 -7.54 16.61
N LYS H 155 -58.12 -6.48 17.26
CA LYS H 155 -59.02 -5.35 17.59
C LYS H 155 -59.50 -4.68 16.30
N GLY H 156 -58.61 -4.52 15.34
CA GLY H 156 -59.00 -3.90 14.07
C GLY H 156 -59.85 -4.85 13.27
N ASN H 157 -59.39 -6.08 13.15
CA ASN H 157 -60.23 -7.07 12.47
C ASN H 157 -61.59 -7.21 13.14
N CYS H 158 -61.66 -6.99 14.46
CA CYS H 158 -62.95 -7.02 15.15
C CYS H 158 -63.91 -6.00 14.56
N ALA H 159 -63.40 -4.82 14.21
CA ALA H 159 -64.25 -3.79 13.62
C ALA H 159 -64.70 -4.20 12.21
N ILE H 160 -63.81 -4.83 11.46
CA ILE H 160 -64.15 -5.27 10.11
C ILE H 160 -65.27 -6.31 10.14
N LYS H 161 -65.15 -7.31 11.03
CA LYS H 161 -66.16 -8.35 11.12
C LYS H 161 -67.56 -7.78 11.37
N ALA H 162 -67.67 -6.81 12.28
CA ALA H 162 -68.98 -6.23 12.57
C ALA H 162 -69.52 -5.46 11.37
N LEU H 163 -68.69 -4.61 10.75
CA LEU H 163 -69.11 -3.92 9.55
C LEU H 163 -69.43 -4.91 8.45
N MET H 164 -68.63 -5.98 8.36
CA MET H 164 -68.87 -7.00 7.35
C MET H 164 -70.22 -7.66 7.59
N GLN H 165 -70.54 -7.93 8.86
CA GLN H 165 -71.88 -8.40 9.21
C GLN H 165 -72.95 -7.40 8.81
N LEU H 166 -72.63 -6.10 8.86
CA LEU H 166 -73.61 -5.08 8.47
C LEU H 166 -73.82 -5.08 6.97
N THR H 167 -72.73 -5.02 6.20
CA THR H 167 -72.85 -5.00 4.75
C THR H 167 -73.46 -6.30 4.22
N THR H 168 -73.12 -7.44 4.84
CA THR H 168 -73.71 -8.70 4.40
C THR H 168 -75.20 -8.78 4.71
N LYS H 169 -75.68 -8.00 5.69
CA LYS H 169 -77.09 -8.00 6.03
C LYS H 169 -77.90 -7.01 5.20
N ALA H 170 -77.21 -6.07 4.54
CA ALA H 170 -77.90 -5.08 3.70
C ALA H 170 -78.49 -5.71 2.45
N THR H 171 -77.87 -6.78 1.96
CA THR H 171 -78.34 -7.42 0.74
C THR H 171 -79.76 -7.95 0.91
N THR H 172 -80.15 -8.29 2.13
CA THR H 172 -81.51 -8.78 2.40
C THR H 172 -82.49 -7.61 2.53
N ILE I 1 -36.56 -0.03 -0.39
CA ILE I 1 -36.17 -1.16 -1.21
C ILE I 1 -34.65 -1.31 -1.18
N GLN I 2 -33.97 -0.40 -1.86
CA GLN I 2 -32.51 -0.47 -1.99
C GLN I 2 -31.84 -0.02 -0.70
N LEU I 3 -31.06 -0.92 -0.10
CA LEU I 3 -30.25 -0.60 1.07
C LEU I 3 -28.79 -0.49 0.65
N THR I 4 -28.15 0.63 1.00
CA THR I 4 -26.77 0.89 0.61
C THR I 4 -25.95 0.85 1.90
N GLN I 5 -25.26 -0.27 2.11
CA GLN I 5 -24.58 -0.55 3.36
C GLN I 5 -23.14 -0.08 3.27
N SER I 6 -22.69 0.62 4.32
CA SER I 6 -21.34 1.15 4.42
C SER I 6 -20.85 0.95 5.83
N PRO I 7 -19.54 0.69 6.02
CA PRO I 7 -18.44 0.64 5.03
C PRO I 7 -18.38 -0.70 4.33
N SER I 8 -17.82 -0.76 3.12
CA SER I 8 -17.69 -2.04 2.45
C SER I 8 -16.63 -2.93 3.11
N SER I 9 -15.66 -2.33 3.80
CA SER I 9 -14.63 -3.07 4.52
C SER I 9 -14.08 -2.17 5.61
N VAL I 10 -14.16 -2.59 6.87
CA VAL I 10 -13.68 -1.79 7.99
C VAL I 10 -12.71 -2.63 8.81
N SER I 11 -11.79 -1.95 9.49
CA SER I 11 -10.77 -2.63 10.30
C SER I 11 -10.37 -1.72 11.44
N ALA I 12 -10.59 -2.16 12.68
CA ALA I 12 -10.18 -1.43 13.87
C ALA I 12 -9.60 -2.42 14.87
N SER I 13 -8.72 -1.91 15.72
CA SER I 13 -7.97 -2.79 16.62
C SER I 13 -8.85 -3.30 17.76
N VAL I 14 -8.27 -4.21 18.54
CA VAL I 14 -8.99 -4.84 19.67
C VAL I 14 -9.31 -3.78 20.71
N GLY I 15 -10.56 -3.77 21.17
CA GLY I 15 -10.95 -2.86 22.23
C GLY I 15 -11.50 -1.53 21.76
N ASP I 16 -11.62 -1.33 20.46
CA ASP I 16 -12.13 -0.08 19.91
C ASP I 16 -13.46 -0.32 19.19
N GLY I 17 -14.00 0.74 18.60
CA GLY I 17 -15.34 0.71 18.04
C GLY I 17 -15.34 0.89 16.53
N VAL I 18 -16.36 0.30 15.89
CA VAL I 18 -16.63 0.48 14.47
C VAL I 18 -18.10 0.86 14.31
N THR I 19 -18.38 1.64 13.28
CA THR I 19 -19.73 2.12 13.01
C THR I 19 -20.11 1.70 11.60
N ILE I 20 -21.25 1.01 11.49
CA ILE I 20 -21.75 0.49 10.22
C ILE I 20 -23.08 1.19 9.93
N THR I 21 -23.22 1.68 8.70
CA THR I 21 -24.37 2.49 8.31
C THR I 21 -25.18 1.75 7.24
N CYS I 22 -26.51 1.75 7.39
CA CYS I 22 -27.42 1.03 6.49
C CYS I 22 -28.45 2.00 5.92
N ARG I 23 -28.05 2.67 4.84
CA ARG I 23 -28.89 3.66 4.16
C ARG I 23 -30.03 3.01 3.36
N ALA I 24 -31.25 3.48 3.60
CA ALA I 24 -32.41 3.01 2.86
C ALA I 24 -32.83 4.04 1.82
N SER I 25 -33.54 3.58 0.80
CA SER I 25 -34.00 4.45 -0.26
C SER I 25 -35.37 5.02 0.04
N GLN I 26 -36.16 4.29 0.82
CA GLN I 26 -37.49 4.62 1.25
C GLN I 26 -37.59 4.52 2.76
N PRO I 27 -38.50 5.29 3.37
CA PRO I 27 -38.80 5.09 4.79
C PRO I 27 -39.20 3.64 5.08
N ILE I 28 -38.38 2.97 5.89
CA ILE I 28 -38.68 1.61 6.32
C ILE I 28 -39.23 1.58 7.74
N GLY I 29 -39.15 2.68 8.47
CA GLY I 29 -39.55 2.74 9.86
C GLY I 29 -38.29 2.49 10.68
N THR I 30 -38.43 1.88 11.85
CA THR I 30 -37.29 1.48 12.66
C THR I 30 -37.02 -0.02 12.48
N TRP I 31 -37.72 -0.66 11.54
CA TRP I 31 -37.71 -2.11 11.37
C TRP I 31 -36.48 -2.49 10.55
N VAL I 32 -35.33 -2.52 11.23
CA VAL I 32 -34.09 -3.01 10.65
C VAL I 32 -33.46 -3.99 11.62
N ALA I 33 -32.84 -5.03 11.08
CA ALA I 33 -32.17 -6.05 11.88
C ALA I 33 -30.77 -6.29 11.35
N TRP I 34 -29.84 -6.58 12.26
CA TRP I 34 -28.44 -6.75 11.93
C TRP I 34 -28.04 -8.21 12.15
N TYR I 35 -27.17 -8.71 11.28
CA TYR I 35 -26.86 -10.13 11.21
C TYR I 35 -25.35 -10.36 11.18
N GLN I 36 -24.93 -11.53 11.68
CA GLN I 36 -23.54 -11.95 11.67
C GLN I 36 -23.42 -13.27 10.92
N GLN I 37 -22.68 -13.28 9.81
CA GLN I 37 -22.34 -14.52 9.13
C GLN I 37 -20.84 -14.76 9.26
N LYS I 38 -20.49 -15.73 10.09
CA LYS I 38 -19.13 -16.17 10.26
C LYS I 38 -18.68 -16.98 9.04
N PRO I 39 -17.37 -16.98 8.72
CA PRO I 39 -16.91 -17.69 7.50
C PRO I 39 -17.36 -19.15 7.45
N GLY I 40 -18.11 -19.48 6.41
CA GLY I 40 -18.60 -20.84 6.24
C GLY I 40 -19.56 -21.29 7.32
N LYS I 41 -20.41 -20.40 7.82
CA LYS I 41 -21.34 -20.77 8.87
C LYS I 41 -22.65 -19.99 8.71
N ALA I 42 -23.70 -20.53 9.32
CA ALA I 42 -25.04 -19.98 9.22
C ALA I 42 -25.15 -18.61 9.88
N PRO I 43 -25.86 -17.66 9.26
CA PRO I 43 -26.01 -16.32 9.84
C PRO I 43 -26.64 -16.33 11.22
N LYS I 44 -26.46 -15.20 11.92
CA LYS I 44 -26.89 -15.01 13.30
C LYS I 44 -27.61 -13.67 13.43
N LEU I 45 -28.58 -13.60 14.35
CA LEU I 45 -29.22 -12.33 14.66
C LEU I 45 -28.44 -11.69 15.79
N LEU I 46 -28.11 -10.42 15.64
CA LEU I 46 -27.45 -9.71 16.73
C LEU I 46 -28.44 -8.78 17.43
N ILE I 47 -28.93 -7.76 16.73
CA ILE I 47 -29.84 -6.80 17.30
C ILE I 47 -30.98 -6.58 16.30
N SER I 48 -32.11 -6.05 16.79
CA SER I 48 -33.26 -5.82 15.93
C SER I 48 -33.98 -4.54 16.39
N GLY I 49 -35.04 -4.17 15.68
CA GLY I 49 -35.74 -2.92 15.96
C GLY I 49 -37.13 -2.83 15.39
N ALA I 50 -37.92 -1.91 15.95
CA ALA I 50 -39.31 -1.72 15.53
C ALA I 50 -39.72 -0.26 15.77
N SER I 51 -40.91 0.09 15.27
CA SER I 51 -41.30 1.50 15.20
C SER I 51 -42.74 1.82 15.54
N SER I 52 -43.55 0.84 15.95
CA SER I 52 -45.00 0.98 16.22
C SER I 52 -45.52 2.41 16.43
N SER I 66 -40.71 7.74 8.82
CA SER I 66 -39.52 7.68 7.95
C SER I 66 -38.51 6.73 8.57
N GLY I 67 -37.32 6.66 8.01
CA GLY I 67 -36.32 5.70 8.48
C GLY I 67 -35.37 5.45 7.36
N THR I 68 -34.75 6.51 6.85
CA THR I 68 -33.94 6.28 5.66
C THR I 68 -32.51 5.89 6.00
N ASP I 69 -31.95 6.37 7.11
CA ASP I 69 -30.60 6.03 7.54
C ASP I 69 -30.59 5.23 8.85
N PHE I 70 -29.58 4.37 9.02
CA PHE I 70 -29.45 3.56 10.22
C PHE I 70 -27.99 3.27 10.53
N THR I 71 -27.67 3.05 11.82
CA THR I 71 -26.30 2.74 12.23
C THR I 71 -26.27 1.58 13.21
N LEU I 72 -25.10 0.94 13.28
CA LEU I 72 -24.80 -0.09 14.28
C LEU I 72 -23.37 0.12 14.74
N THR I 73 -23.17 0.15 16.05
CA THR I 73 -21.85 0.40 16.63
C THR I 73 -21.39 -0.83 17.40
N ILE I 74 -20.34 -1.46 16.90
CA ILE I 74 -19.70 -2.58 17.60
C ILE I 74 -18.57 -1.98 18.41
N SER I 75 -18.63 -2.13 19.74
CA SER I 75 -17.79 -1.33 20.62
C SER I 75 -16.67 -2.11 21.29
N SER I 76 -16.97 -3.19 21.99
CA SER I 76 -15.94 -3.99 22.63
C SER I 76 -15.41 -5.03 21.63
N LEU I 77 -14.50 -4.60 20.74
CA LEU I 77 -13.98 -5.57 19.79
C LEU I 77 -13.03 -6.52 20.48
N GLN I 78 -13.34 -7.80 20.35
CA GLN I 78 -12.60 -8.99 20.72
C GLN I 78 -12.34 -9.78 19.44
N PRO I 79 -11.26 -10.56 19.38
CA PRO I 79 -10.93 -11.27 18.13
C PRO I 79 -12.00 -12.22 17.62
N ASP I 80 -13.04 -12.53 18.40
CA ASP I 80 -14.04 -13.48 17.95
C ASP I 80 -15.08 -12.85 17.05
N ASP I 81 -14.98 -11.55 16.81
CA ASP I 81 -15.98 -10.78 16.09
C ASP I 81 -15.60 -10.55 14.63
N SER I 82 -14.68 -11.35 14.10
CA SER I 82 -14.29 -11.22 12.70
C SER I 82 -15.32 -11.94 11.85
N ALA I 83 -16.14 -11.16 11.13
CA ALA I 83 -17.25 -11.74 10.39
C ALA I 83 -17.75 -10.72 9.39
N THR I 84 -18.83 -11.07 8.71
CA THR I 84 -19.52 -10.20 7.75
C THR I 84 -20.90 -9.89 8.31
N TYR I 85 -21.31 -8.61 8.24
CA TYR I 85 -22.52 -8.14 8.88
C TYR I 85 -23.46 -7.52 7.85
N PHE I 86 -24.77 -7.76 8.02
CA PHE I 86 -25.80 -7.33 7.07
C PHE I 86 -26.97 -6.67 7.79
N CYS I 87 -27.70 -5.84 7.05
CA CYS I 87 -28.93 -5.20 7.52
C CYS I 87 -30.09 -5.57 6.60
N GLN I 88 -31.31 -5.46 7.10
CA GLN I 88 -32.47 -5.92 6.31
C GLN I 88 -33.80 -5.25 6.70
N GLN I 89 -34.55 -4.75 5.72
CA GLN I 89 -35.93 -4.28 5.99
C GLN I 89 -36.64 -5.52 6.48
N THR I 90 -37.42 -5.42 7.53
CA THR I 90 -37.97 -6.67 8.07
C THR I 90 -39.49 -6.66 8.07
N ASN I 91 -40.12 -5.54 7.70
CA ASN I 91 -41.61 -5.46 7.78
C ASN I 91 -42.24 -5.55 6.40
N THR I 92 -41.59 -4.99 5.37
CA THR I 92 -42.27 -4.94 4.08
C THR I 92 -41.54 -5.83 3.08
N PHE I 93 -42.32 -6.61 2.32
CA PHE I 93 -41.77 -7.33 1.18
C PHE I 93 -41.71 -6.37 -0.01
N PRO I 94 -40.70 -6.50 -0.89
CA PRO I 94 -39.62 -7.49 -0.91
C PRO I 94 -38.53 -7.24 0.13
N LEU I 95 -38.27 -8.27 0.94
CA LEU I 95 -37.23 -8.22 1.96
C LEU I 95 -35.86 -8.08 1.32
N THR I 96 -35.18 -6.97 1.59
CA THR I 96 -33.86 -6.70 1.01
C THR I 96 -32.79 -6.72 2.09
N PHE I 97 -31.61 -7.23 1.72
CA PHE I 97 -30.43 -7.22 2.57
C PHE I 97 -29.47 -6.14 2.08
N GLY I 98 -28.35 -5.98 2.78
CA GLY I 98 -27.36 -5.00 2.40
C GLY I 98 -26.17 -5.65 1.71
N GLN I 99 -25.28 -4.81 1.18
CA GLN I 99 -24.07 -5.33 0.55
C GLN I 99 -23.26 -6.18 1.53
N GLY I 100 -23.12 -5.72 2.76
CA GLY I 100 -22.34 -6.48 3.74
C GLY I 100 -21.04 -5.78 4.05
N THR I 101 -20.70 -5.76 5.34
CA THR I 101 -19.49 -5.10 5.83
C THR I 101 -18.58 -6.14 6.48
N ARG I 102 -17.33 -6.19 6.03
CA ARG I 102 -16.35 -7.13 6.54
C ARG I 102 -15.49 -6.45 7.59
N LEU I 103 -15.50 -6.99 8.80
CA LEU I 103 -14.71 -6.45 9.89
C LEU I 103 -13.49 -7.33 10.09
N GLU I 104 -12.31 -6.72 10.08
CA GLU I 104 -11.05 -7.43 10.25
C GLU I 104 -10.45 -6.87 11.52
N ILE I 105 -10.46 -7.64 12.61
CA ILE I 105 -9.87 -7.11 13.83
C ILE I 105 -8.37 -7.11 13.63
N LYS I 106 -7.74 -6.03 14.05
CA LYS I 106 -6.32 -5.91 13.76
C LYS I 106 -5.52 -6.57 14.87
N ARG I 107 -4.30 -6.93 14.54
CA ARG I 107 -3.49 -7.72 15.46
C ARG I 107 -2.04 -7.35 15.21
N THR I 108 -1.17 -7.75 16.14
CA THR I 108 0.26 -7.48 15.99
C THR I 108 0.82 -8.19 14.76
N VAL I 109 1.80 -7.53 14.12
CA VAL I 109 2.40 -8.06 12.90
C VAL I 109 3.00 -9.43 13.19
N ALA I 110 2.59 -10.43 12.41
CA ALA I 110 2.98 -11.81 12.61
C ALA I 110 3.67 -12.38 11.38
N ALA I 111 4.62 -13.30 11.62
CA ALA I 111 5.36 -13.83 10.49
C ALA I 111 4.78 -15.17 10.03
N PRO I 112 4.88 -15.47 8.75
CA PRO I 112 4.34 -16.74 8.26
C PRO I 112 5.21 -17.92 8.67
N SER I 113 4.57 -18.99 9.15
CA SER I 113 5.32 -20.22 9.46
C SER I 113 5.24 -21.13 8.24
N VAL I 114 6.24 -21.06 7.35
CA VAL I 114 6.16 -21.81 6.07
C VAL I 114 6.61 -23.25 6.26
N PHE I 115 6.06 -24.15 5.46
CA PHE I 115 6.46 -25.57 5.48
C PHE I 115 6.24 -26.05 4.06
N ILE I 116 7.27 -26.58 3.38
CA ILE I 116 7.08 -26.95 1.94
C ILE I 116 6.73 -28.44 1.86
N PHE I 117 5.66 -28.73 1.12
CA PHE I 117 5.26 -30.14 0.93
C PHE I 117 5.48 -30.44 -0.55
N PRO I 118 6.25 -31.48 -0.90
CA PRO I 118 6.55 -31.78 -2.30
C PRO I 118 5.59 -32.84 -2.83
N PRO I 119 5.59 -33.14 -4.13
CA PRO I 119 4.59 -34.05 -4.67
C PRO I 119 4.70 -35.49 -4.14
N SER I 120 3.57 -36.15 -4.00
CA SER I 120 3.52 -37.55 -3.58
C SER I 120 3.54 -38.49 -4.78
N ASP I 121 4.17 -39.65 -4.59
CA ASP I 121 4.26 -40.67 -5.64
C ASP I 121 2.90 -41.11 -6.19
N GLU I 122 1.82 -40.99 -5.42
CA GLU I 122 0.50 -41.22 -5.99
C GLU I 122 0.20 -40.17 -7.07
N GLN I 123 0.47 -38.90 -6.77
CA GLN I 123 0.32 -37.82 -7.73
C GLN I 123 1.26 -37.99 -8.93
N LEU I 124 2.53 -38.32 -8.71
CA LEU I 124 3.49 -38.43 -9.81
C LEU I 124 3.01 -39.41 -10.89
N LYS I 125 2.31 -40.47 -10.48
CA LYS I 125 1.83 -41.48 -11.43
C LYS I 125 0.81 -40.91 -12.41
N SER I 126 0.08 -39.86 -12.02
CA SER I 126 -1.02 -39.37 -12.83
C SER I 126 -0.55 -38.66 -14.10
N GLY I 127 0.63 -38.05 -14.07
CA GLY I 127 1.10 -37.24 -15.17
C GLY I 127 1.18 -35.78 -14.81
N THR I 128 0.73 -35.42 -13.61
CA THR I 128 0.86 -34.08 -13.08
C THR I 128 1.37 -34.20 -11.64
N ALA I 129 2.16 -33.22 -11.23
CA ALA I 129 2.71 -33.18 -9.89
C ALA I 129 2.58 -31.77 -9.37
N SER I 130 2.08 -31.61 -8.14
CA SER I 130 1.75 -30.31 -7.61
C SER I 130 2.46 -30.09 -6.28
N VAL I 131 3.24 -29.01 -6.20
CA VAL I 131 3.98 -28.65 -5.00
C VAL I 131 3.23 -27.53 -4.31
N VAL I 132 2.97 -27.68 -3.02
CA VAL I 132 2.17 -26.72 -2.25
C VAL I 132 3.08 -25.99 -1.27
N CYS I 133 2.89 -24.68 -1.16
CA CYS I 133 3.65 -23.85 -0.23
C CYS I 133 2.68 -23.22 0.77
N LEU I 134 2.82 -23.59 2.04
CA LEU I 134 1.92 -23.18 3.12
C LEU I 134 2.51 -22.01 3.91
N LEU I 135 1.73 -20.95 4.07
CA LEU I 135 2.11 -19.82 4.91
C LEU I 135 1.13 -19.83 6.09
N ASN I 136 1.49 -20.55 7.15
CA ASN I 136 0.55 -20.76 8.28
C ASN I 136 0.57 -19.64 9.31
N ASN I 137 -0.61 -19.31 9.84
CA ASN I 137 -0.71 -18.34 10.95
C ASN I 137 0.11 -17.08 10.69
N PHE I 138 -0.22 -16.33 9.65
CA PHE I 138 0.47 -15.04 9.40
C PHE I 138 -0.49 -13.87 9.40
N TYR I 139 0.03 -12.64 9.51
CA TYR I 139 -0.75 -11.42 9.45
C TYR I 139 0.23 -10.29 9.15
N PRO I 140 -0.10 -9.33 8.27
CA PRO I 140 -1.35 -9.04 7.55
C PRO I 140 -1.63 -10.00 6.41
N ARG I 141 -2.72 -9.76 5.69
CA ARG I 141 -3.15 -10.67 4.64
C ARG I 141 -2.19 -10.67 3.46
N GLU I 142 -1.75 -9.47 3.03
CA GLU I 142 -0.92 -9.36 1.84
C GLU I 142 0.35 -10.18 2.01
N ALA I 143 0.56 -11.12 1.10
CA ALA I 143 1.79 -11.93 1.08
C ALA I 143 2.14 -12.22 -0.37
N LYS I 144 3.25 -11.66 -0.84
CA LYS I 144 3.66 -11.84 -2.23
C LYS I 144 4.43 -13.15 -2.34
N VAL I 145 3.86 -14.10 -3.11
CA VAL I 145 4.40 -15.45 -3.24
C VAL I 145 4.77 -15.75 -4.69
N GLN I 146 6.07 -15.89 -4.96
CA GLN I 146 6.56 -16.35 -6.26
C GLN I 146 7.36 -17.66 -6.08
N TRP I 147 7.30 -18.52 -7.08
CA TRP I 147 7.96 -19.81 -7.12
C TRP I 147 9.29 -19.76 -7.85
N LYS I 148 10.18 -20.70 -7.52
CA LYS I 148 11.48 -20.79 -8.19
C LYS I 148 11.75 -22.24 -8.58
N VAL I 149 11.81 -22.51 -9.88
CA VAL I 149 12.10 -23.83 -10.43
C VAL I 149 13.41 -23.71 -11.18
N ASP I 150 14.41 -24.45 -10.72
CA ASP I 150 15.80 -24.24 -11.16
C ASP I 150 16.10 -22.74 -11.13
N ASN I 151 15.74 -22.11 -10.00
CA ASN I 151 15.88 -20.67 -9.73
C ASN I 151 15.13 -19.86 -10.79
N ALA I 152 13.89 -20.25 -11.08
CA ALA I 152 13.18 -19.48 -12.10
C ALA I 152 11.70 -19.36 -11.79
N LEU I 153 11.18 -18.15 -11.98
CA LEU I 153 9.79 -17.90 -11.69
C LEU I 153 8.99 -18.62 -12.76
N GLN I 154 8.30 -19.66 -12.35
CA GLN I 154 7.47 -20.46 -13.23
C GLN I 154 6.08 -19.91 -13.01
N SER I 155 5.43 -19.44 -14.07
CA SER I 155 4.21 -18.67 -13.95
C SER I 155 3.16 -19.23 -14.89
N GLY I 156 1.90 -18.91 -14.61
CA GLY I 156 0.81 -19.45 -15.38
C GLY I 156 0.39 -20.81 -14.92
N ASN I 157 0.99 -21.31 -13.84
CA ASN I 157 0.72 -22.64 -13.32
C ASN I 157 0.18 -22.62 -11.91
N SER I 158 0.35 -21.50 -11.20
CA SER I 158 0.11 -21.44 -9.78
C SER I 158 -1.19 -20.69 -9.46
N GLN I 159 -1.94 -21.25 -8.51
CA GLN I 159 -3.16 -20.65 -7.99
C GLN I 159 -3.16 -20.85 -6.48
N GLU I 160 -3.68 -19.88 -5.74
CA GLU I 160 -3.65 -19.95 -4.29
C GLU I 160 -5.01 -19.59 -3.75
N SER I 161 -5.28 -20.05 -2.54
CA SER I 161 -6.52 -19.73 -1.84
C SER I 161 -6.14 -19.36 -0.42
N VAL I 162 -6.70 -18.27 0.08
CA VAL I 162 -6.32 -17.71 1.37
C VAL I 162 -7.46 -17.93 2.34
N THR I 163 -7.11 -18.29 3.57
CA THR I 163 -8.15 -18.55 4.56
C THR I 163 -8.60 -17.21 5.14
N GLU I 164 -9.75 -17.21 5.83
CA GLU I 164 -10.21 -16.00 6.48
C GLU I 164 -9.47 -15.79 7.78
N GLN I 165 -9.66 -14.61 8.37
CA GLN I 165 -9.05 -14.32 9.65
C GLN I 165 -9.56 -15.31 10.69
N ASP I 166 -8.69 -15.70 11.61
CA ASP I 166 -9.06 -16.70 12.59
C ASP I 166 -9.87 -16.10 13.74
N SER I 167 -10.69 -16.94 14.35
CA SER I 167 -11.51 -16.51 15.46
C SER I 167 -10.73 -16.44 16.76
N LYS I 168 -9.41 -16.66 16.69
CA LYS I 168 -8.60 -16.74 17.89
C LYS I 168 -7.25 -16.06 17.68
N ASP I 169 -6.62 -16.31 16.53
CA ASP I 169 -5.27 -15.84 16.29
C ASP I 169 -5.23 -14.56 15.50
N SER I 170 -6.35 -14.18 14.88
CA SER I 170 -6.42 -13.00 14.03
C SER I 170 -5.35 -13.05 12.96
N THR I 171 -5.01 -14.27 12.53
CA THR I 171 -3.98 -14.51 11.53
C THR I 171 -4.59 -15.35 10.42
N TYR I 172 -4.15 -15.11 9.19
CA TYR I 172 -4.60 -15.87 8.04
C TYR I 172 -3.62 -17.00 7.72
N SER I 173 -3.95 -17.76 6.68
CA SER I 173 -3.07 -18.80 6.17
C SER I 173 -3.31 -18.91 4.68
N LEU I 174 -2.23 -19.13 3.93
CA LEU I 174 -2.27 -19.16 2.48
C LEU I 174 -1.70 -20.48 1.99
N SER I 175 -2.12 -20.89 0.79
CA SER I 175 -1.71 -22.18 0.23
C SER I 175 -1.58 -22.03 -1.28
N SER I 176 -0.37 -21.69 -1.72
CA SER I 176 -0.08 -21.66 -3.15
C SER I 176 0.10 -23.08 -3.67
N THR I 177 -0.21 -23.27 -4.95
CA THR I 177 -0.18 -24.59 -5.56
C THR I 177 0.47 -24.48 -6.93
N LEU I 178 1.64 -25.11 -7.08
CA LEU I 178 2.35 -25.12 -8.36
C LEU I 178 2.13 -26.50 -8.97
N THR I 179 1.19 -26.57 -9.91
CA THR I 179 0.86 -27.82 -10.58
C THR I 179 1.63 -27.89 -11.89
N LEU I 180 2.52 -28.86 -11.99
CA LEU I 180 3.28 -29.10 -13.21
C LEU I 180 2.92 -30.50 -13.73
N SER I 181 3.43 -30.82 -14.90
CA SER I 181 3.27 -32.14 -15.45
C SER I 181 4.42 -32.99 -14.93
N LYS I 182 4.17 -34.29 -14.76
CA LYS I 182 5.25 -35.18 -14.33
C LYS I 182 6.42 -35.07 -15.28
N ALA I 183 6.15 -34.92 -16.57
CA ALA I 183 7.22 -34.74 -17.55
C ALA I 183 8.08 -33.53 -17.20
N ASP I 184 7.45 -32.41 -16.88
CA ASP I 184 8.23 -31.21 -16.56
C ASP I 184 8.77 -31.29 -15.13
N TYR I 185 8.12 -32.06 -14.26
CA TYR I 185 8.60 -32.28 -12.90
C TYR I 185 9.74 -33.30 -12.86
N GLU I 186 9.69 -34.32 -13.71
CA GLU I 186 10.80 -35.30 -13.75
C GLU I 186 11.95 -34.64 -14.50
N LYS I 187 11.82 -33.34 -14.76
CA LYS I 187 12.84 -32.62 -15.57
C LYS I 187 13.80 -31.81 -14.68
N HIS I 188 13.29 -31.05 -13.73
CA HIS I 188 14.18 -30.14 -12.98
C HIS I 188 14.38 -30.62 -11.53
N LYS I 189 15.37 -30.04 -10.84
CA LYS I 189 15.67 -30.49 -9.46
C LYS I 189 15.43 -29.36 -8.46
N VAL I 190 15.77 -28.13 -8.83
CA VAL I 190 15.64 -27.02 -7.83
C VAL I 190 14.17 -26.62 -7.75
N TYR I 191 13.58 -26.70 -6.56
CA TYR I 191 12.16 -26.37 -6.43
C TYR I 191 12.03 -25.58 -5.13
N ALA I 192 11.71 -24.30 -5.24
CA ALA I 192 11.71 -23.42 -4.08
C ALA I 192 10.37 -22.70 -3.97
N CYS I 193 10.23 -21.89 -2.93
CA CYS I 193 9.03 -21.09 -2.70
C CYS I 193 9.47 -19.85 -1.96
N GLU I 194 9.41 -18.70 -2.62
CA GLU I 194 9.86 -17.44 -2.06
C GLU I 194 8.67 -16.67 -1.48
N VAL I 195 8.81 -16.25 -0.23
CA VAL I 195 7.74 -15.61 0.52
C VAL I 195 8.19 -14.20 0.89
N THR I 196 7.42 -13.20 0.47
CA THR I 196 7.68 -11.80 0.79
C THR I 196 6.54 -11.29 1.67
N HIS I 197 6.84 -10.98 2.92
CA HIS I 197 5.82 -10.56 3.86
C HIS I 197 6.31 -9.34 4.66
N GLN I 198 5.38 -8.71 5.37
CA GLN I 198 5.72 -7.54 6.18
C GLN I 198 6.44 -7.92 7.47
N GLY I 199 5.96 -8.94 8.18
CA GLY I 199 6.54 -9.27 9.47
C GLY I 199 7.98 -9.71 9.40
N LEU I 200 8.43 -10.15 8.22
CA LEU I 200 9.80 -10.56 7.98
C LEU I 200 10.65 -9.40 7.49
N SER I 201 11.94 -9.43 7.86
CA SER I 201 12.91 -8.51 7.31
C SER I 201 13.53 -9.04 6.01
N SER I 202 13.77 -10.35 5.92
CA SER I 202 14.33 -10.96 4.72
C SER I 202 13.42 -12.08 4.22
N PRO I 203 13.28 -12.23 2.89
CA PRO I 203 12.44 -13.30 2.35
C PRO I 203 12.96 -14.68 2.74
N VAL I 204 12.06 -15.53 3.23
CA VAL I 204 12.39 -16.90 3.60
C VAL I 204 12.03 -17.83 2.45
N THR I 205 13.05 -18.40 1.80
CA THR I 205 12.88 -19.26 0.62
C THR I 205 13.11 -20.73 0.99
N LYS I 206 12.02 -21.47 1.08
CA LYS I 206 12.18 -22.91 1.33
C LYS I 206 12.25 -23.61 -0.02
N SER I 207 13.29 -24.40 -0.24
CA SER I 207 13.45 -25.15 -1.51
C SER I 207 13.60 -26.65 -1.20
N PHE I 208 13.09 -27.53 -2.07
CA PHE I 208 13.26 -28.98 -1.86
C PHE I 208 14.09 -29.59 -2.99
N ASN I 209 14.61 -30.80 -2.79
CA ASN I 209 15.51 -31.39 -3.83
C ASN I 209 14.87 -32.65 -4.38
N ARG I 210 14.57 -32.66 -5.68
CA ARG I 210 13.93 -33.82 -6.34
C ARG I 210 14.41 -35.11 -5.67
N GLY I 211 13.56 -35.70 -4.82
CA GLY I 211 13.87 -36.91 -4.08
C GLY I 211 13.59 -36.66 -2.60
N GLU I 212 14.39 -37.24 -1.71
CA GLU I 212 14.17 -37.04 -0.28
C GLU I 212 14.44 -35.60 0.16
N GLN J 1 28.41 3.79 -42.80
CA GLN J 1 27.16 3.10 -42.53
C GLN J 1 27.37 1.61 -42.29
N VAL J 2 27.54 1.24 -41.03
CA VAL J 2 27.80 -0.16 -40.67
C VAL J 2 26.47 -0.89 -40.52
N GLN J 3 26.44 -2.13 -40.99
CA GLN J 3 25.26 -2.98 -40.88
C GLN J 3 25.68 -4.44 -40.88
N LEU J 4 24.81 -5.27 -40.30
CA LEU J 4 25.01 -6.71 -40.25
C LEU J 4 23.66 -7.34 -40.58
N LEU J 5 23.53 -7.88 -41.79
CA LEU J 5 22.29 -8.44 -42.27
C LEU J 5 22.28 -9.95 -42.03
N GLU J 6 21.27 -10.43 -41.31
CA GLU J 6 21.09 -11.86 -41.10
C GLU J 6 20.15 -12.45 -42.15
N SER J 7 20.36 -13.73 -42.43
CA SER J 7 19.49 -14.50 -43.31
C SER J 7 19.65 -15.96 -42.96
N GLY J 8 18.63 -16.74 -43.29
CA GLY J 8 18.71 -18.18 -43.14
C GLY J 8 17.75 -18.76 -42.12
N GLY J 9 17.12 -17.96 -41.26
CA GLY J 9 16.25 -18.53 -40.26
C GLY J 9 14.91 -18.96 -40.82
N GLY J 10 14.19 -19.73 -40.01
CA GLY J 10 12.89 -20.23 -40.42
C GLY J 10 12.54 -21.47 -39.61
N LEU J 11 11.69 -22.31 -40.19
CA LEU J 11 11.23 -23.51 -39.52
C LEU J 11 12.07 -24.69 -39.96
N VAL J 12 12.58 -25.43 -38.97
CA VAL J 12 13.35 -26.65 -39.18
C VAL J 12 12.82 -27.67 -38.18
N LYS J 13 13.02 -28.93 -38.51
CA LYS J 13 12.57 -29.99 -37.62
C LYS J 13 13.70 -30.47 -36.72
N PRO J 14 13.38 -31.16 -35.64
CA PRO J 14 14.44 -31.71 -34.77
C PRO J 14 15.40 -32.56 -35.59
N GLY J 15 16.68 -32.50 -35.21
CA GLY J 15 17.72 -33.11 -36.00
C GLY J 15 18.05 -32.39 -37.29
N GLY J 16 17.50 -31.19 -37.50
CA GLY J 16 17.73 -30.47 -38.73
C GLY J 16 19.09 -29.78 -38.74
N SER J 17 19.26 -28.93 -39.75
CA SER J 17 20.49 -28.19 -40.00
C SER J 17 20.07 -26.89 -40.65
N LEU J 18 20.53 -25.77 -40.12
CA LEU J 18 20.22 -24.50 -40.75
C LEU J 18 21.45 -23.61 -40.67
N ARG J 19 21.74 -22.89 -41.75
CA ARG J 19 22.95 -22.08 -41.86
C ARG J 19 22.63 -20.58 -41.83
N LEU J 20 22.88 -19.94 -40.69
CA LEU J 20 22.66 -18.51 -40.55
C LEU J 20 23.88 -17.74 -41.05
N SER J 21 23.65 -16.72 -41.86
CA SER J 21 24.70 -15.87 -42.41
C SER J 21 24.53 -14.43 -41.92
N CYS J 22 25.63 -13.69 -41.85
CA CYS J 22 25.63 -12.31 -41.39
C CYS J 22 26.49 -11.49 -42.34
N ALA J 23 25.86 -10.67 -43.19
CA ALA J 23 26.56 -9.89 -44.19
C ALA J 23 27.00 -8.56 -43.61
N ALA J 24 28.32 -8.33 -43.57
CA ALA J 24 28.90 -7.12 -43.01
C ALA J 24 29.19 -6.09 -44.09
N SER J 25 29.16 -4.83 -43.69
CA SER J 25 29.45 -3.72 -44.58
C SER J 25 29.66 -2.44 -43.78
N GLY J 26 30.70 -1.68 -44.10
CA GLY J 26 30.90 -0.36 -43.52
C GLY J 26 32.10 -0.22 -42.61
N PHE J 27 32.78 -1.30 -42.26
CA PHE J 27 33.93 -1.22 -41.36
C PHE J 27 34.99 -2.19 -41.87
N THR J 28 36.07 -2.34 -41.10
CA THR J 28 37.11 -3.31 -41.41
C THR J 28 36.72 -4.63 -40.77
N PHE J 29 36.32 -5.65 -41.52
CA PHE J 29 35.89 -6.90 -40.86
C PHE J 29 37.08 -7.59 -40.31
N ARG J 30 38.17 -7.55 -41.06
CA ARG J 30 39.40 -8.26 -40.66
C ARG J 30 40.10 -7.53 -39.52
N ASP J 31 39.34 -7.03 -38.56
CA ASP J 31 39.91 -6.30 -37.40
C ASP J 31 38.95 -6.52 -36.22
N TYR J 32 37.87 -7.27 -36.40
CA TYR J 32 36.88 -7.35 -35.30
C TYR J 32 36.46 -8.78 -35.06
N TYR J 33 36.47 -9.19 -33.80
CA TYR J 33 35.96 -10.53 -33.45
C TYR J 33 34.47 -10.43 -33.73
N MET J 34 33.89 -11.43 -34.37
CA MET J 34 32.46 -11.37 -34.70
C MET J 34 31.83 -12.51 -33.93
N SER J 35 30.56 -12.42 -33.60
CA SER J 35 29.95 -13.37 -32.68
C SER J 35 28.51 -13.67 -33.10
N TRP J 36 27.87 -14.59 -32.38
CA TRP J 36 26.45 -14.88 -32.53
C TRP J 36 25.82 -14.98 -31.16
N ILE J 37 24.66 -14.35 -30.97
CA ILE J 37 23.95 -14.30 -29.69
C ILE J 37 22.47 -14.60 -29.96
N ARG J 38 21.83 -15.27 -29.01
CA ARG J 38 20.45 -15.72 -29.24
C ARG J 38 19.53 -15.30 -28.10
N GLU J 39 18.23 -15.19 -28.35
CA GLU J 39 17.26 -14.84 -27.30
C GLU J 39 15.97 -15.64 -27.44
N ALA J 40 15.61 -16.40 -26.43
CA ALA J 40 14.40 -17.26 -26.46
C ALA J 40 13.16 -16.42 -26.25
N PRO J 41 11.94 -17.00 -26.16
CA PRO J 41 10.75 -16.23 -25.83
C PRO J 41 10.91 -15.39 -24.56
N GLY J 42 11.68 -14.31 -24.62
CA GLY J 42 11.78 -13.43 -23.45
C GLY J 42 12.57 -14.05 -22.33
N LYS J 43 13.32 -15.10 -22.60
CA LYS J 43 14.04 -15.81 -21.52
C LYS J 43 15.46 -15.26 -21.38
N GLY J 44 15.78 -14.19 -22.09
CA GLY J 44 17.10 -13.57 -21.86
C GLY J 44 18.12 -13.87 -22.92
N LEU J 45 19.17 -13.05 -22.98
CA LEU J 45 20.18 -13.20 -24.04
C LEU J 45 21.15 -14.31 -23.67
N GLU J 46 21.54 -15.15 -24.62
CA GLU J 46 22.52 -16.24 -24.40
C GLU J 46 23.51 -16.18 -25.55
N TRP J 47 24.75 -16.54 -25.30
CA TRP J 47 25.80 -16.44 -26.34
C TRP J 47 26.02 -17.85 -26.86
N VAL J 48 26.12 -18.02 -28.17
CA VAL J 48 26.25 -19.35 -28.76
C VAL J 48 27.66 -19.62 -29.25
N ALA J 49 28.30 -18.65 -29.91
CA ALA J 49 29.63 -18.90 -30.47
C ALA J 49 30.31 -17.56 -30.74
N SER J 50 31.61 -17.64 -30.98
CA SER J 50 32.41 -16.48 -31.32
C SER J 50 33.63 -16.95 -32.11
N ILE J 51 33.98 -16.20 -33.15
CA ILE J 51 35.11 -16.54 -34.00
C ILE J 51 36.05 -15.35 -34.05
N SER J 52 37.33 -15.64 -34.27
CA SER J 52 38.37 -14.63 -34.29
C SER J 52 38.36 -13.88 -35.62
N ARG J 53 39.38 -13.05 -35.83
CA ARG J 53 39.50 -12.30 -37.06
C ARG J 53 40.05 -13.16 -38.20
N SER J 54 40.76 -14.25 -37.86
CA SER J 54 41.33 -15.15 -38.85
C SER J 54 40.62 -16.50 -38.95
N GLY J 55 39.75 -16.83 -38.00
CA GLY J 55 39.19 -18.17 -37.98
C GLY J 55 40.12 -19.23 -37.44
N THR J 56 41.19 -18.83 -36.75
CA THR J 56 42.11 -19.79 -36.16
C THR J 56 41.65 -20.23 -34.79
N THR J 57 41.08 -19.31 -34.01
CA THR J 57 40.60 -19.60 -32.67
C THR J 57 39.09 -19.46 -32.65
N ILE J 58 38.40 -20.57 -32.50
CA ILE J 58 36.96 -20.55 -32.38
C ILE J 58 36.64 -21.00 -30.96
N TYR J 59 35.94 -20.17 -30.23
CA TYR J 59 35.49 -20.49 -28.89
C TYR J 59 33.98 -20.56 -28.98
N TYR J 60 33.40 -21.58 -28.36
CA TYR J 60 31.98 -21.84 -28.45
C TYR J 60 31.37 -21.81 -27.06
N ALA J 61 30.06 -21.99 -27.02
CA ALA J 61 29.38 -22.20 -25.77
C ALA J 61 29.33 -23.70 -25.49
N ASP J 62 28.86 -24.05 -24.31
CA ASP J 62 28.71 -25.46 -23.96
C ASP J 62 27.34 -26.03 -24.31
N SER J 63 26.32 -25.16 -24.43
CA SER J 63 24.99 -25.65 -24.79
C SER J 63 24.91 -26.04 -26.27
N VAL J 64 25.69 -25.38 -27.12
CA VAL J 64 25.62 -25.62 -28.55
C VAL J 64 26.82 -26.41 -29.04
N LYS J 65 27.67 -26.87 -28.13
CA LYS J 65 28.94 -27.45 -28.56
C LYS J 65 28.73 -28.86 -29.07
N GLY J 66 29.57 -29.24 -30.01
CA GLY J 66 29.45 -30.50 -30.71
C GLY J 66 28.44 -30.49 -31.83
N ARG J 67 27.57 -29.48 -31.89
CA ARG J 67 26.55 -29.36 -32.93
C ARG J 67 26.80 -28.18 -33.85
N PHE J 68 26.88 -26.96 -33.31
CA PHE J 68 27.03 -25.81 -34.19
C PHE J 68 28.48 -25.66 -34.64
N THR J 69 28.65 -24.99 -35.77
CA THR J 69 29.97 -24.69 -36.31
C THR J 69 29.96 -23.25 -36.79
N ILE J 70 30.87 -22.41 -36.26
CA ILE J 70 30.91 -21.02 -36.67
C ILE J 70 32.05 -20.86 -37.67
N SER J 71 31.89 -19.92 -38.58
CA SER J 71 32.87 -19.73 -39.64
C SER J 71 32.76 -18.30 -40.17
N ARG J 72 33.76 -17.92 -40.97
CA ARG J 72 33.78 -16.59 -41.57
C ARG J 72 34.62 -16.65 -42.84
N ASP J 73 34.25 -15.81 -43.81
CA ASP J 73 35.00 -15.64 -45.05
C ASP J 73 35.37 -14.16 -45.14
N ASN J 74 36.66 -13.85 -44.94
CA ASN J 74 37.09 -12.47 -44.79
C ASN J 74 37.16 -11.71 -46.11
N ALA J 75 36.98 -12.37 -47.24
CA ALA J 75 36.99 -11.69 -48.53
C ALA J 75 35.59 -11.29 -48.96
N LYS J 76 34.59 -12.10 -48.66
CA LYS J 76 33.20 -11.76 -48.91
C LYS J 76 32.57 -11.00 -47.76
N ASN J 77 33.37 -10.61 -46.76
CA ASN J 77 32.92 -9.82 -45.61
C ASN J 77 31.63 -10.41 -45.03
N SER J 78 31.68 -11.70 -44.70
CA SER J 78 30.52 -12.42 -44.21
C SER J 78 30.89 -13.29 -43.01
N LEU J 79 29.86 -13.65 -42.24
CA LEU J 79 29.95 -14.49 -41.05
C LEU J 79 28.88 -15.57 -41.11
N TYR J 80 29.21 -16.78 -40.66
CA TYR J 80 28.30 -17.92 -40.78
C TYR J 80 28.21 -18.70 -39.47
N LEU J 81 27.05 -19.34 -39.25
CA LEU J 81 26.85 -20.28 -38.14
C LEU J 81 26.04 -21.48 -38.63
N GLN J 82 26.73 -22.61 -38.83
CA GLN J 82 26.11 -23.87 -39.25
C GLN J 82 25.46 -24.53 -38.03
N MET J 83 24.14 -24.70 -38.06
CA MET J 83 23.40 -25.22 -36.90
C MET J 83 22.92 -26.64 -37.20
N ASN J 84 23.73 -27.63 -36.88
CA ASN J 84 23.38 -29.03 -37.10
C ASN J 84 22.81 -29.65 -35.83
N SER J 85 22.13 -30.78 -36.00
CA SER J 85 21.58 -31.58 -34.89
C SER J 85 20.82 -30.69 -33.91
N LEU J 86 19.97 -29.83 -34.47
CA LEU J 86 19.24 -28.84 -33.68
C LEU J 86 18.26 -29.53 -32.72
N ARG J 87 17.82 -28.77 -31.72
CA ARG J 87 16.86 -29.29 -30.74
C ARG J 87 15.83 -28.21 -30.43
N ALA J 88 14.83 -28.57 -29.62
CA ALA J 88 13.72 -27.67 -29.35
C ALA J 88 14.13 -26.50 -28.46
N GLU J 89 15.13 -26.70 -27.60
CA GLU J 89 15.60 -25.61 -26.76
C GLU J 89 16.34 -24.53 -27.54
N ASP J 90 16.71 -24.79 -28.78
CA ASP J 90 17.46 -23.85 -29.60
C ASP J 90 16.57 -22.94 -30.43
N THR J 91 15.27 -22.92 -30.15
CA THR J 91 14.38 -21.97 -30.81
C THR J 91 14.61 -20.58 -30.24
N ALA J 92 15.01 -19.65 -31.09
CA ALA J 92 15.36 -18.31 -30.61
C ALA J 92 15.54 -17.37 -31.79
N VAL J 93 15.68 -16.10 -31.47
CA VAL J 93 16.03 -15.07 -32.44
C VAL J 93 17.55 -14.90 -32.35
N TYR J 94 18.24 -15.08 -33.46
CA TYR J 94 19.69 -15.16 -33.46
C TYR J 94 20.26 -13.85 -33.98
N TYR J 95 21.13 -13.24 -33.20
CA TYR J 95 21.75 -11.96 -33.55
C TYR J 95 23.21 -12.20 -33.89
N CYS J 96 23.73 -11.37 -34.79
CA CYS J 96 25.16 -11.32 -35.04
C CYS J 96 25.65 -9.93 -34.70
N ALA J 97 26.79 -9.87 -34.01
CA ALA J 97 27.33 -8.63 -33.49
C ALA J 97 28.82 -8.57 -33.79
N ARG J 98 29.43 -7.43 -33.49
CA ARG J 98 30.87 -7.27 -33.64
C ARG J 98 31.50 -7.09 -32.27
N ASP J 99 32.82 -7.24 -32.20
CA ASP J 99 33.45 -7.15 -30.88
C ASP J 99 34.89 -6.63 -31.01
N GLU J 100 35.03 -5.31 -31.11
CA GLU J 100 36.34 -4.70 -31.29
C GLU J 100 37.03 -4.52 -29.94
N ALA J 101 38.35 -4.33 -30.01
CA ALA J 101 39.09 -3.94 -28.81
C ALA J 101 38.76 -2.51 -28.41
N SER J 102 38.61 -1.62 -29.39
CA SER J 102 38.29 -0.23 -29.08
C SER J 102 36.87 -0.06 -28.55
N SER J 103 36.12 -1.14 -28.44
CA SER J 103 34.82 -1.12 -27.81
C SER J 103 34.87 -1.69 -26.41
N ASN J 104 36.06 -1.71 -25.82
CA ASN J 104 36.31 -2.45 -24.59
C ASN J 104 35.71 -3.87 -24.72
N TYR J 105 35.93 -4.45 -25.90
CA TYR J 105 35.50 -5.81 -26.28
C TYR J 105 34.03 -6.04 -25.94
N ALA J 106 33.18 -5.31 -26.64
CA ALA J 106 31.75 -5.37 -26.43
C ALA J 106 31.08 -5.19 -27.78
N PHE J 107 29.81 -5.53 -27.83
CA PHE J 107 29.10 -5.60 -29.10
C PHE J 107 28.61 -4.20 -29.43
N ASP J 108 29.33 -3.54 -30.34
CA ASP J 108 29.06 -2.13 -30.64
C ASP J 108 27.72 -1.98 -31.28
N TYR J 109 27.54 -2.73 -32.34
CA TYR J 109 26.38 -2.74 -33.19
C TYR J 109 25.99 -4.18 -33.37
N TRP J 110 24.70 -4.43 -33.29
CA TRP J 110 24.18 -5.75 -33.54
C TRP J 110 23.41 -5.71 -34.84
N GLY J 111 22.86 -6.86 -35.22
CA GLY J 111 22.07 -6.96 -36.42
C GLY J 111 20.61 -7.13 -36.01
N GLN J 112 19.74 -6.93 -36.99
CA GLN J 112 18.31 -6.93 -36.71
C GLN J 112 17.87 -8.24 -36.07
N GLY J 113 18.13 -9.36 -36.75
CA GLY J 113 17.83 -10.66 -36.18
C GLY J 113 16.97 -11.55 -37.05
N THR J 114 17.41 -12.80 -37.25
CA THR J 114 16.65 -13.79 -37.99
C THR J 114 16.15 -14.89 -37.05
N PRO J 115 14.86 -15.24 -37.11
CA PRO J 115 14.30 -16.22 -36.17
C PRO J 115 14.50 -17.67 -36.59
N VAL J 116 14.78 -18.51 -35.60
CA VAL J 116 14.98 -19.94 -35.80
C VAL J 116 13.98 -20.68 -34.91
N THR J 117 13.19 -21.57 -35.52
CA THR J 117 12.20 -22.36 -34.81
C THR J 117 12.44 -23.84 -35.09
N VAL J 118 12.57 -24.63 -34.02
CA VAL J 118 12.81 -26.07 -34.14
C VAL J 118 11.62 -26.79 -33.50
N SER J 119 10.77 -27.39 -34.34
CA SER J 119 9.61 -28.12 -33.86
C SER J 119 9.26 -29.21 -34.85
N SER J 120 8.48 -30.18 -34.39
CA SER J 120 7.98 -31.27 -35.23
C SER J 120 6.70 -30.91 -35.96
N ALA J 121 6.23 -29.68 -35.84
CA ALA J 121 4.98 -29.28 -36.48
C ALA J 121 5.24 -28.89 -37.93
N SER J 122 4.18 -28.48 -38.61
CA SER J 122 4.24 -28.16 -40.03
C SER J 122 3.78 -26.73 -40.26
N THR J 123 4.16 -26.21 -41.41
CA THR J 123 3.91 -24.82 -41.72
C THR J 123 2.42 -24.61 -41.98
N LYS J 124 1.88 -23.49 -41.48
CA LYS J 124 0.47 -23.16 -41.70
C LYS J 124 0.29 -21.66 -41.83
N GLY J 125 -0.32 -21.24 -42.95
CA GLY J 125 -0.62 -19.84 -43.18
C GLY J 125 -1.73 -19.33 -42.30
N PRO J 126 -1.73 -18.02 -42.04
CA PRO J 126 -2.71 -17.45 -41.12
C PRO J 126 -4.06 -17.21 -41.77
N SER J 127 -5.08 -17.08 -40.92
CA SER J 127 -6.43 -16.71 -41.33
C SER J 127 -6.76 -15.37 -40.68
N VAL J 128 -6.93 -14.33 -41.51
CA VAL J 128 -7.16 -12.97 -41.02
C VAL J 128 -8.66 -12.70 -41.02
N PHE J 129 -9.24 -12.58 -39.83
CA PHE J 129 -10.69 -12.33 -39.71
C PHE J 129 -10.83 -10.92 -39.15
N PRO J 130 -11.73 -10.07 -39.68
CA PRO J 130 -11.78 -8.69 -39.25
C PRO J 130 -12.34 -8.37 -37.86
N LEU J 131 -11.91 -7.23 -37.30
CA LEU J 131 -12.49 -6.78 -36.02
C LEU J 131 -13.42 -5.65 -36.43
N ALA J 132 -14.72 -5.83 -36.23
CA ALA J 132 -15.70 -4.89 -36.75
C ALA J 132 -15.71 -3.62 -35.91
N PRO J 133 -15.57 -2.45 -36.53
CA PRO J 133 -15.57 -1.19 -35.77
C PRO J 133 -16.95 -0.78 -35.26
N SER J 134 -17.39 -1.39 -34.17
CA SER J 134 -18.65 -1.07 -33.54
C SER J 134 -18.66 0.36 -32.98
N SER J 135 -19.82 1.00 -33.09
CA SER J 135 -19.89 2.42 -32.67
C SER J 135 -19.67 2.51 -31.17
N LYS J 136 -19.37 1.38 -30.53
CA LYS J 136 -19.18 1.36 -29.06
C LYS J 136 -17.83 2.01 -28.74
N SER J 137 -17.80 2.91 -27.76
CA SER J 137 -16.51 3.56 -27.37
C SER J 137 -16.40 3.55 -25.84
N THR J 138 -15.79 4.59 -25.26
CA THR J 138 -15.73 4.72 -23.79
C THR J 138 -16.01 6.16 -23.44
N SER J 139 -15.01 6.86 -22.89
CA SER J 139 -15.18 8.30 -22.61
C SER J 139 -14.55 9.11 -23.74
N GLY J 140 -13.41 8.66 -24.25
CA GLY J 140 -12.68 9.41 -25.30
C GLY J 140 -13.58 9.89 -26.42
N GLY J 141 -14.63 9.14 -26.76
CA GLY J 141 -15.45 9.53 -27.93
C GLY J 141 -14.65 9.33 -29.19
N THR J 142 -13.64 8.47 -29.11
CA THR J 142 -12.75 8.23 -30.27
C THR J 142 -13.27 7.06 -31.08
N ALA J 143 -12.43 6.52 -31.96
CA ALA J 143 -12.82 5.39 -32.82
C ALA J 143 -11.74 4.30 -32.71
N ALA J 144 -12.10 3.03 -32.97
CA ALA J 144 -11.08 1.96 -32.96
C ALA J 144 -11.54 0.79 -33.82
N LEU J 145 -10.68 0.29 -34.72
CA LEU J 145 -11.03 -0.83 -35.64
C LEU J 145 -10.15 -2.01 -35.25
N GLY J 146 -9.93 -2.96 -36.16
CA GLY J 146 -8.96 -4.01 -35.83
C GLY J 146 -8.84 -5.18 -36.78
N CYS J 147 -7.72 -5.91 -36.71
CA CYS J 147 -7.55 -7.12 -37.49
C CYS J 147 -7.11 -8.26 -36.56
N LEU J 148 -7.46 -9.49 -36.92
CA LEU J 148 -7.20 -10.66 -36.08
C LEU J 148 -6.51 -11.76 -36.89
N VAL J 149 -5.21 -11.90 -36.73
CA VAL J 149 -4.44 -12.97 -37.36
C VAL J 149 -4.52 -14.23 -36.50
N LYS J 150 -4.97 -15.34 -37.09
CA LYS J 150 -5.19 -16.55 -36.30
C LYS J 150 -4.75 -17.80 -37.08
N ASP J 151 -4.32 -18.81 -36.33
CA ASP J 151 -3.91 -20.12 -36.92
C ASP J 151 -2.67 -19.94 -37.79
N TYR J 152 -1.47 -19.97 -37.19
CA TYR J 152 -0.24 -19.89 -38.02
C TYR J 152 0.96 -20.55 -37.32
N PHE J 153 2.02 -20.83 -38.08
CA PHE J 153 3.26 -21.44 -37.52
C PHE J 153 4.35 -21.30 -38.57
N PRO J 154 5.58 -20.82 -38.26
CA PRO J 154 5.95 -20.43 -36.91
C PRO J 154 5.59 -19.00 -36.47
N GLU J 155 6.32 -18.45 -35.49
CA GLU J 155 5.93 -17.13 -34.88
C GLU J 155 6.07 -15.91 -35.81
N PRO J 156 7.19 -15.67 -36.50
CA PRO J 156 7.33 -14.43 -37.26
C PRO J 156 6.11 -13.99 -38.06
N VAL J 157 5.28 -13.10 -37.51
CA VAL J 157 4.12 -12.54 -38.28
C VAL J 157 4.24 -11.00 -38.27
N THR J 158 4.10 -10.36 -39.42
CA THR J 158 4.29 -8.90 -39.50
C THR J 158 2.97 -8.25 -39.87
N VAL J 159 2.38 -7.52 -38.93
CA VAL J 159 1.10 -6.81 -39.19
C VAL J 159 1.40 -5.31 -39.33
N SER J 160 1.26 -4.78 -40.55
CA SER J 160 1.54 -3.38 -40.82
C SER J 160 0.29 -2.74 -41.40
N TRP J 161 -0.04 -1.54 -40.93
CA TRP J 161 -1.27 -0.87 -41.33
C TRP J 161 -0.99 0.14 -42.43
N ASN J 162 -1.83 0.12 -43.47
CA ASN J 162 -1.74 1.04 -44.61
C ASN J 162 -0.34 1.06 -45.23
N SER J 163 0.34 -0.09 -45.19
CA SER J 163 1.64 -0.27 -45.85
C SER J 163 2.67 0.78 -45.43
N GLY J 164 2.71 1.08 -44.13
CA GLY J 164 3.73 1.94 -43.57
C GLY J 164 3.34 3.38 -43.37
N ALA J 165 2.23 3.84 -43.95
CA ALA J 165 1.82 5.22 -43.75
C ALA J 165 1.29 5.45 -42.35
N LEU J 166 0.39 4.58 -41.89
CA LEU J 166 -0.22 4.73 -40.58
C LEU J 166 0.71 4.19 -39.50
N THR J 167 0.94 5.00 -38.45
CA THR J 167 1.73 4.58 -37.30
C THR J 167 1.15 5.00 -35.96
N SER J 168 0.28 6.01 -35.91
CA SER J 168 -0.25 6.48 -34.65
C SER J 168 -1.25 5.49 -34.07
N GLY J 169 -1.14 5.21 -32.78
CA GLY J 169 -2.07 4.36 -32.08
C GLY J 169 -2.08 2.91 -32.51
N VAL J 170 -1.23 2.52 -33.46
CA VAL J 170 -1.17 1.12 -33.90
C VAL J 170 -0.68 0.26 -32.74
N HIS J 171 -1.37 -0.84 -32.47
CA HIS J 171 -0.97 -1.78 -31.44
C HIS J 171 -0.94 -3.18 -32.02
N THR J 172 0.21 -3.85 -31.87
CA THR J 172 0.40 -5.23 -32.31
C THR J 172 0.67 -6.08 -31.08
N PHE J 173 -0.28 -6.92 -30.71
CA PHE J 173 -0.12 -7.65 -29.47
C PHE J 173 0.75 -8.89 -29.68
N PRO J 174 1.43 -9.35 -28.63
CA PRO J 174 2.15 -10.63 -28.71
C PRO J 174 1.20 -11.78 -29.00
N ALA J 175 1.69 -12.73 -29.80
CA ALA J 175 0.86 -13.85 -30.22
C ALA J 175 0.74 -14.90 -29.12
N VAL J 176 -0.49 -15.29 -28.78
CA VAL J 176 -0.72 -16.38 -27.85
C VAL J 176 -0.68 -17.70 -28.60
N LEU J 177 -0.07 -18.69 -27.99
CA LEU J 177 -0.11 -20.05 -28.53
C LEU J 177 -1.32 -20.72 -27.88
N GLN J 178 -2.38 -20.89 -28.67
CA GLN J 178 -3.63 -21.43 -28.13
C GLN J 178 -3.53 -22.95 -28.02
N SER J 179 -4.61 -23.56 -27.54
CA SER J 179 -4.59 -25.01 -27.29
C SER J 179 -4.34 -25.80 -28.56
N SER J 180 -4.77 -25.29 -29.71
CA SER J 180 -4.60 -26.00 -30.98
C SER J 180 -3.12 -26.20 -31.33
N GLY J 181 -2.21 -25.46 -30.69
CA GLY J 181 -0.82 -25.44 -31.07
C GLY J 181 -0.44 -24.38 -32.07
N LEU J 182 -1.41 -23.68 -32.65
CA LEU J 182 -1.15 -22.56 -33.53
C LEU J 182 -1.12 -21.25 -32.74
N TYR J 183 -0.92 -20.13 -33.43
CA TYR J 183 -0.77 -18.84 -32.77
C TYR J 183 -1.93 -17.93 -33.16
N SER J 184 -2.23 -16.99 -32.27
CA SER J 184 -3.25 -15.98 -32.53
C SER J 184 -2.79 -14.64 -31.97
N LEU J 185 -2.90 -13.60 -32.78
CA LEU J 185 -2.66 -12.23 -32.34
C LEU J 185 -3.76 -11.33 -32.86
N SER J 186 -3.97 -10.23 -32.17
CA SER J 186 -4.88 -9.19 -32.59
C SER J 186 -4.10 -7.88 -32.68
N SER J 187 -4.21 -7.22 -33.82
CA SER J 187 -3.54 -5.95 -34.06
C SER J 187 -4.64 -4.92 -34.26
N VAL J 188 -4.84 -4.09 -33.24
CA VAL J 188 -5.89 -3.11 -33.23
C VAL J 188 -5.29 -1.74 -33.50
N VAL J 189 -6.15 -0.79 -33.87
CA VAL J 189 -5.73 0.59 -34.08
C VAL J 189 -6.84 1.50 -33.59
N THR J 190 -6.45 2.58 -32.91
CA THR J 190 -7.37 3.62 -32.46
C THR J 190 -7.33 4.73 -33.50
N VAL J 191 -8.45 4.97 -34.16
CA VAL J 191 -8.56 5.82 -35.34
C VAL J 191 -9.58 6.93 -35.08
N PRO J 192 -9.71 7.92 -35.99
CA PRO J 192 -10.76 8.94 -35.83
C PRO J 192 -11.95 8.77 -36.76
N SER J 193 -13.14 9.13 -36.28
CA SER J 193 -14.34 9.06 -37.12
C SER J 193 -14.23 10.01 -38.31
N SER J 194 -13.42 11.07 -38.20
CA SER J 194 -13.41 12.11 -39.22
C SER J 194 -12.95 11.56 -40.56
N SER J 195 -11.82 10.85 -40.60
CA SER J 195 -11.31 10.31 -41.85
C SER J 195 -11.61 8.82 -41.99
N LEU J 196 -12.49 8.28 -41.15
CA LEU J 196 -12.89 6.88 -41.26
C LEU J 196 -13.53 6.63 -42.62
N GLY J 197 -14.44 7.50 -43.03
CA GLY J 197 -15.14 7.32 -44.28
C GLY J 197 -14.24 7.54 -45.49
N THR J 198 -13.35 8.53 -45.42
CA THR J 198 -12.57 8.94 -46.58
C THR J 198 -11.44 7.95 -46.86
N GLN J 199 -10.63 7.65 -45.85
CA GLN J 199 -9.46 6.80 -46.00
C GLN J 199 -9.84 5.33 -46.06
N THR J 200 -8.97 4.56 -46.69
CA THR J 200 -9.13 3.11 -46.83
C THR J 200 -8.17 2.45 -45.84
N TYR J 201 -8.71 1.83 -44.80
CA TYR J 201 -7.92 1.21 -43.75
C TYR J 201 -7.64 -0.25 -44.10
N ILE J 202 -6.36 -0.58 -44.24
CA ILE J 202 -5.92 -1.90 -44.69
C ILE J 202 -4.89 -2.42 -43.70
N CYS J 203 -5.00 -3.69 -43.31
CA CYS J 203 -4.00 -4.32 -42.47
C CYS J 203 -3.23 -5.32 -43.32
N ASN J 204 -1.91 -5.13 -43.40
CA ASN J 204 -1.06 -5.87 -44.32
C ASN J 204 -0.31 -6.97 -43.56
N VAL J 205 -1.01 -8.07 -43.33
CA VAL J 205 -0.43 -9.21 -42.65
C VAL J 205 0.50 -9.95 -43.59
N ASN J 206 1.63 -10.43 -43.05
CA ASN J 206 2.58 -11.21 -43.84
C ASN J 206 3.20 -12.29 -42.99
N HIS J 207 3.27 -13.49 -43.54
CA HIS J 207 3.85 -14.67 -42.88
C HIS J 207 4.79 -15.26 -43.93
N LYS J 208 6.08 -14.95 -43.82
CA LYS J 208 7.03 -15.32 -44.88
C LYS J 208 7.25 -16.83 -44.96
N PRO J 209 7.31 -17.57 -43.84
CA PRO J 209 7.40 -19.04 -43.97
C PRO J 209 6.31 -19.67 -44.82
N SER J 210 5.12 -19.05 -44.88
CA SER J 210 4.03 -19.57 -45.69
C SER J 210 3.73 -18.66 -46.87
N ASN J 211 4.58 -17.65 -47.08
CA ASN J 211 4.41 -16.67 -48.16
C ASN J 211 2.94 -16.26 -48.30
N THR J 212 2.35 -15.87 -47.17
CA THR J 212 0.91 -15.65 -47.11
C THR J 212 0.70 -14.16 -46.88
N LYS J 213 0.83 -13.40 -47.96
CA LYS J 213 0.57 -11.97 -47.91
C LYS J 213 -0.94 -11.75 -48.01
N VAL J 214 -1.48 -11.01 -47.05
CA VAL J 214 -2.92 -10.75 -46.97
C VAL J 214 -3.13 -9.28 -46.63
N ASP J 215 -3.93 -8.59 -47.44
CA ASP J 215 -4.33 -7.22 -47.19
C ASP J 215 -5.85 -7.15 -47.14
N LYS J 216 -6.40 -6.69 -46.02
CA LYS J 216 -7.84 -6.69 -45.81
C LYS J 216 -8.31 -5.34 -45.27
N LYS J 217 -9.46 -4.87 -45.75
CA LYS J 217 -10.00 -3.58 -45.35
C LYS J 217 -10.91 -3.68 -44.12
N SER K 6 65.76 -34.15 -24.28
CA SER K 6 66.97 -33.39 -24.57
C SER K 6 66.67 -31.90 -24.52
N ILE K 7 66.88 -31.23 -25.66
CA ILE K 7 66.55 -29.81 -25.75
C ILE K 7 65.07 -29.57 -25.49
N GLN K 8 64.22 -30.42 -26.07
CA GLN K 8 62.77 -30.25 -25.91
C GLN K 8 62.36 -30.09 -24.46
N THR K 9 63.02 -30.80 -23.53
CA THR K 9 62.68 -30.61 -22.14
C THR K 9 63.02 -29.19 -21.68
N THR K 10 64.03 -28.55 -22.28
CA THR K 10 64.32 -27.19 -21.85
C THR K 10 63.42 -26.20 -22.57
N VAL K 11 62.84 -26.58 -23.71
CA VAL K 11 61.93 -25.66 -24.37
C VAL K 11 60.56 -25.75 -23.73
N ASN K 12 60.19 -26.93 -23.24
CA ASN K 12 58.90 -27.11 -22.59
C ASN K 12 58.89 -26.45 -21.20
N THR K 13 60.01 -26.52 -20.48
CA THR K 13 60.11 -25.82 -19.21
C THR K 13 60.02 -24.31 -19.42
N LEU K 14 60.54 -23.84 -20.55
CA LEU K 14 60.41 -22.43 -20.92
C LEU K 14 58.98 -22.12 -21.31
N SER K 15 58.37 -23.01 -22.10
CA SER K 15 57.02 -22.84 -22.63
C SER K 15 55.91 -22.88 -21.59
N GLU K 16 56.23 -23.25 -20.36
CA GLU K 16 55.20 -23.16 -19.31
C GLU K 16 55.59 -22.01 -18.39
N ARG K 17 56.84 -21.59 -18.43
CA ARG K 17 57.16 -20.40 -17.63
C ARG K 17 56.54 -19.18 -18.30
N ILE K 18 56.63 -19.07 -19.63
CA ILE K 18 56.11 -17.88 -20.35
C ILE K 18 54.60 -17.84 -20.08
N SER K 19 53.92 -18.97 -20.12
CA SER K 19 52.51 -19.04 -19.78
C SER K 19 52.26 -18.65 -18.33
N SER K 20 53.03 -19.22 -17.40
CA SER K 20 52.80 -18.98 -15.97
C SER K 20 53.06 -17.53 -15.60
N LYS K 21 54.26 -17.02 -15.92
CA LYS K 21 54.57 -15.63 -15.62
C LYS K 21 53.54 -14.67 -16.21
N LEU K 22 53.00 -15.00 -17.39
CA LEU K 22 51.96 -14.15 -17.98
C LEU K 22 50.62 -14.26 -17.28
N GLU K 23 50.36 -15.38 -16.62
CA GLU K 23 49.06 -15.58 -15.98
C GLU K 23 49.01 -14.95 -14.61
N GLN K 24 50.18 -14.60 -14.08
CA GLN K 24 50.38 -14.02 -12.77
C GLN K 24 50.68 -12.52 -12.77
N GLU K 25 51.54 -12.06 -13.70
CA GLU K 25 51.96 -10.67 -13.73
C GLU K 25 51.18 -9.83 -14.73
N ALA K 26 50.45 -10.46 -15.64
CA ALA K 26 49.59 -9.75 -16.58
C ALA K 26 48.15 -10.25 -16.51
N ASN K 27 47.84 -11.16 -15.57
CA ASN K 27 46.50 -11.72 -15.41
C ASN K 27 45.94 -12.18 -16.75
N ALA K 28 46.69 -13.06 -17.40
CA ALA K 28 46.32 -13.55 -18.71
C ALA K 28 45.70 -14.93 -18.60
N SER K 29 45.06 -15.35 -19.68
CA SER K 29 44.43 -16.67 -19.72
C SER K 29 44.24 -17.06 -21.17
N ALA K 30 44.04 -18.37 -21.39
CA ALA K 30 43.85 -18.87 -22.74
C ALA K 30 42.49 -18.49 -23.30
N GLN K 31 41.53 -18.23 -22.41
CA GLN K 31 40.21 -17.73 -22.76
C GLN K 31 40.07 -16.21 -22.62
N THR K 32 41.19 -15.48 -22.71
CA THR K 32 41.18 -14.03 -22.66
C THR K 32 41.40 -13.48 -24.08
N LYS K 33 40.66 -12.43 -24.42
CA LYS K 33 40.63 -11.92 -25.78
C LYS K 33 41.96 -11.25 -26.15
N CYS K 34 42.21 -11.17 -27.45
CA CYS K 34 43.52 -10.78 -27.97
C CYS K 34 43.40 -9.49 -28.78
N ASP K 35 44.30 -8.53 -28.50
CA ASP K 35 44.38 -7.32 -29.32
C ASP K 35 45.12 -7.61 -30.62
N ILE K 36 46.05 -8.55 -30.57
CA ILE K 36 46.86 -8.95 -31.71
C ILE K 36 46.78 -10.46 -31.78
N GLU K 37 46.47 -10.98 -32.96
CA GLU K 37 46.34 -12.42 -33.18
C GLU K 37 47.29 -12.84 -34.30
N ILE K 38 47.78 -14.07 -34.22
CA ILE K 38 48.74 -14.61 -35.17
C ILE K 38 48.00 -15.44 -36.23
N GLY K 39 48.14 -15.06 -37.51
CA GLY K 39 47.43 -15.76 -38.56
C GLY K 39 48.09 -16.99 -39.15
N ASN K 40 49.27 -16.80 -39.72
CA ASN K 40 50.08 -17.89 -40.27
C ASN K 40 51.47 -17.92 -39.67
N PHE K 41 51.90 -19.14 -39.49
CA PHE K 41 53.24 -19.49 -39.07
C PHE K 41 53.91 -20.13 -40.26
N TYR K 42 54.90 -19.43 -40.79
CA TYR K 42 55.61 -19.95 -41.98
C TYR K 42 57.01 -20.35 -41.57
N ILE K 43 57.27 -21.65 -41.50
CA ILE K 43 58.65 -22.10 -41.21
C ILE K 43 59.22 -22.51 -42.55
N ARG K 44 60.05 -21.64 -43.13
CA ARG K 44 60.57 -21.91 -44.49
C ARG K 44 61.19 -23.30 -44.56
N GLN K 45 62.23 -23.56 -43.77
CA GLN K 45 62.91 -24.87 -43.85
C GLN K 45 62.59 -25.65 -42.59
N ASN K 46 61.44 -26.32 -42.57
CA ASN K 46 60.96 -27.02 -41.38
C ASN K 46 61.43 -28.46 -41.49
N HIS K 47 62.63 -28.71 -40.96
CA HIS K 47 63.20 -30.05 -40.92
C HIS K 47 62.82 -30.77 -39.61
N GLY K 48 61.52 -30.88 -39.36
CA GLY K 48 60.99 -31.59 -38.21
C GLY K 48 60.61 -30.82 -36.95
N CYS K 49 59.98 -29.64 -37.11
CA CYS K 49 59.50 -28.84 -35.98
C CYS K 49 57.99 -28.63 -36.12
N ASN K 50 57.23 -29.23 -35.21
CA ASN K 50 55.78 -29.05 -35.11
C ASN K 50 55.51 -27.88 -34.18
N ILE K 51 55.39 -26.69 -34.75
CA ILE K 51 55.24 -25.46 -33.98
C ILE K 51 53.78 -25.04 -34.02
N THR K 52 53.11 -25.10 -32.88
CA THR K 52 51.71 -24.73 -32.74
C THR K 52 51.59 -23.39 -32.01
N VAL K 53 50.56 -22.63 -32.37
CA VAL K 53 50.32 -21.31 -31.79
C VAL K 53 49.30 -21.45 -30.65
N LYS K 54 49.74 -21.11 -29.44
CA LYS K 54 48.87 -21.13 -28.27
C LYS K 54 48.51 -19.68 -27.92
N ASN K 55 47.25 -19.43 -27.63
CA ASN K 55 46.76 -18.08 -27.34
C ASN K 55 46.71 -17.90 -25.83
N MET K 56 47.58 -17.01 -25.32
CA MET K 56 47.62 -16.66 -23.90
C MET K 56 47.66 -15.12 -23.82
N CYS K 57 46.57 -14.49 -24.24
CA CYS K 57 46.56 -13.06 -24.49
C CYS K 57 46.30 -12.25 -23.22
N SER K 58 46.69 -10.98 -23.28
CA SER K 58 46.66 -10.05 -22.16
C SER K 58 46.73 -8.63 -22.71
N ALA K 59 46.78 -7.66 -21.80
CA ALA K 59 46.71 -6.24 -22.16
C ALA K 59 48.00 -5.46 -21.95
N ASP K 60 48.68 -5.67 -20.82
CA ASP K 60 49.88 -4.91 -20.44
C ASP K 60 51.10 -5.42 -21.18
N ALA K 61 51.45 -4.78 -22.30
CA ALA K 61 52.65 -5.18 -23.03
C ALA K 61 53.92 -5.01 -22.20
N ASP K 62 54.00 -3.93 -21.42
CA ASP K 62 55.20 -3.69 -20.62
C ASP K 62 55.45 -4.82 -19.64
N ALA K 63 54.39 -5.48 -19.16
CA ALA K 63 54.55 -6.62 -18.27
C ALA K 63 54.78 -7.91 -19.03
N GLN K 64 54.16 -8.06 -20.21
CA GLN K 64 54.39 -9.24 -21.04
C GLN K 64 55.87 -9.36 -21.39
N LEU K 65 56.48 -8.26 -21.82
CA LEU K 65 57.89 -8.27 -22.19
C LEU K 65 58.76 -8.65 -20.99
N ASP K 66 58.47 -8.07 -19.83
CA ASP K 66 59.24 -8.39 -18.64
C ASP K 66 59.04 -9.83 -18.22
N ALA K 67 57.85 -10.38 -18.45
CA ALA K 67 57.58 -11.76 -18.02
C ALA K 67 58.33 -12.77 -18.88
N VAL K 68 58.27 -12.61 -20.21
CA VAL K 68 58.99 -13.53 -21.09
C VAL K 68 60.50 -13.38 -20.90
N LEU K 69 60.96 -12.15 -20.69
CA LEU K 69 62.38 -11.93 -20.40
C LEU K 69 62.73 -12.58 -19.07
N SER K 70 61.91 -12.35 -18.04
CA SER K 70 62.14 -13.01 -16.76
C SER K 70 62.10 -14.53 -16.89
N ALA K 71 61.29 -15.05 -17.83
CA ALA K 71 61.27 -16.49 -18.04
C ALA K 71 62.51 -16.95 -18.80
N ALA K 72 62.97 -16.14 -19.76
CA ALA K 72 64.19 -16.49 -20.49
C ALA K 72 65.40 -16.52 -19.55
N THR K 73 65.50 -15.53 -18.66
CA THR K 73 66.62 -15.49 -17.73
C THR K 73 66.58 -16.65 -16.73
N GLU K 74 65.41 -16.93 -16.16
CA GLU K 74 65.29 -18.01 -15.19
C GLU K 74 65.64 -19.37 -15.80
N THR K 75 65.24 -19.61 -17.04
CA THR K 75 65.54 -20.89 -17.67
C THR K 75 67.02 -21.02 -17.99
N TYR K 76 67.71 -19.91 -18.23
CA TYR K 76 69.13 -20.03 -18.66
C TYR K 76 69.98 -20.49 -17.49
N SER K 77 69.75 -19.96 -16.30
CA SER K 77 70.65 -20.29 -15.17
C SER K 77 70.58 -21.80 -14.94
N GLY K 78 69.39 -22.36 -14.98
CA GLY K 78 69.21 -23.81 -14.75
C GLY K 78 69.90 -24.61 -15.83
N LEU K 79 70.04 -24.03 -17.01
CA LEU K 79 70.62 -24.81 -18.12
C LEU K 79 72.00 -25.24 -17.63
N THR K 80 72.40 -26.48 -17.90
CA THR K 80 73.67 -27.01 -17.36
C THR K 80 74.81 -26.13 -17.87
N PRO K 81 75.90 -25.96 -17.12
CA PRO K 81 76.93 -25.02 -17.54
C PRO K 81 77.47 -25.32 -18.94
N GLU K 82 77.60 -26.59 -19.29
CA GLU K 82 78.06 -26.98 -20.64
C GLU K 82 77.02 -26.49 -21.64
N GLN K 83 75.75 -26.64 -21.30
CA GLN K 83 74.67 -26.24 -22.22
C GLN K 83 74.80 -24.74 -22.45
N LYS K 84 75.19 -23.99 -21.43
CA LYS K 84 75.25 -22.51 -21.52
C LYS K 84 76.24 -22.10 -22.59
N ALA K 85 77.15 -22.99 -22.96
CA ALA K 85 78.16 -22.66 -23.98
C ALA K 85 77.51 -22.38 -25.33
N TYR K 86 76.54 -23.18 -25.74
CA TYR K 86 76.00 -22.99 -27.11
C TYR K 86 75.33 -21.62 -27.23
N VAL K 87 74.65 -21.18 -26.18
CA VAL K 87 73.86 -19.91 -26.28
C VAL K 87 74.63 -18.77 -26.99
N PRO K 88 75.75 -18.18 -26.50
CA PRO K 88 76.39 -17.09 -27.26
C PRO K 88 76.55 -17.38 -28.73
N ALA K 89 76.60 -18.66 -29.14
CA ALA K 89 76.68 -19.00 -30.56
C ALA K 89 75.30 -19.01 -31.22
N MET K 90 74.28 -19.51 -30.53
CA MET K 90 72.93 -19.49 -31.08
C MET K 90 72.51 -18.07 -31.37
N PHE K 91 72.94 -17.15 -30.51
CA PHE K 91 72.54 -15.77 -30.58
C PHE K 91 72.96 -15.18 -31.93
N THR K 92 74.21 -15.46 -32.32
CA THR K 92 74.81 -14.98 -33.57
C THR K 92 74.16 -15.56 -34.82
N ALA K 93 73.56 -16.73 -34.78
CA ALA K 93 73.00 -17.23 -36.04
C ALA K 93 71.67 -16.56 -36.36
N ALA K 94 70.85 -16.29 -35.34
CA ALA K 94 69.54 -15.69 -35.52
C ALA K 94 69.57 -14.17 -35.46
N LEU K 95 70.34 -13.62 -34.52
CA LEU K 95 70.33 -12.15 -34.37
C LEU K 95 71.63 -11.55 -34.88
N ASN K 96 72.57 -12.37 -35.32
CA ASN K 96 73.88 -11.88 -35.83
C ASN K 96 74.47 -10.85 -34.87
N ILE K 97 74.43 -11.12 -33.57
CA ILE K 97 75.05 -10.21 -32.57
C ILE K 97 76.12 -11.02 -31.83
N GLN K 98 77.28 -10.41 -31.56
CA GLN K 98 78.39 -11.09 -30.90
C GLN K 98 78.26 -10.97 -29.39
N THR K 99 78.15 -12.12 -28.72
CA THR K 99 77.97 -12.19 -27.29
C THR K 99 78.89 -13.26 -26.69
N SER K 100 78.96 -13.27 -25.36
CA SER K 100 79.78 -14.21 -24.59
C SER K 100 78.90 -14.82 -23.51
N VAL K 101 79.36 -15.92 -22.91
CA VAL K 101 78.54 -16.64 -21.93
C VAL K 101 78.02 -15.69 -20.85
N ASN K 102 78.86 -14.76 -20.42
CA ASN K 102 78.41 -13.80 -19.41
C ASN K 102 77.68 -12.62 -20.03
N THR K 103 77.92 -12.33 -21.31
CA THR K 103 77.32 -11.18 -21.97
C THR K 103 76.07 -11.55 -22.78
N VAL K 104 75.48 -12.72 -22.54
CA VAL K 104 74.29 -13.14 -23.27
C VAL K 104 73.07 -12.40 -22.75
N VAL K 105 72.73 -12.64 -21.49
CA VAL K 105 71.48 -12.15 -20.93
C VAL K 105 71.45 -10.63 -20.98
N ARG K 106 72.60 -10.00 -20.78
CA ARG K 106 72.69 -8.55 -20.88
C ARG K 106 72.38 -8.07 -22.29
N ASP K 107 72.97 -8.73 -23.29
CA ASP K 107 72.73 -8.31 -24.66
C ASP K 107 71.31 -8.61 -25.12
N PHE K 108 70.73 -9.70 -24.63
CA PHE K 108 69.38 -10.06 -25.07
C PHE K 108 68.35 -9.08 -24.50
N GLU K 109 68.39 -8.84 -23.19
CA GLU K 109 67.51 -7.82 -22.60
C GLU K 109 67.67 -6.48 -23.30
N ASN K 110 68.92 -6.02 -23.48
CA ASN K 110 69.15 -4.72 -24.09
C ASN K 110 68.70 -4.71 -25.55
N TYR K 111 68.89 -5.83 -26.25
CA TYR K 111 68.37 -5.96 -27.60
C TYR K 111 66.84 -5.99 -27.63
N VAL K 112 66.25 -6.92 -26.88
CA VAL K 112 64.80 -7.11 -26.91
C VAL K 112 64.07 -5.83 -26.52
N LYS K 113 64.53 -5.15 -25.47
CA LYS K 113 63.84 -3.95 -25.02
C LYS K 113 63.97 -2.82 -26.04
N GLN K 114 65.11 -2.73 -26.73
CA GLN K 114 65.32 -1.63 -27.66
C GLN K 114 64.70 -1.91 -29.03
N THR K 115 64.50 -3.16 -29.39
CA THR K 115 63.85 -3.49 -30.65
C THR K 115 62.35 -3.63 -30.52
N CYS K 116 61.87 -4.26 -29.45
CA CYS K 116 60.46 -4.57 -29.27
C CYS K 116 59.69 -3.48 -28.53
N ASN K 117 60.31 -2.34 -28.27
CA ASN K 117 59.60 -1.19 -27.72
C ASN K 117 59.77 0.02 -28.64
N SER K 118 60.35 -0.20 -29.83
CA SER K 118 60.41 0.79 -30.90
C SER K 118 59.03 1.02 -31.50
N SER K 119 58.86 2.20 -32.12
CA SER K 119 57.57 2.54 -32.71
C SER K 119 57.14 1.59 -33.82
N ALA K 120 58.09 0.95 -34.51
CA ALA K 120 57.72 0.06 -35.62
C ALA K 120 57.01 -1.19 -35.15
N VAL K 121 57.20 -1.59 -33.89
CA VAL K 121 56.48 -2.74 -33.36
C VAL K 121 55.27 -2.31 -32.52
N VAL K 122 55.28 -1.11 -31.95
CA VAL K 122 54.14 -0.66 -31.16
C VAL K 122 53.00 -0.21 -32.05
N ASP K 123 53.30 0.62 -33.04
CA ASP K 123 52.29 1.24 -33.90
C ASP K 123 52.18 0.47 -35.21
N ASN K 124 51.78 -0.78 -35.06
CA ASN K 124 51.58 -1.69 -36.19
C ASN K 124 50.22 -1.51 -36.86
N LYS K 125 49.16 -1.45 -36.06
CA LYS K 125 47.77 -1.38 -36.52
C LYS K 125 47.33 -2.61 -37.31
N LEU K 126 48.12 -3.68 -37.33
CA LEU K 126 47.68 -4.92 -37.94
C LEU K 126 47.26 -5.89 -36.85
N LYS K 127 45.98 -6.25 -36.83
CA LYS K 127 45.49 -7.20 -35.83
C LYS K 127 45.82 -8.64 -36.21
N ILE K 128 45.77 -8.97 -37.49
CA ILE K 128 46.18 -10.30 -37.95
C ILE K 128 47.64 -10.15 -38.35
N GLN K 129 48.53 -10.72 -37.53
CA GLN K 129 49.96 -10.59 -37.69
C GLN K 129 50.59 -11.96 -37.93
N ASN K 130 51.76 -11.97 -38.57
CA ASN K 130 52.38 -13.19 -39.07
C ASN K 130 53.82 -13.36 -38.61
N VAL K 131 54.18 -14.59 -38.27
CA VAL K 131 55.50 -14.96 -37.79
C VAL K 131 56.21 -15.70 -38.92
N ILE K 132 57.46 -15.35 -39.19
CA ILE K 132 58.24 -15.99 -40.26
C ILE K 132 59.56 -16.43 -39.64
N ILE K 133 59.61 -17.66 -39.14
CA ILE K 133 60.85 -18.28 -38.68
C ILE K 133 61.44 -19.10 -39.82
N ASP K 134 62.74 -18.94 -40.08
CA ASP K 134 63.34 -19.59 -41.25
C ASP K 134 63.68 -21.06 -41.03
N GLU K 135 64.62 -21.34 -40.12
CA GLU K 135 65.16 -22.69 -39.99
C GLU K 135 64.84 -23.26 -38.63
N CYS K 136 64.48 -24.54 -38.63
CA CYS K 136 64.18 -25.32 -37.44
C CYS K 136 64.32 -26.78 -37.84
N TYR K 137 64.92 -27.59 -36.95
CA TYR K 137 65.18 -29.01 -37.28
C TYR K 137 64.58 -29.91 -36.18
N GLY K 138 64.55 -31.23 -36.42
CA GLY K 138 64.01 -32.18 -35.43
C GLY K 138 64.17 -33.63 -35.85
N ALA K 139 63.65 -34.56 -35.05
CA ALA K 139 63.82 -36.00 -35.34
C ALA K 139 62.47 -36.65 -35.60
N PRO K 140 62.42 -37.84 -36.24
CA PRO K 140 61.15 -38.53 -36.58
C PRO K 140 60.02 -38.59 -35.53
N GLY K 141 59.88 -39.75 -34.86
CA GLY K 141 58.82 -39.90 -33.85
C GLY K 141 58.81 -38.72 -32.90
N SER K 142 57.65 -38.05 -32.73
CA SER K 142 57.52 -36.83 -31.87
C SER K 142 58.71 -35.90 -32.11
N PRO K 143 58.61 -34.95 -33.05
CA PRO K 143 59.73 -34.09 -33.39
C PRO K 143 59.97 -33.05 -32.30
N THR K 144 60.51 -31.91 -32.69
CA THR K 144 60.77 -30.84 -31.70
C THR K 144 59.52 -29.98 -31.55
N ASN K 145 58.45 -30.56 -31.02
CA ASN K 145 57.23 -29.79 -30.75
C ASN K 145 57.53 -28.53 -29.94
N MET K 146 57.07 -27.37 -30.46
CA MET K 146 57.25 -26.08 -29.82
C MET K 146 55.91 -25.36 -29.77
N GLU K 147 55.91 -24.19 -29.13
CA GLU K 147 54.68 -23.42 -28.95
C GLU K 147 55.00 -21.95 -29.05
N PHE K 148 54.24 -21.22 -29.86
CA PHE K 148 54.33 -19.77 -29.94
C PHE K 148 53.23 -19.18 -29.08
N ILE K 149 53.57 -18.80 -27.86
CA ILE K 149 52.61 -18.17 -26.96
C ILE K 149 52.32 -16.75 -27.47
N ASN K 150 51.09 -16.51 -27.88
CA ASN K 150 50.68 -15.17 -28.26
C ASN K 150 50.42 -14.35 -27.00
N THR K 151 51.20 -13.29 -26.80
CA THR K 151 51.06 -12.48 -25.61
C THR K 151 49.86 -11.55 -25.69
N GLY K 152 49.32 -11.32 -26.88
CA GLY K 152 48.20 -10.43 -27.09
C GLY K 152 48.60 -9.08 -27.64
N SER K 153 49.90 -8.78 -27.68
CA SER K 153 50.41 -7.49 -28.10
C SER K 153 51.57 -7.69 -29.06
N SER K 154 51.98 -6.63 -29.73
CA SER K 154 53.07 -6.74 -30.73
C SER K 154 54.41 -6.66 -30.05
N LYS K 155 54.53 -5.81 -29.04
CA LYS K 155 55.79 -5.67 -28.30
C LYS K 155 56.10 -7.00 -27.61
N GLY K 156 55.10 -7.66 -27.04
CA GLY K 156 55.31 -8.97 -26.39
C GLY K 156 55.63 -10.06 -27.37
N ASN K 157 54.86 -10.15 -28.45
CA ASN K 157 55.13 -11.13 -29.50
C ASN K 157 56.51 -10.95 -30.10
N CYS K 158 56.99 -9.70 -30.14
CA CYS K 158 58.35 -9.44 -30.62
C CYS K 158 59.38 -10.21 -29.79
N ALA K 159 59.18 -10.27 -28.47
CA ALA K 159 60.09 -11.04 -27.64
C ALA K 159 59.94 -12.54 -27.88
N ILE K 160 58.71 -13.01 -28.08
CA ILE K 160 58.48 -14.42 -28.36
C ILE K 160 59.15 -14.83 -29.67
N LYS K 161 58.97 -14.02 -30.72
CA LYS K 161 59.63 -14.29 -31.99
C LYS K 161 61.14 -14.37 -31.84
N ALA K 162 61.72 -13.47 -31.05
CA ALA K 162 63.17 -13.45 -30.87
C ALA K 162 63.66 -14.73 -30.18
N LEU K 163 63.01 -15.10 -29.07
CA LEU K 163 63.42 -16.30 -28.34
C LEU K 163 63.22 -17.55 -29.19
N MET K 164 62.12 -17.64 -29.94
CA MET K 164 61.93 -18.79 -30.80
C MET K 164 62.97 -18.79 -31.93
N GLN K 165 63.32 -17.60 -32.45
CA GLN K 165 64.44 -17.55 -33.39
C GLN K 165 65.70 -18.11 -32.75
N LEU K 166 65.88 -17.93 -31.44
CA LEU K 166 67.00 -18.57 -30.76
C LEU K 166 66.75 -20.05 -30.56
N THR K 167 65.56 -20.41 -30.08
CA THR K 167 65.26 -21.80 -29.77
C THR K 167 65.33 -22.68 -30.99
N THR K 168 64.85 -22.18 -32.13
CA THR K 168 64.90 -22.96 -33.36
C THR K 168 66.30 -23.14 -33.91
N LYS K 169 67.25 -22.27 -33.53
CA LYS K 169 68.60 -22.43 -34.05
C LYS K 169 69.46 -23.34 -33.17
N ALA K 170 68.95 -23.77 -32.01
CA ALA K 170 69.67 -24.72 -31.18
C ALA K 170 69.65 -26.10 -31.81
N THR K 171 68.62 -26.40 -32.60
CA THR K 171 68.51 -27.67 -33.29
C THR K 171 69.67 -27.88 -34.26
N THR K 172 70.25 -26.80 -34.75
CA THR K 172 71.42 -26.85 -35.62
C THR K 172 72.71 -26.97 -34.82
N ILE L 1 32.43 -15.87 -13.89
CA ILE L 1 31.56 -16.56 -14.83
C ILE L 1 30.12 -16.14 -14.64
N GLN L 2 29.51 -16.57 -13.54
CA GLN L 2 28.10 -16.32 -13.31
C GLN L 2 27.93 -14.85 -12.91
N LEU L 3 27.24 -14.09 -13.75
CA LEU L 3 26.89 -12.72 -13.42
C LEU L 3 25.44 -12.73 -13.00
N THR L 4 25.18 -12.25 -11.78
CA THR L 4 23.86 -12.32 -11.16
C THR L 4 23.35 -10.89 -11.02
N GLN L 5 22.44 -10.52 -11.91
CA GLN L 5 21.99 -9.14 -12.05
C GLN L 5 20.72 -8.89 -11.25
N SER L 6 20.71 -7.80 -10.48
CA SER L 6 19.60 -7.37 -9.65
C SER L 6 19.54 -5.84 -9.76
N PRO L 7 18.34 -5.24 -9.74
CA PRO L 7 17.03 -5.85 -9.48
C PRO L 7 16.45 -6.56 -10.69
N SER L 8 15.70 -7.64 -10.48
CA SER L 8 15.04 -8.29 -11.61
C SER L 8 13.87 -7.46 -12.09
N SER L 9 13.37 -6.58 -11.23
CA SER L 9 12.24 -5.71 -11.54
C SER L 9 12.45 -4.42 -10.77
N VAL L 10 12.58 -3.31 -11.49
CA VAL L 10 12.76 -2.01 -10.88
C VAL L 10 11.73 -1.08 -11.51
N SER L 11 11.28 -0.10 -10.72
CA SER L 11 10.27 0.84 -11.18
C SER L 11 10.43 2.14 -10.40
N ALA L 12 10.76 3.21 -11.10
CA ALA L 12 10.87 4.52 -10.47
C ALA L 12 10.28 5.58 -11.39
N SER L 13 9.81 6.67 -10.78
CA SER L 13 9.10 7.71 -11.52
C SER L 13 10.07 8.55 -12.35
N VAL L 14 9.49 9.45 -13.15
CA VAL L 14 10.29 10.33 -14.01
C VAL L 14 11.09 11.30 -13.16
N GLY L 15 12.38 11.43 -13.47
CA GLY L 15 13.21 12.37 -12.77
C GLY L 15 13.97 11.80 -11.59
N ASP L 16 13.85 10.50 -11.34
CA ASP L 16 14.54 9.86 -10.24
C ASP L 16 15.56 8.86 -10.77
N GLY L 17 16.25 8.18 -9.86
CA GLY L 17 17.36 7.32 -10.23
C GLY L 17 17.09 5.87 -9.92
N VAL L 18 17.69 4.99 -10.72
CA VAL L 18 17.67 3.55 -10.48
C VAL L 18 19.10 3.03 -10.56
N THR L 19 19.38 2.02 -9.76
CA THR L 19 20.72 1.41 -9.72
C THR L 19 20.59 -0.08 -9.93
N ILE L 20 21.34 -0.61 -10.89
CA ILE L 20 21.32 -2.02 -11.24
C ILE L 20 22.70 -2.59 -10.93
N THR L 21 22.74 -3.73 -10.26
CA THR L 21 23.98 -4.32 -9.77
C THR L 21 24.23 -5.66 -10.47
N CYS L 22 25.47 -5.88 -10.91
CA CYS L 22 25.88 -7.06 -11.66
C CYS L 22 27.03 -7.77 -10.94
N ARG L 23 26.68 -8.63 -10.00
CA ARG L 23 27.65 -9.38 -9.21
C ARG L 23 28.33 -10.47 -10.03
N ALA L 24 29.67 -10.52 -9.98
CA ALA L 24 30.38 -11.56 -10.69
C ALA L 24 30.79 -12.66 -9.72
N SER L 25 30.97 -13.87 -10.25
CA SER L 25 31.32 -15.00 -9.39
C SER L 25 32.83 -15.08 -9.25
N GLN L 26 33.48 -15.27 -10.30
CA GLN L 26 34.92 -15.20 -10.31
C GLN L 26 35.31 -13.75 -10.52
N PRO L 27 36.45 -13.31 -10.02
CA PRO L 27 36.92 -11.97 -10.40
C PRO L 27 36.98 -11.86 -11.91
N ILE L 28 36.13 -10.99 -12.47
CA ILE L 28 36.08 -10.80 -13.92
C ILE L 28 36.89 -9.59 -14.35
N GLY L 29 37.34 -8.79 -13.39
CA GLY L 29 38.11 -7.61 -13.66
C GLY L 29 37.25 -6.36 -13.73
N THR L 30 37.66 -5.44 -14.57
CA THR L 30 36.95 -4.20 -14.80
C THR L 30 36.04 -4.28 -16.02
N TRP L 31 35.98 -5.45 -16.64
CA TRP L 31 35.33 -5.66 -17.93
C TRP L 31 33.84 -5.96 -17.72
N VAL L 32 33.06 -4.90 -17.60
CA VAL L 32 31.61 -5.03 -17.62
C VAL L 32 31.09 -4.10 -18.71
N ALA L 33 30.09 -4.57 -19.44
CA ALA L 33 29.43 -3.78 -20.46
C ALA L 33 27.93 -3.94 -20.26
N TRP L 34 27.21 -2.84 -20.47
CA TRP L 34 25.78 -2.81 -20.23
C TRP L 34 25.04 -2.61 -21.55
N TYR L 35 23.89 -3.25 -21.65
CA TYR L 35 23.13 -3.28 -22.89
C TYR L 35 21.69 -2.95 -22.60
N GLN L 36 21.04 -2.32 -23.58
CA GLN L 36 19.63 -1.97 -23.51
C GLN L 36 18.92 -2.63 -24.68
N GLN L 37 17.97 -3.49 -24.38
CA GLN L 37 17.13 -4.10 -25.41
C GLN L 37 15.71 -3.55 -25.24
N LYS L 38 15.31 -2.70 -26.18
CA LYS L 38 13.94 -2.23 -26.23
C LYS L 38 13.02 -3.36 -26.68
N PRO L 39 11.74 -3.32 -26.30
CA PRO L 39 10.83 -4.42 -26.65
C PRO L 39 10.83 -4.73 -28.14
N GLY L 40 11.19 -5.96 -28.49
CA GLY L 40 11.21 -6.38 -29.88
C GLY L 40 12.19 -5.66 -30.76
N LYS L 41 13.38 -5.34 -30.25
CA LYS L 41 14.40 -4.65 -31.03
C LYS L 41 15.79 -5.13 -30.64
N ALA L 42 16.73 -4.91 -31.54
CA ALA L 42 18.11 -5.34 -31.32
C ALA L 42 18.76 -4.54 -30.19
N PRO L 43 19.52 -5.18 -29.31
CA PRO L 43 20.15 -4.48 -28.19
C PRO L 43 21.11 -3.37 -28.64
N LYS L 44 21.43 -2.51 -27.68
CA LYS L 44 22.30 -1.35 -27.86
C LYS L 44 23.33 -1.33 -26.75
N LEU L 45 24.52 -0.79 -27.04
CA LEU L 45 25.54 -0.62 -26.02
C LEU L 45 25.32 0.75 -25.38
N LEU L 46 25.33 0.80 -24.05
CA LEU L 46 25.23 2.08 -23.37
C LEU L 46 26.60 2.53 -22.89
N ILE L 47 27.21 1.82 -21.95
CA ILE L 47 28.51 2.17 -21.38
C ILE L 47 29.34 0.90 -21.34
N SER L 48 30.66 1.01 -21.12
CA SER L 48 31.55 -0.17 -21.19
C SER L 48 32.58 -0.11 -20.07
N GLY L 49 33.57 -1.03 -20.09
CA GLY L 49 34.64 -1.02 -19.08
C GLY L 49 35.98 -1.63 -19.50
N ALA L 50 37.10 -1.20 -18.92
CA ALA L 50 38.41 -1.81 -19.23
C ALA L 50 39.44 -1.74 -18.11
N SER L 51 40.39 -2.69 -18.05
CA SER L 51 41.35 -2.86 -16.93
C SER L 51 42.75 -2.34 -17.18
N SER L 52 43.71 -2.85 -16.40
CA SER L 52 45.09 -2.30 -16.44
C SER L 52 46.05 -3.16 -17.24
N SER L 66 40.26 -9.26 -9.46
CA SER L 66 39.80 -8.32 -8.44
C SER L 66 38.44 -7.71 -8.73
N GLY L 67 37.81 -8.05 -9.85
CA GLY L 67 36.55 -7.36 -10.16
C GLY L 67 35.35 -8.23 -9.97
N THR L 68 34.52 -7.95 -8.98
CA THR L 68 33.29 -8.73 -8.82
C THR L 68 32.11 -7.82 -8.92
N ASP L 69 31.67 -7.21 -7.83
CA ASP L 69 30.41 -6.43 -7.88
C ASP L 69 30.56 -5.24 -8.82
N PHE L 70 29.44 -4.82 -9.43
CA PHE L 70 29.44 -3.72 -10.39
C PHE L 70 28.06 -3.09 -10.39
N THR L 71 27.99 -1.78 -10.71
CA THR L 71 26.70 -1.09 -10.71
C THR L 71 26.56 -0.19 -11.94
N LEU L 72 25.33 0.12 -12.30
CA LEU L 72 25.02 1.14 -13.31
C LEU L 72 23.79 1.93 -12.89
N THR L 73 23.90 3.26 -12.87
CA THR L 73 22.82 4.14 -12.46
C THR L 73 22.41 5.10 -13.58
N ILE L 74 21.18 4.96 -14.07
CA ILE L 74 20.57 5.90 -15.01
C ILE L 74 19.75 6.89 -14.20
N SER L 75 20.04 8.18 -14.34
CA SER L 75 19.56 9.19 -13.40
C SER L 75 18.42 10.04 -13.94
N SER L 76 18.60 10.67 -15.10
CA SER L 76 17.51 11.46 -15.67
C SER L 76 16.60 10.52 -16.46
N LEU L 77 15.70 9.85 -15.73
CA LEU L 77 14.82 8.89 -16.40
C LEU L 77 13.82 9.63 -17.26
N GLN L 78 13.74 9.24 -18.52
CA GLN L 78 12.80 9.74 -19.50
C GLN L 78 11.86 8.61 -19.90
N PRO L 79 10.62 8.93 -20.27
CA PRO L 79 9.69 7.86 -20.68
C PRO L 79 10.21 7.01 -21.82
N ASP L 80 11.31 7.42 -22.46
CA ASP L 80 11.93 6.71 -23.56
C ASP L 80 12.88 5.63 -23.07
N ASP L 81 13.07 5.50 -21.75
CA ASP L 81 14.06 4.62 -21.17
C ASP L 81 13.45 3.32 -20.63
N SER L 82 12.24 2.99 -21.03
CA SER L 82 11.59 1.75 -20.61
C SER L 82 12.09 0.60 -21.47
N ALA L 83 12.87 -0.29 -20.88
CA ALA L 83 13.49 -1.38 -21.64
C ALA L 83 13.98 -2.44 -20.67
N THR L 84 14.72 -3.40 -21.21
CA THR L 84 15.36 -4.46 -20.43
C THR L 84 16.87 -4.24 -20.51
N TYR L 85 17.55 -4.39 -19.37
CA TYR L 85 18.96 -4.02 -19.27
C TYR L 85 19.80 -5.22 -18.87
N PHE L 86 21.00 -5.32 -19.47
CA PHE L 86 21.87 -6.48 -19.34
C PHE L 86 23.31 -6.07 -19.04
N CYS L 87 24.06 -6.99 -18.42
CA CYS L 87 25.49 -6.86 -18.17
C CYS L 87 26.24 -8.05 -18.78
N GLN L 88 27.55 -7.88 -18.99
CA GLN L 88 28.33 -8.91 -19.69
C GLN L 88 29.80 -8.90 -19.30
N GLN L 89 30.41 -10.10 -19.25
CA GLN L 89 31.86 -10.23 -19.25
C GLN L 89 32.37 -9.97 -20.65
N THR L 90 33.21 -8.95 -20.82
CA THR L 90 33.62 -8.60 -22.16
C THR L 90 35.00 -9.12 -22.49
N ASN L 91 35.66 -9.81 -21.57
CA ASN L 91 37.05 -10.19 -21.76
C ASN L 91 37.30 -11.68 -21.81
N THR L 92 36.61 -12.47 -20.99
CA THR L 92 36.93 -13.88 -20.82
C THR L 92 35.87 -14.76 -21.45
N PHE L 93 36.31 -15.76 -22.18
CA PHE L 93 35.36 -16.76 -22.62
C PHE L 93 35.18 -17.78 -21.50
N PRO L 94 33.97 -18.32 -21.30
CA PRO L 94 32.73 -18.09 -22.05
C PRO L 94 32.08 -16.75 -21.73
N LEU L 95 31.80 -15.97 -22.78
CA LEU L 95 31.12 -14.69 -22.60
C LEU L 95 29.75 -14.93 -21.99
N THR L 96 29.55 -14.45 -20.77
CA THR L 96 28.33 -14.67 -20.02
C THR L 96 27.56 -13.36 -19.87
N PHE L 97 26.24 -13.45 -19.95
CA PHE L 97 25.36 -12.31 -19.74
C PHE L 97 24.76 -12.39 -18.35
N GLY L 98 23.97 -11.37 -18.01
CA GLY L 98 23.33 -11.32 -16.71
C GLY L 98 21.89 -11.76 -16.79
N GLN L 99 21.27 -11.86 -15.61
CA GLN L 99 19.86 -12.25 -15.55
C GLN L 99 19.00 -11.30 -16.37
N GLY L 100 19.26 -10.01 -16.27
CA GLY L 100 18.50 -9.01 -16.99
C GLY L 100 17.58 -8.25 -16.07
N THR L 101 17.54 -6.92 -16.22
CA THR L 101 16.71 -6.05 -15.39
C THR L 101 15.72 -5.29 -16.25
N ARG L 102 14.44 -5.40 -15.91
CA ARG L 102 13.37 -4.72 -16.63
C ARG L 102 13.01 -3.43 -15.88
N LEU L 103 13.15 -2.29 -16.56
CA LEU L 103 12.87 -0.99 -15.96
C LEU L 103 11.51 -0.46 -16.43
N GLU L 104 10.71 -0.03 -15.46
CA GLU L 104 9.35 0.46 -15.69
C GLU L 104 9.22 1.89 -15.17
N ILE L 105 8.92 2.85 -16.06
CA ILE L 105 8.69 4.24 -15.67
C ILE L 105 7.25 4.40 -15.20
N LYS L 106 7.05 5.21 -14.16
CA LYS L 106 5.74 5.41 -13.58
C LYS L 106 4.98 6.56 -14.24
N ARG L 107 3.67 6.55 -14.05
CA ARG L 107 2.72 7.48 -14.66
C ARG L 107 1.62 7.78 -13.65
N THR L 108 0.90 8.87 -13.89
CA THR L 108 -0.33 9.10 -13.14
C THR L 108 -1.32 8.00 -13.53
N VAL L 109 -2.11 7.53 -12.56
CA VAL L 109 -3.00 6.42 -12.82
C VAL L 109 -3.96 6.78 -13.95
N ALA L 110 -3.95 5.99 -15.01
CA ALA L 110 -4.76 6.19 -16.19
C ALA L 110 -5.64 4.98 -16.42
N ALA L 111 -6.88 5.21 -16.94
CA ALA L 111 -7.91 4.20 -17.02
C ALA L 111 -7.93 3.49 -18.36
N PRO L 112 -8.39 2.21 -18.42
CA PRO L 112 -8.38 1.43 -19.66
C PRO L 112 -9.50 1.75 -20.66
N SER L 113 -9.28 2.68 -21.58
CA SER L 113 -10.35 2.89 -22.58
C SER L 113 -10.65 1.53 -23.24
N VAL L 114 -11.91 1.09 -23.19
CA VAL L 114 -12.25 -0.27 -23.72
C VAL L 114 -13.17 -0.14 -24.92
N PHE L 115 -12.76 -0.71 -26.05
CA PHE L 115 -13.66 -0.76 -27.23
C PHE L 115 -13.91 -2.25 -27.46
N ILE L 116 -15.14 -2.68 -27.74
CA ILE L 116 -15.39 -4.15 -27.86
C ILE L 116 -15.48 -4.50 -29.35
N PHE L 117 -15.09 -5.72 -29.68
CA PHE L 117 -15.04 -6.11 -31.11
C PHE L 117 -15.82 -7.41 -31.29
N PRO L 118 -16.99 -7.39 -31.97
CA PRO L 118 -17.79 -8.60 -32.09
C PRO L 118 -17.26 -9.55 -33.15
N PRO L 119 -17.70 -10.80 -33.14
CA PRO L 119 -17.19 -11.78 -34.12
C PRO L 119 -17.45 -11.36 -35.55
N SER L 120 -16.57 -11.83 -36.43
CA SER L 120 -16.73 -11.63 -37.87
C SER L 120 -17.70 -12.65 -38.45
N ASP L 121 -18.56 -12.21 -39.36
CA ASP L 121 -19.41 -13.15 -40.08
C ASP L 121 -18.59 -14.09 -40.93
N GLU L 122 -17.45 -13.61 -41.44
CA GLU L 122 -16.52 -14.47 -42.15
C GLU L 122 -16.01 -15.56 -41.22
N GLN L 123 -15.68 -15.19 -39.98
CA GLN L 123 -15.25 -16.21 -39.02
C GLN L 123 -16.34 -17.24 -38.70
N LEU L 124 -17.61 -16.82 -38.48
CA LEU L 124 -18.63 -17.84 -38.18
C LEU L 124 -18.71 -18.92 -39.24
N LYS L 125 -18.39 -18.59 -40.49
CA LYS L 125 -18.47 -19.61 -41.53
C LYS L 125 -17.55 -20.78 -41.21
N SER L 126 -16.45 -20.51 -40.50
CA SER L 126 -15.45 -21.54 -40.24
C SER L 126 -15.92 -22.53 -39.18
N GLY L 127 -16.75 -22.10 -38.25
CA GLY L 127 -17.18 -22.96 -37.16
C GLY L 127 -16.69 -22.54 -35.79
N THR L 128 -15.89 -21.49 -35.71
CA THR L 128 -15.45 -20.92 -34.44
C THR L 128 -15.65 -19.41 -34.48
N ALA L 129 -15.90 -18.82 -33.32
CA ALA L 129 -16.11 -17.38 -33.21
C ALA L 129 -15.32 -16.86 -32.01
N SER L 130 -14.61 -15.76 -32.22
CA SER L 130 -13.71 -15.22 -31.21
C SER L 130 -14.09 -13.77 -30.92
N VAL L 131 -14.41 -13.48 -29.66
CA VAL L 131 -14.77 -12.13 -29.22
C VAL L 131 -13.59 -11.55 -28.47
N VAL L 132 -13.03 -10.46 -28.95
CA VAL L 132 -11.78 -10.01 -28.27
C VAL L 132 -12.08 -8.72 -27.52
N CYS L 133 -11.90 -8.74 -26.20
CA CYS L 133 -12.10 -7.48 -25.44
C CYS L 133 -10.80 -6.68 -25.41
N LEU L 134 -10.90 -5.36 -25.54
CA LEU L 134 -9.67 -4.54 -25.64
C LEU L 134 -9.55 -3.66 -24.39
N LEU L 135 -8.33 -3.26 -24.02
CA LEU L 135 -8.08 -2.35 -22.89
C LEU L 135 -7.03 -1.39 -23.42
N ASN L 136 -7.42 -0.20 -23.85
CA ASN L 136 -6.42 0.66 -24.53
C ASN L 136 -5.79 1.70 -23.60
N ASN L 137 -4.47 1.86 -23.67
CA ASN L 137 -3.79 2.95 -22.92
C ASN L 137 -4.15 2.86 -21.43
N PHE L 138 -3.71 1.81 -20.75
CA PHE L 138 -3.99 1.65 -19.30
C PHE L 138 -2.72 1.62 -18.46
N TYR L 139 -2.87 1.80 -17.15
CA TYR L 139 -1.72 1.78 -16.20
C TYR L 139 -2.30 1.80 -14.78
N PRO L 140 -1.95 0.90 -13.85
CA PRO L 140 -0.71 0.15 -13.93
C PRO L 140 -0.95 -1.09 -14.80
N ARG L 141 -0.11 -2.11 -14.63
CA ARG L 141 -0.38 -3.37 -15.36
C ARG L 141 -1.48 -4.10 -14.61
N GLU L 142 -1.30 -5.41 -14.38
CA GLU L 142 -2.30 -6.23 -13.65
C GLU L 142 -3.60 -6.24 -14.46
N ALA L 143 -4.60 -7.02 -14.02
CA ALA L 143 -5.89 -7.07 -14.73
C ALA L 143 -6.76 -8.20 -14.18
N LYS L 144 -8.08 -8.06 -14.27
CA LYS L 144 -8.99 -9.15 -13.87
C LYS L 144 -9.72 -9.57 -15.15
N VAL L 145 -9.49 -10.80 -15.59
CA VAL L 145 -10.13 -11.27 -16.86
C VAL L 145 -11.53 -11.76 -16.52
N GLN L 146 -12.54 -10.93 -16.76
CA GLN L 146 -13.95 -11.36 -16.56
C GLN L 146 -14.61 -11.41 -17.93
N TRP L 147 -14.93 -12.62 -18.40
CA TRP L 147 -15.68 -12.74 -19.67
C TRP L 147 -17.12 -13.10 -19.28
N LYS L 148 -18.11 -12.33 -19.72
CA LYS L 148 -19.49 -12.52 -19.29
C LYS L 148 -20.38 -12.51 -20.52
N VAL L 149 -21.17 -13.58 -20.67
CA VAL L 149 -22.11 -13.75 -21.77
C VAL L 149 -23.51 -13.88 -21.20
N ASP L 150 -24.42 -12.99 -21.63
CA ASP L 150 -25.79 -12.93 -21.11
C ASP L 150 -25.84 -12.93 -19.58
N ASN L 151 -25.08 -12.01 -18.98
CA ASN L 151 -25.02 -11.86 -17.53
C ASN L 151 -24.56 -13.15 -16.85
N ALA L 152 -23.59 -13.83 -17.47
CA ALA L 152 -23.01 -15.04 -16.90
C ALA L 152 -21.53 -15.07 -17.24
N LEU L 153 -20.70 -15.29 -16.22
CA LEU L 153 -19.24 -15.21 -16.32
C LEU L 153 -18.70 -16.48 -16.97
N GLN L 154 -17.98 -16.33 -18.09
CA GLN L 154 -17.47 -17.45 -18.87
C GLN L 154 -16.01 -17.79 -18.54
N SER L 155 -15.74 -19.10 -18.46
CA SER L 155 -14.45 -19.61 -18.01
C SER L 155 -13.90 -20.65 -18.99
N GLY L 156 -12.58 -20.84 -18.95
CA GLY L 156 -11.91 -21.88 -19.72
C GLY L 156 -11.60 -21.56 -21.16
N ASN L 157 -11.96 -20.38 -21.65
CA ASN L 157 -11.80 -20.03 -23.05
C ASN L 157 -10.91 -18.83 -23.31
N SER L 158 -10.30 -18.25 -22.27
CA SER L 158 -9.55 -17.01 -22.39
C SER L 158 -8.04 -17.25 -22.38
N GLN L 159 -7.34 -16.58 -23.29
CA GLN L 159 -5.88 -16.49 -23.33
C GLN L 159 -5.55 -15.05 -23.69
N GLU L 160 -4.49 -14.49 -23.10
CA GLU L 160 -4.23 -13.07 -23.28
C GLU L 160 -2.75 -12.76 -23.46
N SER L 161 -2.50 -11.63 -24.12
CA SER L 161 -1.17 -11.04 -24.29
C SER L 161 -1.26 -9.55 -24.04
N VAL L 162 -0.32 -9.03 -23.28
CA VAL L 162 -0.31 -7.63 -22.87
C VAL L 162 0.89 -6.95 -23.54
N THR L 163 0.69 -5.71 -23.98
CA THR L 163 1.81 -5.02 -24.58
C THR L 163 2.70 -4.48 -23.47
N GLU L 164 3.93 -4.11 -23.81
CA GLU L 164 4.69 -3.42 -22.78
C GLU L 164 4.49 -1.92 -22.84
N GLN L 165 5.11 -1.26 -21.86
CA GLN L 165 5.02 0.16 -21.67
C GLN L 165 5.48 0.92 -22.91
N ASP L 166 4.83 2.04 -23.17
CA ASP L 166 5.09 2.83 -24.36
C ASP L 166 6.25 3.79 -24.18
N SER L 167 6.91 4.09 -25.30
CA SER L 167 8.02 5.03 -25.38
C SER L 167 7.54 6.48 -25.46
N LYS L 168 6.26 6.74 -25.22
CA LYS L 168 5.72 8.08 -25.39
C LYS L 168 4.85 8.49 -24.21
N ASP L 169 3.93 7.60 -23.81
CA ASP L 169 2.95 7.89 -22.78
C ASP L 169 2.93 6.90 -21.61
N SER L 170 3.85 5.93 -21.59
CA SER L 170 4.07 5.04 -20.43
C SER L 170 2.83 4.24 -20.05
N THR L 171 2.07 3.80 -21.05
CA THR L 171 0.86 3.03 -20.81
C THR L 171 0.91 1.70 -21.55
N TYR L 172 0.30 0.68 -20.94
CA TYR L 172 0.19 -0.64 -21.53
C TYR L 172 -1.15 -0.80 -22.24
N SER L 173 -1.35 -1.97 -22.84
CA SER L 173 -2.63 -2.31 -23.47
C SER L 173 -2.82 -3.83 -23.41
N LEU L 174 -4.07 -4.27 -23.21
CA LEU L 174 -4.37 -5.68 -23.06
C LEU L 174 -5.45 -6.10 -24.05
N SER L 175 -5.44 -7.39 -24.43
CA SER L 175 -6.39 -7.92 -25.41
C SER L 175 -6.68 -9.39 -25.07
N SER L 176 -7.74 -9.60 -24.30
CA SER L 176 -8.21 -10.94 -23.98
C SER L 176 -8.96 -11.54 -25.17
N THR L 177 -9.01 -12.87 -25.22
CA THR L 177 -9.54 -13.59 -26.37
C THR L 177 -10.52 -14.68 -25.94
N LEU L 178 -11.79 -14.53 -26.29
CA LEU L 178 -12.86 -15.51 -26.01
C LEU L 178 -13.23 -16.23 -27.30
N THR L 179 -12.69 -17.44 -27.50
CA THR L 179 -13.05 -18.26 -28.65
C THR L 179 -13.98 -19.40 -28.24
N LEU L 180 -15.21 -19.37 -28.74
CA LEU L 180 -16.13 -20.49 -28.61
C LEU L 180 -16.50 -21.00 -30.01
N SER L 181 -17.27 -22.07 -30.04
CA SER L 181 -17.73 -22.70 -31.27
C SER L 181 -19.01 -22.07 -31.78
N LYS L 182 -19.22 -22.16 -33.09
CA LYS L 182 -20.50 -21.72 -33.67
C LYS L 182 -21.67 -22.32 -32.93
N ALA L 183 -21.53 -23.57 -32.49
CA ALA L 183 -22.56 -24.19 -31.66
C ALA L 183 -22.83 -23.31 -30.46
N ASP L 184 -21.78 -22.82 -29.83
CA ASP L 184 -21.86 -22.03 -28.62
C ASP L 184 -22.11 -20.55 -28.85
N TYR L 185 -21.78 -20.01 -30.03
CA TYR L 185 -21.92 -18.57 -30.23
C TYR L 185 -23.34 -18.12 -30.52
N GLU L 186 -24.05 -18.80 -31.41
CA GLU L 186 -25.35 -18.30 -31.82
C GLU L 186 -26.42 -18.45 -30.74
N LYS L 187 -26.13 -19.22 -29.68
CA LYS L 187 -27.09 -19.38 -28.59
C LYS L 187 -27.37 -18.08 -27.84
N HIS L 188 -26.47 -17.10 -27.94
CA HIS L 188 -26.58 -15.92 -27.09
C HIS L 188 -26.41 -14.65 -27.91
N LYS L 189 -26.94 -13.56 -27.35
CA LYS L 189 -26.99 -12.27 -28.03
C LYS L 189 -26.26 -11.17 -27.28
N VAL L 190 -26.32 -11.18 -25.95
CA VAL L 190 -25.69 -10.14 -25.14
C VAL L 190 -24.37 -10.71 -24.65
N TYR L 191 -23.28 -10.12 -25.13
CA TYR L 191 -21.93 -10.52 -24.78
C TYR L 191 -21.25 -9.34 -24.14
N ALA L 192 -20.72 -9.52 -22.95
CA ALA L 192 -20.17 -8.42 -22.17
C ALA L 192 -18.70 -8.65 -21.88
N CYS L 193 -18.08 -7.66 -21.25
CA CYS L 193 -16.67 -7.72 -20.90
C CYS L 193 -16.42 -6.83 -19.69
N GLU L 194 -16.18 -7.44 -18.54
CA GLU L 194 -15.97 -6.72 -17.28
C GLU L 194 -14.49 -6.74 -16.90
N VAL L 195 -13.94 -5.56 -16.60
CA VAL L 195 -12.52 -5.38 -16.25
C VAL L 195 -12.41 -4.64 -14.92
N THR L 196 -11.54 -5.12 -14.03
CA THR L 196 -11.28 -4.50 -12.73
C THR L 196 -9.88 -3.88 -12.72
N HIS L 197 -9.82 -2.55 -12.57
CA HIS L 197 -8.60 -1.76 -12.65
C HIS L 197 -8.59 -0.71 -11.53
N GLN L 198 -7.46 -0.02 -11.33
CA GLN L 198 -7.46 1.08 -10.35
C GLN L 198 -8.19 2.29 -10.87
N GLY L 199 -7.91 2.70 -12.12
CA GLY L 199 -8.48 3.94 -12.61
C GLY L 199 -9.99 3.92 -12.69
N LEU L 200 -10.58 2.75 -12.79
CA LEU L 200 -12.02 2.58 -12.86
C LEU L 200 -12.50 2.39 -11.43
N SER L 201 -13.50 3.18 -11.01
CA SER L 201 -13.99 3.02 -9.64
C SER L 201 -14.96 1.85 -9.55
N SER L 202 -15.80 1.69 -10.56
CA SER L 202 -16.68 0.56 -10.59
C SER L 202 -16.37 -0.26 -11.82
N PRO L 203 -16.43 -1.58 -11.74
CA PRO L 203 -16.08 -2.41 -12.91
C PRO L 203 -16.96 -2.02 -14.09
N VAL L 204 -16.32 -1.84 -15.25
CA VAL L 204 -17.02 -1.41 -16.45
C VAL L 204 -17.41 -2.65 -17.26
N THR L 205 -18.70 -2.97 -17.34
CA THR L 205 -19.07 -4.13 -18.19
C THR L 205 -19.81 -3.67 -19.45
N LYS L 206 -19.25 -2.69 -20.18
CA LYS L 206 -19.88 -2.29 -21.45
C LYS L 206 -19.99 -3.53 -22.32
N SER L 207 -21.13 -3.74 -22.99
CA SER L 207 -21.35 -4.99 -23.74
C SER L 207 -21.84 -4.71 -25.16
N PHE L 208 -22.11 -5.76 -25.92
CA PHE L 208 -22.68 -5.57 -27.28
C PHE L 208 -23.84 -6.55 -27.50
N ASN L 209 -24.84 -6.12 -28.28
CA ASN L 209 -25.99 -6.97 -28.59
C ASN L 209 -25.83 -7.56 -29.98
N ARG L 210 -26.21 -8.83 -30.12
CA ARG L 210 -26.05 -9.50 -31.39
C ARG L 210 -26.82 -8.75 -32.46
N GLY L 211 -26.12 -8.26 -33.48
CA GLY L 211 -26.74 -7.43 -34.49
C GLY L 211 -26.32 -5.99 -34.33
N GLU L 212 -26.11 -5.56 -33.09
CA GLU L 212 -25.67 -4.20 -32.81
C GLU L 212 -24.16 -4.06 -32.82
#